data_8DTB
#
_entry.id   8DTB
#
_cell.length_a   1.00
_cell.length_b   1.00
_cell.length_c   1.00
_cell.angle_alpha   90.00
_cell.angle_beta   90.00
_cell.angle_gamma   90.00
#
_symmetry.space_group_name_H-M   'P 1'
#
loop_
_entity.id
_entity.type
_entity.pdbx_description
1 polymer Imperacalcin
2 polymer 'Ryanodine receptor 1'
3 non-polymer "ADENOSINE-5'-TRIPHOSPHATE"
4 non-polymer CAFFEINE
#
loop_
_entity_poly.entity_id
_entity_poly.type
_entity_poly.pdbx_seq_one_letter_code
_entity_poly.pdbx_strand_id
1 'polypeptide(L)' GDCLPHLKRCKADNDCCGKKCKRRGTNAEKRCR B
2 'polypeptide(L)'
;MGDGGEGEDEVQFLRTDDEVVLQCSATVLKEQLKLCLAAEGFGNRLCFLEPTSNAQNVPPDLAICCFTLEQSLSVRALQE
MLANTVEAGVESSQGGGHRTLLYGHAILLRHAHSRMYLSCLTTSRSMTDKLAFDVGLQEDATGEACWWTMHPASKQRSEG
EKVRVGDDLILVSVSSERYLHLSTASGELQVDASFMQTLWNMNPICSCCEEGYVTGGHVLRLFHGHMDECLTISAADSDD
QRRLVYYEGGAVCTHARSLWRLEPLRISWSGSHLRWGQPLRIRHVTTGRYLALTEDQGLVVVDACKAHTKATSFCFRVSK
EKLDTAPKRDVEGMGPPEIKYGESLCFVQHVASGLWLTYAAPDPKALRLGVLKKKAILHQEGHMDDALFLTRCQQEESQA
ARMIHSTAGLYNQFIKGLDSFSGKPRGSGPPAGPALPIEAVILSLQDLIGYFEPPSEELQHEEKQSKLRSLRNRQSLFQE
EGMLSLVLNCIDRLNVYTTAAHFAEYAGEEAAESWKEIVNLLYELLASLIRGNRANCALFSTNLDWVVSKLDRLEASSGI
LEVLYCVLIESPEVLNIIQENHIKSIISLLDKHGRNHKVLDVLCSLCVCNGVAVRSNQDLITENLLPGRELLLQTNLINY
VTSIRPNIFVGRAEGSTQYGKWYFEVMVDEVVPFLTAQATHLRVGWALTEGYSPYPGGGEGWGGNGVGDDLYSYGFDGLH
LWTGHVARPVTSPGQHLLAPEDVVSCCLDLSVPSISFRINGCPVQGVFEAFNLDGLFFPVVSFSAGVKVRFLLGGRHGEF
KFLPPPGYAPCHEAVLPRERLRLEPIKEYRREGPRGPHLVGPSRCLSHTDFVPCPVDTVQIVLPPHLERIREKLAENIHE
LWALTRIEQGWTYGPVRDDNKRLHPCLVNFHSLPEPERNYNLQMSGETLKTLLALGCHVGMADEKAEDNLKKTKLPKTYM
MSNGYKPAPLDLSHVRLTPAQTTLVDRLAENGHNVWARDRVAQGWSYSAVQDIPARRNPRLVPYRLLDEATKRSNRDSLC
QAVRTLLGYGYNIEPPDQEPSQVENQSRWDRVRIFRAEKSYTVQSGRWYFEFEAVTTGEMRVGWARPELRPDVELGADEL
AYVFNGHRGQRWHLGSEPFGRPWQSGDVVGCMIDLTENTIIFTLNGEVLMSDSGSETAFREIEIGDGFLPVCSLGPGQVG
HLNLGQDVSSLRFFAICGLQEGFEPFAINMQRPVTTWFSKSLPQFEPVPPEHPHYEVARMDGTVDTPPCLRLAHRTWGSQ
NSLVEMLFLRLSLPVQFHQHFRCTAGATPLAPPGLQPPAEDEARAAEPDPDYENLRRSAGGWGEAEGGKEGTAKEGTPGG
TPQPGVEAQPVRAENEKDATTEKNKKRGFLFKAKKAAMMTQPPATPALPRLPHDVVPADNRDDPEIILNTTTYYYSVRVF
AGQEPSCVWVGWVTPDYHQHDMNFDLSKVRAVTVTMGDEQGNVHSSLKCSNCYMVWGGDFVSPGQQGRISHTDLVIGCLV
DLATGLMTFTANGKESNTFFQVEPNTKLFPAVFVLPTHQNVIQFELGKQKNIMPLSAAMFLSERKNPAPQCPPRLEVQML
MPVSWSRMPNHFLQVETRRAGERLGWAVQCQDPLTMMALHIPEENRCMDILELSERLDLQRFHSHTLRLYRAVCALGNNR
VAHALCSHVDQAQLLHALEDAHLPGPLRAGYYDLLISIHLESACRSRRSMLSEYIVPLTPETRAITLFPPGRKGGNARRH
GLPGVGVTTSLRPPHHFSPPCFVAALPAAGVAEAPARLSPAIPLEALRDKALRMLGEAVRDGGQHARDPVGGSVEFQFVP
VLKLVSTLLVMGIFGDEDVKQILKMIEPEVFTEEEEEEEEEEEEEEEEEEDEEEKEEDEEEEEKEDAEKEEEEAPEGEKE
DLEEGLLQMKLPESVKLQMCNLLEYFCDQELQHRVESLAAFAERYVDKLQANQRSRYALLMRAFTMSAAETARRTREFRS
PPQEQINMLLHFKDEADEEDCPLPEDIRQDLQDFHQDLLAHCGIQLEGEEEEPEEETSLSSRLRSLLETVRLVKKKEEKP
EEELPAEEKKPQSLQELVSHMVVRWAQEDYVQSPELVRAMFSLLHRQYDGLGELLRALPRAYTISPSSVEDTMSLLECLG
QIRSLLIVQMGPQEENLMIQSIGNIMNNKVFYQHPNLMRALGMHETVMEVMVNVLGGGETKEIRFPKMVTSCCRFLCYFC
RISRQNQRSMFDHLSYLLENSGIGLGMQGSTPLDVAAASVIDNNELALALQEQDLEKVVSYLAGCGLQSCPMLLAKGYPD
IGWNPCGGERYLDFLRFAVFVNGESVEENANVVVRLLIRKPECFGPALRGEGGSGLLAAIEEAIRISEDPARDGPGVRRD
RRREHFGEEPPEENRVHLGHAIMSFYAALIDLLGRCAPEMHLIQAGKGEALRIRAILRSLVPLDDLVGIISLPLQIPTLG
KDGALVQPKMSASFVPDHKASMVLFLDRVYGIENQDFLLHVLDVGFLPDMRAAASLDTATFSTTEMALALNRYLCLAVLP
LITKCAPLFAGTEHRAIMVDSMLHTVYRLSRGRSLTKAQRDVIEDCLMALCRYIRPSMLQHLLRRLVFDVPILNEFAKMP
LKLLTNHYERCWKYYCLPTGWANFGVTSEEELHLTRKLFWGIFDSLAHKKYDQELYRMAMPCLCAIAGALPPDYVDASYS
SKAEKKATVDAEGNFDPRPVETLNVIIPEKLDSFINKFAEYTHEKWAFDKIQNNWSYGENVDEELKTHPMLRPYKTFSEK
DKEIYRWPIKESLKAMIAWEWTIEKAREGEEERTEKKKTRKISQTAQTYDPREGYNPQPPDLSGVTLSRELQAMAEQLAE
NYHNTWGRKKKQELEAKGGGTHPLLVPYDTLTAKEKARDREKAQELLKFLQMNGYAVTRGLKDMELDTSSIEKRFAFGFL
QQLLRWMDISQEFIAHLEAVVSSGRVEKSPHEQEIKFFAKILLPLINQYFTNHCLYFLSTPAKVLGSGGHASNKEKEMIT
SLFCKLAALVRHRVSLFGTDAPAVVNCLHILARSLDARTVMKSGPEIVKAGLRSFFESASEDIEKMVENLRLGKVSQART
QVKGVGQNLTYTTVALLPVLTTLFQHIAQHQFGDDVILDDVQVSCYRTLCSIYSLGTTKNTYVEKLRPALGECLARLAAA
MPVAFLEPQLNEYNACSVYTTKSPRERAILGLPNSVEEMCPDIPVLDRLMADIGGLAESGARYTEMPHVIEITLPMLCSY
LPRWWERGPEAPPPALPAGAPPPCTAVTSDHLNSLLGNILRIIVNNLGIDEATWMKRLAVFAQPIVSRARPELLHSHFIP
TIGRLRKRAGKVVAEEEQLRLEAKAEAEEGELLVRDEFSVLCRDLYALYPLLIRYVDNNRAHWLTEPNANAEELFRMVGE
IFIYWSKSHNFKREEQNFVVQNEINNMSFLTADSKSKMAKAGDAQSGGSDQERTKKKRRGDRYSVQTSLIVATLKKMLPI
GLNMCAPTDQDLIMLAKTRYALKDTDEEVREFLQNNLHLQGKVEGSPSLRWQMALYRGLPGREEDADDPEKIVRRVQEVS
AVLYHLEQTEHPYKSKKAVWHKLLSKQRRRAVVACFRMTPLYNLPTHRACNMFLESYKAAWILTEDHSFEDRMIDDLSKA
GEQEEEEEEVEEKKPDPLHQLVLHFSRTALTEKSKLDEDYLYMAYADIMAKSCHLEEGGENGEAEEEEVEVSFEEKEMEK
QRLLYQQSRLHTRGAAEMVLQMISACKGETGAMVSSTLKLGISILNGGNAEVQQKMLDYLKDKKEVGFFQSIQALMQTCS
VLDLNAFERQNKAEGLGMVNEDGTVINRQNGEKVMADDEFTQDLFRFLQLLCEGHNNDFQNYLRTQTGNTTTINIIICTV
DYLLRLQESISDFYWYYSGKDVIEEQGKRNFSKAMSVAKQVFNSLTEYIQGPCTGNQQSLAHSRLWDAVVGFLHVFAHMM
MKLAQDSSQIELLKELLDLQKDMVVMLLSLLEGNVVNGMIARQMVDMLVESSSNVEMILKFFDMFLKLKDIVGSEAFQDY
VTDPRGLISKKDFQKAMDSQKQFTGPEIQFLLSCSEADENEMINFEEFANRFQEPARDIGFNVAVLLTNLSEHVPHDPRL
RNFLELAESILEYFRPYLGRIEIMGASRRIERIYFEISETNRAQWEMPQVKESKRQFIFDVVNEGGEAEKMELFVSFCED
TIFEMQIAAQISEPEGEPEADEDEGMGEAAAEGAEEGAAGAEGAAGTVAAGATARLAAAAARALRGLSYRSLRRRVRRLR
RLTAREAATALAALLWAVVARAGAAGAGAAAGALRLLWGSLFGGGLVEGAKKVTVTELLAGMPDPTSDEVHGEQPAGPGG
DADGAGEGEGEGDAAEGDGDEEVAGHEAGPGGAEGVVAVADGGPFRPEGAGGLGDMGDTTPAEPPTPEGSPILKRKLGVD
GEEEELVPEPEPEPEPEPEKADEENGEKEEVPEAPPEPPKKAPPSPPAKKEEAGGAGMEFWGELEVQRVKFLNYLSRNFY
TLRFLALFLAFAINFILLFYKVSDSPPGEDDMEGSAAGDLAGAGSGGGSGWGSGAGEEAEGDEDENMVYYFLEESTGYME
PALWCLSLLHTLVAFLCIIGYNCLKVPLVIFKREKELARKLEFDGLYITEQPGDDDVKGQWDRLVLNTPSFPSNYWDKFV
KRKVLDKHGDIFGRERIAELLGMDLASLEITAHNERKPDPPPGLLTWLMSIDVKYQIWKFGVIFTDNSFLYLGWYMVMSL
LGHYNNFFFAAHLLDIAMGVKTLRTILSSVTHNGKQLVMTVGLLAVVVYLYTVVAFNFFRKFYNKSEDEDEPDMKCDDMM
TCYLFHMYVGVRAGGGIGDEIEDPAGDEYELYRVVFDITFFFFVIVILLAIIQGLIIDAFGELRDQQEQVKEDMETKCFI
CGIGSDYFDTTPHGFETHTLEEHNLANYMFFLMYLINKDETEHTGQESYVWKMYQERCWDFFPAGDCFRKQYEDQLS
;
G,A,D,J
#
# COMPACT_ATOMS: atom_id res chain seq x y z
N GLY A 1 19.01 21.17 -11.30
CA GLY A 1 19.52 20.06 -12.07
C GLY A 1 19.29 18.71 -11.43
N ASP A 2 20.10 18.39 -10.41
CA ASP A 2 19.94 17.13 -9.71
C ASP A 2 18.60 17.06 -8.97
N CYS A 3 18.20 18.16 -8.34
CA CYS A 3 16.92 18.21 -7.67
C CYS A 3 15.78 18.14 -8.68
N LEU A 4 14.69 17.49 -8.31
CA LEU A 4 13.56 17.27 -9.19
C LEU A 4 12.28 17.74 -8.51
N PRO A 5 11.27 18.11 -9.28
CA PRO A 5 9.99 18.50 -8.70
C PRO A 5 9.37 17.38 -7.87
N HIS A 6 8.29 17.73 -7.15
CA HIS A 6 7.68 16.80 -6.23
C HIS A 6 7.10 15.59 -6.96
N LEU A 7 6.16 15.81 -7.87
CA LEU A 7 5.45 14.72 -8.53
C LEU A 7 5.99 14.43 -9.92
N LYS A 8 7.14 15.00 -10.28
CA LYS A 8 7.76 14.68 -11.55
C LYS A 8 8.45 13.32 -11.46
N ARG A 9 8.39 12.58 -12.57
CA ARG A 9 8.89 11.21 -12.63
C ARG A 9 10.37 11.17 -12.29
N CYS A 10 10.74 10.26 -11.39
CA CYS A 10 12.14 10.08 -11.02
C CYS A 10 12.64 8.73 -11.55
N LYS A 11 13.89 8.40 -11.22
CA LYS A 11 14.50 7.18 -11.74
C LYS A 11 14.99 6.27 -10.63
N ALA A 12 15.49 6.85 -9.54
CA ALA A 12 16.04 6.07 -8.44
C ALA A 12 15.89 6.86 -7.15
N ASP A 13 16.20 6.21 -6.03
CA ASP A 13 16.11 6.85 -4.74
C ASP A 13 17.03 8.06 -4.67
N ASN A 14 16.60 9.07 -3.92
CA ASN A 14 17.27 10.38 -3.86
C ASN A 14 17.27 10.96 -5.28
N ASP A 15 18.33 11.66 -5.67
CA ASP A 15 18.42 12.31 -6.97
C ASP A 15 17.19 13.19 -7.18
N CYS A 16 16.88 14.01 -6.18
CA CYS A 16 15.79 14.99 -6.20
C CYS A 16 15.78 15.70 -4.85
N CYS A 17 14.91 16.70 -4.72
CA CYS A 17 14.74 17.39 -3.46
C CYS A 17 13.94 16.57 -2.45
N GLY A 18 12.96 15.80 -2.91
CA GLY A 18 12.20 14.95 -2.02
C GLY A 18 13.02 13.83 -1.40
N LYS A 19 13.99 13.30 -2.16
CA LYS A 19 14.97 12.33 -1.69
C LYS A 19 14.35 10.94 -1.50
N LYS A 20 13.03 10.83 -1.61
CA LYS A 20 12.32 9.57 -1.41
C LYS A 20 11.52 9.24 -2.67
N CYS A 21 12.04 8.35 -3.51
CA CYS A 21 11.39 8.05 -4.81
C CYS A 21 10.55 6.78 -4.73
N LYS A 22 9.50 6.79 -3.92
CA LYS A 22 8.71 5.57 -3.71
C LYS A 22 7.71 5.41 -4.84
N ARG A 23 7.28 4.17 -5.09
CA ARG A 23 6.28 3.89 -6.14
C ARG A 23 4.98 3.48 -5.46
N ARG A 24 3.83 3.84 -6.03
CA ARG A 24 2.53 3.41 -5.46
C ARG A 24 2.25 1.97 -5.90
N GLY A 25 2.43 1.00 -5.00
CA GLY A 25 2.07 -0.39 -5.34
C GLY A 25 2.75 -0.97 -6.54
N THR A 26 1.95 -1.50 -7.46
CA THR A 26 2.47 -2.21 -8.66
C THR A 26 2.77 -1.19 -9.74
N ASN A 27 2.48 0.09 -9.49
CA ASN A 27 2.73 1.15 -10.48
C ASN A 27 4.19 1.13 -10.90
N ALA A 28 4.48 1.20 -12.20
CA ALA A 28 5.89 1.31 -12.64
C ALA A 28 6.40 2.72 -12.36
N GLU A 29 5.56 3.74 -12.57
CA GLU A 29 5.99 5.14 -12.44
C GLU A 29 6.52 5.40 -11.04
N LYS A 30 7.66 6.06 -10.95
CA LYS A 30 8.22 6.41 -9.63
C LYS A 30 8.41 7.91 -9.61
N ARG A 31 8.03 8.52 -8.52
CA ARG A 31 8.08 9.96 -8.31
C ARG A 31 8.56 10.24 -6.90
N CYS A 32 8.95 11.50 -6.71
CA CYS A 32 9.45 11.93 -5.37
C CYS A 32 8.18 12.17 -4.57
N ARG A 33 7.68 11.10 -3.98
CA ARG A 33 6.45 11.18 -3.17
C ARG A 33 6.78 11.83 -1.84
N PRO B 4208 38.16 -10.68 8.92
CA PRO B 4208 36.88 -11.13 9.48
C PRO B 4208 36.19 -10.06 10.33
N GLN B 4209 36.68 -9.86 11.55
CA GLN B 4209 36.08 -8.86 12.43
C GLN B 4209 36.26 -7.45 11.87
N VAL B 4210 37.42 -7.17 11.26
CA VAL B 4210 37.70 -5.82 10.80
C VAL B 4210 36.79 -5.44 9.63
N LYS B 4211 36.46 -6.40 8.76
CA LYS B 4211 35.55 -6.11 7.66
C LYS B 4211 34.15 -5.77 8.17
N GLU B 4212 33.66 -6.54 9.15
CA GLU B 4212 32.36 -6.25 9.73
C GLU B 4212 32.35 -4.91 10.42
N SER B 4213 33.43 -4.58 11.14
CA SER B 4213 33.53 -3.29 11.80
C SER B 4213 33.52 -2.15 10.78
N LYS B 4214 34.23 -2.33 9.67
CA LYS B 4214 34.24 -1.31 8.63
C LYS B 4214 32.86 -1.12 8.03
N ARG B 4215 32.17 -2.22 7.73
CA ARG B 4215 30.82 -2.12 7.16
C ARG B 4215 29.88 -1.43 8.14
N GLN B 4216 29.98 -1.76 9.42
CA GLN B 4216 29.17 -1.09 10.44
C GLN B 4216 29.47 0.40 10.50
N PHE B 4217 30.75 0.76 10.40
CA PHE B 4217 31.13 2.17 10.43
C PHE B 4217 30.49 2.91 9.25
N ILE B 4218 30.60 2.35 8.04
CA ILE B 4218 30.02 3.01 6.87
C ILE B 4218 28.52 3.15 7.01
N PHE B 4219 27.85 2.08 7.47
CA PHE B 4219 26.41 2.16 7.69
C PHE B 4219 26.07 3.28 8.66
N ASP B 4220 26.81 3.36 9.77
CA ASP B 4220 26.53 4.37 10.78
C ASP B 4220 26.73 5.78 10.24
N VAL B 4221 27.84 6.03 9.53
CA VAL B 4221 28.12 7.39 9.10
C VAL B 4221 27.17 7.82 7.99
N VAL B 4222 26.94 6.96 6.99
CA VAL B 4222 26.10 7.35 5.87
C VAL B 4222 24.64 7.46 6.30
N ASN B 4223 24.18 6.54 7.16
CA ASN B 4223 22.81 6.61 7.64
C ASN B 4223 22.58 7.87 8.48
N GLU B 4224 23.55 8.23 9.32
CA GLU B 4224 23.42 9.43 10.14
C GLU B 4224 23.40 10.69 9.30
N GLY B 4225 24.22 10.75 8.25
CA GLY B 4225 24.28 11.91 7.38
C GLY B 4225 25.26 12.97 7.79
N GLY B 4226 25.95 12.81 8.92
CA GLY B 4226 26.94 13.77 9.36
C GLY B 4226 28.09 13.94 8.39
N GLU B 4227 28.43 15.18 8.07
CA GLU B 4227 29.50 15.50 7.14
C GLU B 4227 30.68 16.20 7.78
N ALA B 4228 30.42 17.14 8.69
CA ALA B 4228 31.51 17.85 9.35
C ALA B 4228 32.34 16.92 10.23
N GLU B 4229 31.68 15.99 10.91
CA GLU B 4229 32.33 15.06 11.82
C GLU B 4229 32.80 13.78 11.12
N LYS B 4230 32.77 13.75 9.78
CA LYS B 4230 33.19 12.56 9.06
C LYS B 4230 34.66 12.25 9.31
N MET B 4231 35.51 13.28 9.27
CA MET B 4231 36.94 13.08 9.50
C MET B 4231 37.21 12.57 10.91
N GLU B 4232 36.54 13.16 11.91
CA GLU B 4232 36.72 12.71 13.28
C GLU B 4232 36.28 11.26 13.44
N LEU B 4233 35.17 10.89 12.82
CA LEU B 4233 34.72 9.49 12.87
C LEU B 4233 35.74 8.58 12.20
N PHE B 4234 36.34 9.03 11.09
CA PHE B 4234 37.35 8.22 10.41
C PHE B 4234 38.56 7.99 11.30
N VAL B 4235 39.04 9.04 11.97
CA VAL B 4235 40.19 8.89 12.86
C VAL B 4235 39.84 7.97 14.03
N SER B 4236 38.62 8.13 14.58
CA SER B 4236 38.20 7.27 15.68
C SER B 4236 38.17 5.80 15.25
N PHE B 4237 37.63 5.53 14.06
CA PHE B 4237 37.66 4.17 13.55
C PHE B 4237 39.09 3.69 13.34
N CYS B 4238 39.97 4.59 12.91
CA CYS B 4238 41.37 4.20 12.71
C CYS B 4238 42.00 3.73 14.02
N GLU B 4239 41.82 4.49 15.10
CA GLU B 4239 42.42 4.09 16.38
C GLU B 4239 41.75 2.82 16.92
N ASP B 4240 40.42 2.70 16.75
CA ASP B 4240 39.75 1.47 17.14
C ASP B 4240 40.29 0.29 16.35
N THR B 4241 40.58 0.50 15.07
CA THR B 4241 41.12 -0.56 14.22
C THR B 4241 42.51 -0.98 14.68
N ILE B 4242 43.36 -0.01 15.03
CA ILE B 4242 44.68 -0.36 15.57
C ILE B 4242 44.52 -1.16 16.86
N PHE B 4243 43.57 -0.78 17.70
CA PHE B 4243 43.32 -1.54 18.93
C PHE B 4243 42.87 -2.96 18.60
N GLU B 4244 42.01 -3.12 17.60
CA GLU B 4244 41.56 -4.45 17.22
C GLU B 4244 42.70 -5.30 16.70
N MET B 4245 43.58 -4.74 15.86
CA MET B 4245 44.74 -5.50 15.41
C MET B 4245 45.67 -5.88 16.55
N GLN B 4246 45.90 -4.97 17.50
CA GLN B 4246 46.81 -5.32 18.59
C GLN B 4246 46.22 -6.42 19.46
N ILE B 4247 44.92 -6.37 19.75
CA ILE B 4247 44.33 -7.42 20.56
C ILE B 4247 44.26 -8.74 19.78
N ALA B 4248 44.03 -8.67 18.47
CA ALA B 4248 44.02 -9.88 17.66
C ALA B 4248 45.39 -10.53 17.62
N ALA B 4249 46.45 -9.72 17.49
CA ALA B 4249 47.81 -10.25 17.53
C ALA B 4249 48.12 -10.84 18.90
N GLN B 4250 47.60 -10.21 19.97
CA GLN B 4250 47.77 -10.78 21.30
C GLN B 4250 47.11 -12.15 21.41
N ILE B 4251 45.90 -12.29 20.85
CA ILE B 4251 45.17 -13.56 20.94
C ILE B 4251 45.50 -14.51 19.80
N SER B 4252 46.27 -14.08 18.81
CA SER B 4252 46.62 -14.95 17.70
C SER B 4252 47.62 -16.02 18.14
N GLU B 4253 47.61 -17.13 17.42
CA GLU B 4253 48.53 -18.23 17.71
C GLU B 4253 49.94 -17.93 17.21
N THR B 4323 3.22 -39.21 6.62
CA THR B 4323 3.46 -38.95 8.03
C THR B 4323 4.06 -37.57 8.23
N ALA B 4324 3.84 -37.00 9.42
CA ALA B 4324 4.35 -35.67 9.72
C ALA B 4324 5.84 -35.66 10.03
N ARG B 4325 6.42 -36.82 10.37
CA ARG B 4325 7.83 -36.87 10.73
C ARG B 4325 8.72 -36.48 9.56
N GLU B 4326 8.50 -37.10 8.39
CA GLU B 4326 9.33 -36.82 7.23
C GLU B 4326 9.18 -35.38 6.76
N ALA B 4327 7.93 -34.88 6.71
CA ALA B 4327 7.71 -33.50 6.28
C ALA B 4327 8.34 -32.51 7.24
N ALA B 4328 8.21 -32.76 8.55
CA ALA B 4328 8.83 -31.89 9.54
C ALA B 4328 10.35 -31.90 9.41
N THR B 4329 10.93 -33.08 9.20
CA THR B 4329 12.37 -33.17 9.05
C THR B 4329 12.84 -32.41 7.81
N ALA B 4330 12.13 -32.58 6.69
CA ALA B 4330 12.50 -31.87 5.48
C ALA B 4330 12.39 -30.36 5.64
N LEU B 4331 11.30 -29.89 6.25
CA LEU B 4331 11.12 -28.46 6.43
C LEU B 4331 12.17 -27.89 7.37
N ALA B 4332 12.49 -28.61 8.46
CA ALA B 4332 13.52 -28.15 9.38
C ALA B 4332 14.90 -28.12 8.71
N ALA B 4333 15.19 -29.13 7.88
CA ALA B 4333 16.46 -29.14 7.16
C ALA B 4333 16.55 -27.97 6.20
N LEU B 4334 15.47 -27.67 5.47
CA LEU B 4334 15.47 -26.53 4.56
C LEU B 4334 15.65 -25.22 5.32
N LEU B 4335 14.95 -25.06 6.45
CA LEU B 4335 15.09 -23.86 7.24
C LEU B 4335 16.51 -23.70 7.77
N TRP B 4336 17.10 -24.79 8.27
CA TRP B 4336 18.47 -24.72 8.77
C TRP B 4336 19.45 -24.39 7.66
N ALA B 4337 19.24 -24.96 6.46
CA ALA B 4337 20.11 -24.66 5.34
C ALA B 4337 20.01 -23.19 4.95
N VAL B 4338 18.80 -22.64 4.91
CA VAL B 4338 18.66 -21.24 4.52
C VAL B 4338 19.20 -20.31 5.59
N VAL B 4339 19.10 -20.70 6.87
CA VAL B 4339 19.65 -19.85 7.93
C VAL B 4339 21.18 -19.92 7.91
N ALA B 4340 21.74 -21.07 7.54
CA ALA B 4340 23.19 -21.19 7.43
C ALA B 4340 23.72 -20.41 6.23
N ARG B 4341 22.95 -20.39 5.13
CA ARG B 4341 23.40 -19.69 3.93
C ARG B 4341 23.55 -18.19 4.19
N ALA B 4342 22.59 -17.59 4.89
CA ALA B 4342 22.59 -16.15 5.17
C ALA B 4342 22.46 -15.95 6.67
N GLY B 4343 23.44 -15.29 7.26
CA GLY B 4343 23.44 -15.00 8.68
C GLY B 4343 24.35 -15.86 9.52
N ALA B 4344 25.19 -16.70 8.90
CA ALA B 4344 26.09 -17.58 9.64
C ALA B 4344 27.50 -17.43 9.10
N ALA B 4345 28.48 -17.54 9.99
CA ALA B 4345 29.89 -17.42 9.62
C ALA B 4345 30.75 -18.36 10.45
N TRP B 4541 52.81 -24.30 40.37
CA TRP B 4541 51.84 -24.40 39.29
C TRP B 4541 52.28 -23.57 38.09
N GLY B 4542 53.56 -23.69 37.72
CA GLY B 4542 54.06 -22.97 36.57
C GLY B 4542 53.44 -23.43 35.26
N GLU B 4543 53.16 -24.73 35.16
CA GLU B 4543 52.59 -25.28 33.93
C GLU B 4543 51.15 -24.84 33.71
N LEU B 4544 50.47 -24.34 34.75
CA LEU B 4544 49.10 -23.88 34.60
C LEU B 4544 49.02 -22.51 33.94
N GLU B 4545 50.09 -21.71 34.01
CA GLU B 4545 50.05 -20.36 33.44
C GLU B 4545 49.89 -20.41 31.93
N VAL B 4546 50.60 -21.31 31.25
CA VAL B 4546 50.48 -21.40 29.80
C VAL B 4546 49.13 -21.96 29.42
N GLN B 4547 48.62 -22.94 30.17
CA GLN B 4547 47.32 -23.51 29.88
C GLN B 4547 46.19 -22.50 30.04
N ARG B 4548 46.28 -21.64 31.06
CA ARG B 4548 45.23 -20.65 31.30
C ARG B 4548 45.09 -19.69 30.13
N VAL B 4549 46.21 -19.23 29.57
CA VAL B 4549 46.14 -18.32 28.42
C VAL B 4549 45.85 -19.08 27.12
N LYS B 4550 46.30 -20.34 27.00
CA LYS B 4550 45.97 -21.12 25.81
C LYS B 4550 44.48 -21.37 25.70
N PHE B 4551 43.83 -21.68 26.82
CA PHE B 4551 42.38 -21.86 26.81
C PHE B 4551 41.68 -20.60 26.34
N LEU B 4552 42.08 -19.45 26.89
CA LEU B 4552 41.46 -18.18 26.50
C LEU B 4552 41.69 -17.87 25.03
N ASN B 4553 42.91 -18.12 24.53
CA ASN B 4553 43.22 -17.84 23.13
C ASN B 4553 42.39 -18.73 22.20
N TYR B 4554 42.35 -20.04 22.48
CA TYR B 4554 41.58 -20.94 21.64
C TYR B 4554 40.08 -20.65 21.70
N LEU B 4555 39.59 -20.21 22.86
CA LEU B 4555 38.17 -19.88 22.98
C LEU B 4555 37.84 -18.59 22.25
N SER B 4556 38.72 -17.60 22.33
CA SER B 4556 38.48 -16.32 21.67
C SER B 4556 38.68 -16.39 20.16
N ARG B 4557 39.45 -17.37 19.69
CA ARG B 4557 39.72 -17.46 18.26
C ARG B 4557 38.46 -17.81 17.46
N ASN B 4558 37.58 -18.62 18.03
CA ASN B 4558 36.43 -19.16 17.31
C ASN B 4558 35.11 -18.76 17.98
N PHE B 4559 34.97 -17.48 18.32
CA PHE B 4559 33.73 -17.02 18.94
C PHE B 4559 32.53 -17.18 18.01
N TYR B 4560 32.70 -16.84 16.73
CA TYR B 4560 31.63 -17.02 15.77
C TYR B 4560 31.31 -18.49 15.55
N THR B 4561 32.32 -19.36 15.58
CA THR B 4561 32.06 -20.80 15.52
C THR B 4561 31.25 -21.25 16.73
N LEU B 4562 31.55 -20.70 17.91
CA LEU B 4562 30.76 -21.02 19.09
C LEU B 4562 29.31 -20.56 18.95
N ARG B 4563 29.11 -19.37 18.37
CA ARG B 4563 27.74 -18.90 18.14
C ARG B 4563 27.00 -19.79 17.15
N PHE B 4564 27.70 -20.23 16.09
CA PHE B 4564 27.09 -21.16 15.13
C PHE B 4564 26.72 -22.47 15.81
N LEU B 4565 27.60 -22.98 16.66
CA LEU B 4565 27.31 -24.22 17.39
C LEU B 4565 26.12 -24.03 18.33
N ALA B 4566 26.03 -22.87 18.97
CA ALA B 4566 24.89 -22.59 19.84
C ALA B 4566 23.59 -22.57 19.04
N LEU B 4567 23.60 -21.94 17.86
CA LEU B 4567 22.41 -21.90 17.04
C LEU B 4567 22.00 -23.30 16.59
N PHE B 4568 22.98 -24.11 16.17
CA PHE B 4568 22.67 -25.49 15.79
C PHE B 4568 22.11 -26.29 16.96
N LEU B 4569 22.68 -26.09 18.15
CA LEU B 4569 22.24 -26.82 19.33
C LEU B 4569 20.80 -26.45 19.67
N ALA B 4570 20.48 -25.16 19.61
CA ALA B 4570 19.12 -24.70 19.89
C ALA B 4570 18.14 -25.24 18.84
N PHE B 4571 18.55 -25.25 17.57
CA PHE B 4571 17.69 -25.78 16.52
C PHE B 4571 17.39 -27.26 16.75
N ALA B 4572 18.43 -28.04 17.09
CA ALA B 4572 18.22 -29.46 17.37
C ALA B 4572 17.32 -29.66 18.59
N ILE B 4573 17.53 -28.86 19.65
CA ILE B 4573 16.71 -28.99 20.84
C ILE B 4573 15.24 -28.69 20.52
N ASN B 4574 14.99 -27.64 19.74
CA ASN B 4574 13.61 -27.32 19.37
C ASN B 4574 13.00 -28.40 18.48
N PHE B 4575 13.79 -28.94 17.55
CA PHE B 4575 13.28 -30.01 16.70
C PHE B 4575 12.88 -31.22 17.52
N ILE B 4576 13.69 -31.60 18.52
CA ILE B 4576 13.29 -32.68 19.43
C ILE B 4576 12.09 -32.32 20.28
N LEU B 4577 12.02 -31.08 20.78
CA LEU B 4577 10.87 -30.63 21.55
C LEU B 4577 9.58 -30.63 20.76
N LEU B 4578 9.66 -30.57 19.43
CA LEU B 4578 8.49 -30.64 18.57
C LEU B 4578 7.76 -31.97 18.62
N PHE B 4579 8.22 -32.93 19.43
CA PHE B 4579 7.59 -34.25 19.53
C PHE B 4579 7.16 -34.56 20.96
N TYR B 4580 6.48 -33.63 21.62
CA TYR B 4580 6.04 -33.83 22.99
C TYR B 4580 4.56 -34.24 23.03
N LYS B 4581 4.18 -34.87 24.14
CA LYS B 4581 2.82 -35.33 24.37
C LYS B 4581 2.48 -35.18 25.85
N VAL B 4582 1.17 -35.18 26.12
CA VAL B 4582 0.66 -35.20 27.49
C VAL B 4582 -0.36 -36.32 27.61
N SER B 4583 -0.52 -36.83 28.83
CA SER B 4583 -1.50 -37.87 29.11
C SER B 4583 -1.71 -37.94 30.61
N ASP B 4584 -2.91 -38.40 31.00
CA ASP B 4584 -3.23 -38.54 32.42
C ASP B 4584 -2.48 -39.72 33.03
N SER B 4585 -2.46 -40.86 32.34
CA SER B 4585 -1.79 -42.04 32.85
C SER B 4585 -0.28 -41.91 32.75
N PRO B 4586 0.47 -42.47 33.70
CA PRO B 4586 1.93 -42.42 33.60
C PRO B 4586 2.41 -43.23 32.41
N PRO B 4587 3.54 -42.82 31.79
CA PRO B 4587 4.13 -43.52 30.64
C PRO B 4587 4.37 -45.01 30.91
N ASN B 4626 -1.45 -35.81 38.40
CA ASN B 4626 -1.99 -34.92 37.38
C ASN B 4626 -1.42 -35.24 36.00
N MET B 4627 -1.50 -34.28 35.09
CA MET B 4627 -0.97 -34.47 33.75
C MET B 4627 0.55 -34.54 33.78
N VAL B 4628 1.11 -35.47 33.02
CA VAL B 4628 2.56 -35.69 32.95
C VAL B 4628 2.99 -35.47 31.50
N TYR B 4629 4.14 -34.82 31.33
CA TYR B 4629 4.69 -34.59 30.00
C TYR B 4629 5.73 -35.64 29.70
N TYR B 4630 5.54 -36.37 28.59
CA TYR B 4630 6.44 -37.44 28.22
C TYR B 4630 6.77 -37.35 26.73
N PHE B 4631 7.86 -37.99 26.34
CA PHE B 4631 8.34 -37.98 24.97
C PHE B 4631 8.04 -39.31 24.29
N LEU B 4632 7.61 -39.25 23.04
CA LEU B 4632 7.30 -40.43 22.25
C LEU B 4632 8.05 -40.33 20.92
N GLU B 4633 8.34 -41.49 20.33
CA GLU B 4633 9.00 -41.56 19.03
C GLU B 4633 8.83 -42.95 18.45
N GLU B 4634 8.53 -43.03 17.16
CA GLU B 4634 8.51 -44.31 16.48
C GLU B 4634 9.93 -44.87 16.44
N SER B 4635 10.17 -45.89 17.27
CA SER B 4635 11.54 -46.34 17.60
C SER B 4635 12.29 -45.11 18.09
N THR B 4636 13.51 -44.86 17.63
CA THR B 4636 14.26 -43.64 17.96
C THR B 4636 14.30 -43.41 19.46
N GLY B 4637 14.72 -44.44 20.20
CA GLY B 4637 14.77 -44.34 21.64
C GLY B 4637 15.94 -43.56 22.19
N TYR B 4638 16.69 -42.98 21.26
CA TYR B 4638 17.94 -42.31 21.67
C TYR B 4638 17.77 -40.88 21.26
N MET B 4639 16.56 -40.40 21.28
CA MET B 4639 16.30 -38.98 21.07
C MET B 4639 16.08 -38.23 22.38
N GLU B 4640 15.43 -38.86 23.38
CA GLU B 4640 15.36 -38.24 24.71
C GLU B 4640 16.74 -38.11 25.35
N PRO B 4641 17.59 -39.14 25.37
CA PRO B 4641 18.98 -38.90 25.80
C PRO B 4641 19.70 -37.89 24.93
N ALA B 4642 19.35 -37.81 23.64
CA ALA B 4642 19.94 -36.81 22.78
C ALA B 4642 19.62 -35.40 23.29
N LEU B 4643 18.36 -35.16 23.66
CA LEU B 4643 18.00 -33.88 24.26
C LEU B 4643 18.70 -33.68 25.60
N TRP B 4644 18.82 -34.75 26.39
CA TRP B 4644 19.49 -34.63 27.69
C TRP B 4644 20.93 -34.16 27.52
N CYS B 4645 21.65 -34.72 26.56
CA CYS B 4645 23.00 -34.27 26.27
C CYS B 4645 23.03 -32.88 25.64
N LEU B 4646 22.09 -32.60 24.73
CA LEU B 4646 22.06 -31.32 24.03
C LEU B 4646 21.85 -30.15 24.98
N SER B 4647 21.05 -30.32 26.03
CA SER B 4647 20.89 -29.25 27.01
C SER B 4647 22.22 -28.92 27.70
N LEU B 4648 22.96 -29.96 28.09
CA LEU B 4648 24.26 -29.74 28.73
C LEU B 4648 25.24 -29.06 27.78
N LEU B 4649 25.27 -29.52 26.52
CA LEU B 4649 26.15 -28.87 25.56
C LEU B 4649 25.74 -27.43 25.29
N HIS B 4650 24.43 -27.15 25.28
CA HIS B 4650 23.98 -25.77 25.09
C HIS B 4650 24.41 -24.88 26.25
N THR B 4651 24.29 -25.37 27.48
CA THR B 4651 24.75 -24.59 28.63
C THR B 4651 26.25 -24.36 28.57
N LEU B 4652 27.02 -25.40 28.25
CA LEU B 4652 28.47 -25.26 28.15
C LEU B 4652 28.85 -24.26 27.06
N VAL B 4653 28.17 -24.33 25.92
CA VAL B 4653 28.47 -23.44 24.80
C VAL B 4653 28.05 -22.01 25.14
N ALA B 4654 26.99 -21.83 25.92
CA ALA B 4654 26.63 -20.49 26.37
C ALA B 4654 27.69 -19.91 27.29
N PHE B 4655 28.24 -20.74 28.19
CA PHE B 4655 29.35 -20.27 29.03
C PHE B 4655 30.56 -19.90 28.18
N LEU B 4656 30.86 -20.72 27.17
CA LEU B 4656 31.94 -20.40 26.25
C LEU B 4656 31.67 -19.10 25.51
N CYS B 4657 30.42 -18.87 25.11
CA CYS B 4657 30.06 -17.64 24.41
C CYS B 4657 30.26 -16.42 25.29
N ILE B 4658 29.88 -16.52 26.57
CA ILE B 4658 30.05 -15.38 27.47
C ILE B 4658 31.54 -15.12 27.70
N ILE B 4659 32.35 -16.18 27.81
CA ILE B 4659 33.79 -15.99 27.96
C ILE B 4659 34.39 -15.35 26.72
N GLY B 4660 33.97 -15.82 25.54
CA GLY B 4660 34.49 -15.28 24.30
C GLY B 4660 34.10 -13.83 24.09
N TYR B 4661 32.89 -13.46 24.50
CA TYR B 4661 32.52 -12.05 24.42
C TYR B 4661 33.29 -11.21 25.43
N ASN B 4662 33.55 -11.75 26.62
CA ASN B 4662 34.38 -11.04 27.59
C ASN B 4662 35.78 -10.81 27.03
N CYS B 4663 36.29 -11.74 26.24
CA CYS B 4663 37.63 -11.63 25.67
C CYS B 4663 37.68 -10.77 24.40
N LEU B 4664 36.62 -10.77 23.60
CA LEU B 4664 36.70 -10.11 22.29
C LEU B 4664 36.40 -8.61 22.40
N LYS B 4665 35.19 -8.26 22.82
CA LYS B 4665 34.69 -6.89 22.67
C LYS B 4665 34.74 -6.07 23.95
N VAL B 4666 34.69 -6.70 25.13
CA VAL B 4666 34.75 -5.94 26.38
C VAL B 4666 35.99 -5.04 26.45
N PRO B 4667 37.20 -5.51 26.12
CA PRO B 4667 38.34 -4.57 26.07
C PRO B 4667 38.13 -3.43 25.10
N LEU B 4668 37.51 -3.70 23.95
CA LEU B 4668 37.24 -2.63 22.99
C LEU B 4668 36.27 -1.60 23.56
N VAL B 4669 35.21 -2.06 24.23
CA VAL B 4669 34.23 -1.14 24.78
C VAL B 4669 34.85 -0.29 25.89
N ILE B 4670 35.62 -0.92 26.78
CA ILE B 4670 36.21 -0.14 27.87
C ILE B 4670 37.26 0.82 27.35
N PHE B 4671 38.03 0.41 26.33
CA PHE B 4671 39.01 1.31 25.72
C PHE B 4671 38.33 2.50 25.08
N LYS B 4672 37.22 2.26 24.36
CA LYS B 4672 36.48 3.37 23.75
C LYS B 4672 35.91 4.31 24.80
N ARG B 4673 35.36 3.75 25.89
CA ARG B 4673 34.82 4.58 26.96
C ARG B 4673 35.90 5.45 27.58
N GLU B 4674 37.06 4.87 27.88
CA GLU B 4674 38.18 5.65 28.41
C GLU B 4674 38.63 6.68 27.39
N LYS B 4675 38.53 6.36 26.10
CA LYS B 4675 38.94 7.29 25.05
C LYS B 4675 38.07 8.55 25.06
N GLU B 4676 36.74 8.36 25.05
CA GLU B 4676 35.89 9.56 25.06
C GLU B 4676 35.98 10.28 26.40
N LEU B 4677 36.21 9.55 27.49
CA LEU B 4677 36.41 10.19 28.79
C LEU B 4677 37.63 11.12 28.76
N ALA B 4678 38.75 10.61 28.25
CA ALA B 4678 39.96 11.43 28.17
C ALA B 4678 39.77 12.59 27.22
N ARG B 4679 39.10 12.37 26.09
CA ARG B 4679 38.87 13.44 25.13
C ARG B 4679 38.01 14.54 25.73
N LYS B 4680 36.97 14.17 26.48
CA LYS B 4680 36.12 15.18 27.12
C LYS B 4680 36.88 15.91 28.22
N LEU B 4681 37.73 15.19 28.97
CA LEU B 4681 38.51 15.83 30.02
C LEU B 4681 39.49 16.84 29.45
N GLU B 4682 40.12 16.50 28.33
CA GLU B 4682 41.17 17.37 27.80
C GLU B 4682 40.60 18.44 26.87
N PHE B 4683 39.94 18.03 25.79
CA PHE B 4683 39.46 18.98 24.80
C PHE B 4683 38.39 19.90 25.36
N ASP B 4684 37.44 19.34 26.13
CA ASP B 4684 36.32 20.13 26.63
C ASP B 4684 36.48 20.60 28.06
N GLY B 4685 37.31 19.93 28.86
CA GLY B 4685 37.39 20.27 30.27
C GLY B 4685 36.07 20.06 30.99
N LEU B 4686 35.44 18.92 30.76
CA LEU B 4686 34.08 18.71 31.24
C LEU B 4686 34.00 18.73 32.76
N TYR B 4687 34.85 17.95 33.43
CA TYR B 4687 34.69 17.73 34.86
C TYR B 4687 35.20 18.91 35.70
N ILE B 4688 36.27 19.56 35.25
CA ILE B 4688 36.91 20.56 36.10
C ILE B 4688 36.22 21.91 35.98
N THR B 4689 35.42 22.11 34.93
CA THR B 4689 34.69 23.37 34.75
C THR B 4689 33.19 23.25 35.01
N GLU B 4690 32.63 22.04 34.98
CA GLU B 4690 31.22 21.84 35.24
C GLU B 4690 31.00 20.39 35.65
N GLN B 4691 29.74 20.03 35.88
CA GLN B 4691 29.37 18.69 36.26
C GLN B 4691 28.29 18.18 35.32
N PRO B 4692 28.24 16.87 35.06
CA PRO B 4692 27.14 16.33 34.25
C PRO B 4692 25.77 16.69 34.77
N GLY B 4693 25.60 16.69 36.09
CA GLY B 4693 24.33 17.08 36.67
C GLY B 4693 23.21 16.13 36.30
N ASP B 4694 22.10 16.71 35.83
CA ASP B 4694 20.92 15.91 35.49
C ASP B 4694 21.20 15.02 34.29
N ASP B 4695 20.53 13.88 34.26
CA ASP B 4695 20.68 12.86 33.20
C ASP B 4695 22.16 12.46 33.14
N ASP B 4696 22.70 12.20 31.95
CA ASP B 4696 24.11 11.81 31.78
C ASP B 4696 24.48 10.65 32.69
N VAL B 4697 23.83 9.50 32.46
CA VAL B 4697 24.08 8.32 33.28
C VAL B 4697 25.53 7.88 33.15
N LYS B 4698 26.07 7.87 31.93
CA LYS B 4698 27.46 7.51 31.74
C LYS B 4698 28.39 8.53 32.39
N GLY B 4699 28.08 9.82 32.25
CA GLY B 4699 28.90 10.84 32.87
C GLY B 4699 28.91 10.75 34.38
N GLN B 4700 27.75 10.50 34.97
CA GLN B 4700 27.67 10.32 36.42
C GLN B 4700 28.38 9.05 36.86
N TRP B 4701 28.33 7.99 36.05
CA TRP B 4701 28.97 6.74 36.42
C TRP B 4701 30.48 6.80 36.28
N ASP B 4702 30.99 7.65 35.39
CA ASP B 4702 32.44 7.79 35.19
C ASP B 4702 33.13 8.58 36.30
N ARG B 4703 32.44 8.92 37.38
CA ARG B 4703 33.05 9.72 38.44
C ARG B 4703 34.14 8.94 39.17
N LEU B 4704 33.93 7.65 39.42
CA LEU B 4704 34.86 6.85 40.20
C LEU B 4704 36.18 6.58 39.48
N VAL B 4705 36.25 6.88 38.18
CA VAL B 4705 37.44 6.53 37.40
C VAL B 4705 38.62 7.41 37.80
N LEU B 4706 38.38 8.68 38.09
CA LEU B 4706 39.46 9.65 38.24
C LEU B 4706 40.40 9.27 39.38
N ASN B 4707 39.85 8.85 40.51
CA ASN B 4707 40.67 8.49 41.66
C ASN B 4707 41.51 7.25 41.43
N THR B 4708 41.16 6.42 40.46
CA THR B 4708 41.94 5.22 40.19
C THR B 4708 43.27 5.58 39.52
N PRO B 4709 44.38 5.09 40.05
CA PRO B 4709 45.68 5.41 39.44
C PRO B 4709 45.80 4.94 37.99
N SER B 4710 45.16 3.83 37.65
CA SER B 4710 45.28 3.26 36.30
C SER B 4710 44.09 3.71 35.44
N PHE B 4711 44.02 5.03 35.22
CA PHE B 4711 43.06 5.57 34.27
C PHE B 4711 43.33 5.06 32.86
N PRO B 4712 44.54 5.16 32.30
CA PRO B 4712 44.77 4.58 30.96
C PRO B 4712 45.28 3.15 31.05
N SER B 4713 44.43 2.24 31.53
CA SER B 4713 44.82 0.84 31.63
C SER B 4713 45.10 0.26 30.25
N ASN B 4714 44.25 0.56 29.27
CA ASN B 4714 44.49 0.15 27.90
C ASN B 4714 44.70 1.33 26.95
N TYR B 4715 44.43 2.55 27.39
CA TYR B 4715 44.70 3.73 26.58
C TYR B 4715 46.20 3.95 26.46
N TRP B 4716 46.64 4.44 25.30
CA TRP B 4716 48.06 4.46 24.99
C TRP B 4716 48.82 5.42 25.90
N ASP B 4717 48.34 6.66 26.00
CA ASP B 4717 49.06 7.69 26.74
C ASP B 4717 48.72 7.64 28.23
N LYS B 4718 49.77 7.60 29.06
CA LYS B 4718 49.62 7.54 30.50
C LYS B 4718 49.76 8.91 31.15
N PHE B 4719 49.88 9.98 30.37
CA PHE B 4719 50.09 11.33 30.89
C PHE B 4719 48.86 12.21 30.73
N VAL B 4720 47.68 11.61 30.53
CA VAL B 4720 46.46 12.39 30.35
C VAL B 4720 46.18 13.24 31.59
N LYS B 4721 46.35 12.65 32.78
CA LYS B 4721 46.17 13.42 34.01
C LYS B 4721 47.15 14.57 34.10
N ARG B 4722 48.40 14.34 33.68
CA ARG B 4722 49.39 15.41 33.69
C ARG B 4722 48.99 16.53 32.72
N LYS B 4723 48.49 16.18 31.54
CA LYS B 4723 48.05 17.19 30.59
C LYS B 4723 46.90 18.01 31.16
N VAL B 4724 45.93 17.34 31.78
CA VAL B 4724 44.78 18.05 32.36
C VAL B 4724 45.24 18.97 33.48
N LEU B 4725 46.12 18.48 34.35
CA LEU B 4725 46.59 19.30 35.46
C LEU B 4725 47.39 20.51 34.96
N ASP B 4726 48.22 20.32 33.94
CA ASP B 4726 49.00 21.43 33.40
C ASP B 4726 48.11 22.46 32.71
N LYS B 4727 47.12 21.99 31.95
CA LYS B 4727 46.29 22.92 31.19
C LYS B 4727 45.33 23.69 32.09
N HIS B 4728 44.70 23.00 33.04
CA HIS B 4728 43.69 23.63 33.88
C HIS B 4728 44.17 23.74 35.33
N GLY B 4729 45.44 24.07 35.52
CA GLY B 4729 46.02 24.24 36.84
C GLY B 4729 46.16 25.66 37.31
N ASP B 4730 45.82 26.65 36.47
CA ASP B 4730 45.94 28.06 36.83
C ASP B 4730 44.59 28.67 37.21
N ILE B 4731 43.58 28.52 36.35
CA ILE B 4731 42.25 29.04 36.67
C ILE B 4731 41.69 28.32 37.90
N PHE B 4732 41.84 26.99 37.95
CA PHE B 4732 41.41 26.19 39.07
C PHE B 4732 42.63 25.77 39.89
N GLY B 4733 42.41 25.60 41.20
CA GLY B 4733 43.50 25.26 42.10
C GLY B 4733 44.22 23.98 41.74
N ARG B 4734 45.55 24.00 41.83
CA ARG B 4734 46.34 22.80 41.53
C ARG B 4734 46.03 21.70 42.54
N GLU B 4735 45.86 22.05 43.81
CA GLU B 4735 45.52 21.06 44.81
C GLU B 4735 44.16 20.42 44.52
N ARG B 4736 43.19 21.23 44.11
CA ARG B 4736 41.87 20.69 43.77
C ARG B 4736 41.94 19.75 42.58
N ILE B 4737 42.73 20.12 41.56
CA ILE B 4737 42.88 19.26 40.39
C ILE B 4737 43.56 17.94 40.78
N ALA B 4738 44.59 18.03 41.62
CA ALA B 4738 45.27 16.81 42.08
C ALA B 4738 44.33 15.92 42.87
N GLU B 4739 43.52 16.51 43.74
CA GLU B 4739 42.56 15.72 44.52
C GLU B 4739 41.52 15.07 43.62
N LEU B 4740 41.02 15.81 42.63
CA LEU B 4740 40.04 15.24 41.71
C LEU B 4740 40.65 14.11 40.89
N LEU B 4741 41.88 14.29 40.43
CA LEU B 4741 42.57 13.29 39.60
C LEU B 4741 43.25 12.21 40.43
N GLY B 4742 43.20 12.29 41.76
CA GLY B 4742 43.80 11.29 42.61
C GLY B 4742 45.28 11.44 42.87
N MET B 4743 45.88 12.56 42.48
CA MET B 4743 47.30 12.78 42.73
C MET B 4743 47.50 13.57 44.02
N THR B 4766 51.53 -10.19 45.57
CA THR B 4766 50.22 -9.90 46.15
C THR B 4766 49.43 -8.94 45.27
N TRP B 4767 48.76 -9.48 44.26
CA TRP B 4767 47.96 -8.68 43.34
C TRP B 4767 46.65 -8.21 43.96
N LEU B 4768 46.19 -8.85 45.04
CA LEU B 4768 44.94 -8.45 45.66
C LEU B 4768 45.02 -7.06 46.25
N MET B 4769 46.13 -6.72 46.91
CA MET B 4769 46.28 -5.39 47.50
C MET B 4769 46.45 -4.32 46.42
N SER B 4770 47.19 -4.64 45.35
CA SER B 4770 47.46 -3.65 44.32
C SER B 4770 46.21 -3.34 43.49
N ILE B 4771 45.24 -4.25 43.46
CA ILE B 4771 44.05 -4.04 42.64
C ILE B 4771 43.20 -2.94 43.25
N ASP B 4772 42.79 -1.99 42.42
CA ASP B 4772 41.95 -0.88 42.84
C ASP B 4772 40.48 -1.28 42.71
N VAL B 4773 39.72 -1.06 43.78
CA VAL B 4773 38.32 -1.48 43.80
C VAL B 4773 37.49 -0.66 42.83
N LYS B 4774 37.66 0.67 42.86
CA LYS B 4774 36.77 1.57 42.12
C LYS B 4774 36.85 1.29 40.61
N TYR B 4775 38.07 1.08 40.10
CA TYR B 4775 38.20 0.76 38.69
C TYR B 4775 37.51 -0.56 38.35
N GLN B 4776 37.56 -1.53 39.28
CA GLN B 4776 36.87 -2.79 39.06
C GLN B 4776 35.36 -2.60 39.00
N ILE B 4777 34.80 -1.78 39.91
CA ILE B 4777 33.36 -1.51 39.87
C ILE B 4777 33.00 -0.80 38.57
N TRP B 4778 33.84 0.12 38.12
CA TRP B 4778 33.60 0.77 36.83
C TRP B 4778 33.61 -0.25 35.70
N LYS B 4779 34.56 -1.20 35.72
CA LYS B 4779 34.64 -2.21 34.68
C LYS B 4779 33.38 -3.05 34.64
N PHE B 4780 32.93 -3.53 35.80
CA PHE B 4780 31.68 -4.30 35.83
C PHE B 4780 30.49 -3.47 35.40
N GLY B 4781 30.42 -2.20 35.79
CA GLY B 4781 29.31 -1.36 35.37
C GLY B 4781 29.26 -1.18 33.86
N VAL B 4782 30.41 -0.90 33.25
CA VAL B 4782 30.46 -0.74 31.79
C VAL B 4782 30.12 -2.06 31.10
N ILE B 4783 30.62 -3.18 31.63
CA ILE B 4783 30.34 -4.48 31.03
C ILE B 4783 28.84 -4.79 31.09
N PHE B 4784 28.22 -4.53 32.25
CA PHE B 4784 26.78 -4.80 32.39
C PHE B 4784 25.95 -3.87 31.52
N THR B 4785 26.37 -2.61 31.38
CA THR B 4785 25.62 -1.64 30.60
C THR B 4785 25.59 -2.00 29.12
N ASP B 4786 26.59 -2.72 28.62
CA ASP B 4786 26.65 -3.05 27.20
C ASP B 4786 25.48 -3.91 26.79
N ASN B 4787 24.87 -3.57 25.64
CA ASN B 4787 23.68 -4.28 25.19
C ASN B 4787 23.99 -5.72 24.79
N SER B 4788 25.11 -5.94 24.09
CA SER B 4788 25.45 -7.29 23.64
C SER B 4788 25.72 -8.21 24.82
N PHE B 4789 26.42 -7.72 25.84
CA PHE B 4789 26.67 -8.53 27.02
C PHE B 4789 25.37 -8.84 27.75
N LEU B 4790 24.45 -7.87 27.80
CA LEU B 4790 23.14 -8.13 28.40
C LEU B 4790 22.39 -9.21 27.64
N TYR B 4791 22.42 -9.15 26.31
CA TYR B 4791 21.75 -10.17 25.51
C TYR B 4791 22.37 -11.55 25.73
N LEU B 4792 23.70 -11.62 25.79
CA LEU B 4792 24.36 -12.90 26.00
C LEU B 4792 24.09 -13.43 27.41
N GLY B 4793 24.04 -12.55 28.40
CA GLY B 4793 23.68 -12.98 29.74
C GLY B 4793 22.26 -13.48 29.83
N TRP B 4794 21.33 -12.83 29.13
CA TRP B 4794 19.96 -13.32 29.06
C TRP B 4794 19.91 -14.69 28.38
N TYR B 4795 20.69 -14.87 27.31
CA TYR B 4795 20.77 -16.16 26.66
C TYR B 4795 21.26 -17.24 27.63
N MET B 4796 22.32 -16.93 28.38
CA MET B 4796 22.86 -17.90 29.33
C MET B 4796 21.86 -18.23 30.42
N VAL B 4797 21.20 -17.20 30.97
CA VAL B 4797 20.26 -17.42 32.07
C VAL B 4797 19.05 -18.21 31.58
N MET B 4798 18.63 -17.99 30.33
CA MET B 4798 17.59 -18.83 29.76
C MET B 4798 18.07 -20.26 29.56
N SER B 4799 19.36 -20.43 29.25
CA SER B 4799 19.92 -21.78 29.13
C SER B 4799 19.85 -22.51 30.47
N LEU B 4800 20.23 -21.85 31.56
CA LEU B 4800 20.10 -22.49 32.86
C LEU B 4800 18.64 -22.73 33.24
N LEU B 4801 17.77 -21.75 32.96
CA LEU B 4801 16.36 -21.92 33.29
C LEU B 4801 15.71 -23.02 32.48
N GLY B 4802 16.28 -23.35 31.32
CA GLY B 4802 15.72 -24.41 30.50
C GLY B 4802 15.78 -25.78 31.15
N HIS B 4803 16.80 -26.04 31.94
CA HIS B 4803 16.95 -27.35 32.56
C HIS B 4803 15.77 -27.69 33.47
N TYR B 4804 15.14 -26.68 34.07
CA TYR B 4804 14.02 -26.93 34.97
C TYR B 4804 12.75 -27.30 34.21
N ASN B 4805 12.46 -26.60 33.11
CA ASN B 4805 11.19 -26.79 32.40
C ASN B 4805 11.35 -27.44 31.03
N ASN B 4806 12.55 -27.42 30.45
CA ASN B 4806 12.85 -28.05 29.17
C ASN B 4806 12.12 -27.37 28.02
N PHE B 4807 11.39 -26.29 28.29
CA PHE B 4807 10.68 -25.55 27.26
C PHE B 4807 11.14 -24.10 27.14
N PHE B 4808 12.04 -23.65 28.01
CA PHE B 4808 12.58 -22.29 27.90
C PHE B 4808 13.55 -22.15 26.74
N PHE B 4809 13.97 -23.25 26.12
CA PHE B 4809 14.88 -23.19 24.98
C PHE B 4809 14.21 -22.63 23.73
N ALA B 4810 12.89 -22.47 23.72
CA ALA B 4810 12.21 -21.87 22.58
C ALA B 4810 12.62 -20.41 22.40
N ALA B 4811 12.91 -19.71 23.50
CA ALA B 4811 13.36 -18.32 23.42
C ALA B 4811 14.70 -18.20 22.71
N HIS B 4812 15.48 -19.28 22.63
CA HIS B 4812 16.75 -19.26 21.92
C HIS B 4812 16.59 -19.18 20.42
N LEU B 4813 15.38 -19.45 19.89
CA LEU B 4813 15.15 -19.33 18.46
C LEU B 4813 15.15 -17.89 17.98
N LEU B 4814 15.02 -16.92 18.89
CA LEU B 4814 15.09 -15.52 18.51
C LEU B 4814 16.51 -15.09 18.14
N ASP B 4815 17.51 -15.94 18.38
CA ASP B 4815 18.87 -15.61 18.00
C ASP B 4815 19.01 -15.49 16.48
N ILE B 4816 18.22 -16.25 15.73
CA ILE B 4816 18.29 -16.17 14.27
C ILE B 4816 17.82 -14.79 13.79
N ALA B 4817 16.95 -14.13 14.56
CA ALA B 4817 16.50 -12.79 14.18
C ALA B 4817 17.65 -11.79 14.25
N MET B 4818 18.47 -11.86 15.30
CA MET B 4818 19.62 -10.97 15.42
C MET B 4818 20.79 -11.40 14.55
N GLY B 4819 20.80 -12.65 14.09
CA GLY B 4819 21.92 -13.14 13.29
C GLY B 4819 21.99 -12.48 11.92
N VAL B 4820 20.84 -12.25 11.29
CA VAL B 4820 20.79 -11.79 9.91
C VAL B 4820 20.18 -10.39 9.89
N LYS B 4821 20.61 -9.60 8.90
CA LYS B 4821 20.18 -8.20 8.81
C LYS B 4821 18.68 -8.09 8.55
N THR B 4822 18.12 -8.99 7.73
CA THR B 4822 16.73 -8.87 7.32
C THR B 4822 15.78 -8.97 8.51
N LEU B 4823 15.93 -10.02 9.32
CA LEU B 4823 15.03 -10.19 10.46
C LEU B 4823 15.27 -9.13 11.53
N ARG B 4824 16.52 -8.68 11.70
CA ARG B 4824 16.79 -7.59 12.63
C ARG B 4824 16.09 -6.32 12.19
N THR B 4825 16.12 -6.01 10.90
CA THR B 4825 15.41 -4.84 10.39
C THR B 4825 13.90 -5.00 10.56
N ILE B 4826 13.38 -6.21 10.32
CA ILE B 4826 11.95 -6.44 10.50
C ILE B 4826 11.55 -6.20 11.96
N LEU B 4827 12.35 -6.70 12.90
CA LEU B 4827 12.06 -6.49 14.31
C LEU B 4827 12.17 -5.02 14.69
N SER B 4828 13.19 -4.32 14.18
CA SER B 4828 13.41 -2.92 14.54
C SER B 4828 12.36 -2.01 13.92
N SER B 4829 11.73 -2.42 12.82
CA SER B 4829 10.69 -1.59 12.21
C SER B 4829 9.50 -1.39 13.15
N VAL B 4830 9.24 -2.37 14.02
CA VAL B 4830 8.14 -2.25 14.97
C VAL B 4830 8.40 -1.12 15.95
N THR B 4831 9.64 -1.03 16.46
CA THR B 4831 10.00 -0.01 17.44
C THR B 4831 10.47 1.29 16.80
N HIS B 4832 10.60 1.33 15.47
CA HIS B 4832 11.02 2.56 14.81
C HIS B 4832 10.01 3.67 15.00
N ASN B 4833 8.71 3.34 14.94
CA ASN B 4833 7.66 4.31 15.15
C ASN B 4833 6.85 3.97 16.41
N GLY B 4834 7.55 3.64 17.49
CA GLY B 4834 6.87 3.19 18.69
C GLY B 4834 5.95 4.24 19.29
N LYS B 4835 6.41 5.48 19.35
CA LYS B 4835 5.59 6.55 19.95
C LYS B 4835 4.31 6.77 19.15
N GLN B 4836 4.42 6.83 17.81
CA GLN B 4836 3.25 7.03 16.98
C GLN B 4836 2.34 5.80 17.01
N LEU B 4837 2.93 4.61 17.10
CA LEU B 4837 2.12 3.40 17.23
C LEU B 4837 1.33 3.42 18.53
N VAL B 4838 1.95 3.87 19.62
CA VAL B 4838 1.23 3.96 20.90
C VAL B 4838 0.14 5.02 20.81
N MET B 4839 0.41 6.14 20.14
CA MET B 4839 -0.62 7.15 19.94
C MET B 4839 -1.82 6.59 19.19
N THR B 4840 -1.55 5.85 18.11
CA THR B 4840 -2.64 5.28 17.33
C THR B 4840 -3.41 4.22 18.12
N VAL B 4841 -2.69 3.41 18.90
CA VAL B 4841 -3.36 2.40 19.73
C VAL B 4841 -4.24 3.06 20.77
N GLY B 4842 -3.75 4.13 21.40
CA GLY B 4842 -4.57 4.84 22.37
C GLY B 4842 -5.78 5.49 21.73
N LEU B 4843 -5.62 6.03 20.53
CA LEU B 4843 -6.76 6.60 19.82
C LEU B 4843 -7.79 5.53 19.49
N LEU B 4844 -7.33 4.34 19.08
CA LEU B 4844 -8.25 3.24 18.83
C LEU B 4844 -8.96 2.82 20.10
N ALA B 4845 -8.24 2.78 21.23
CA ALA B 4845 -8.85 2.36 22.48
C ALA B 4845 -9.91 3.36 22.93
N VAL B 4846 -9.62 4.66 22.85
CA VAL B 4846 -10.60 5.65 23.26
C VAL B 4846 -11.77 5.71 22.28
N VAL B 4847 -11.52 5.43 21.00
CA VAL B 4847 -12.61 5.38 20.03
C VAL B 4847 -13.54 4.22 20.33
N VAL B 4848 -12.97 3.05 20.62
CA VAL B 4848 -13.78 1.89 20.98
C VAL B 4848 -14.50 2.14 22.30
N TYR B 4849 -13.86 2.87 23.23
CA TYR B 4849 -14.49 3.16 24.51
C TYR B 4849 -15.79 3.95 24.32
N LEU B 4850 -15.80 4.90 23.40
CA LEU B 4850 -17.03 5.64 23.12
C LEU B 4850 -18.09 4.71 22.52
N TYR B 4851 -17.69 3.84 21.59
CA TYR B 4851 -18.62 2.87 21.04
C TYR B 4851 -19.10 1.91 22.12
N THR B 4852 -18.20 1.52 23.04
CA THR B 4852 -18.60 0.67 24.15
C THR B 4852 -19.64 1.35 25.03
N VAL B 4853 -19.45 2.64 25.32
CA VAL B 4853 -20.42 3.38 26.12
C VAL B 4853 -21.77 3.47 25.40
N VAL B 4854 -21.73 3.75 24.10
CA VAL B 4854 -22.97 3.83 23.33
C VAL B 4854 -23.71 2.50 23.36
N ALA B 4855 -22.98 1.39 23.15
CA ALA B 4855 -23.61 0.08 23.19
C ALA B 4855 -24.17 -0.23 24.58
N PHE B 4856 -23.42 0.13 25.64
CA PHE B 4856 -23.87 -0.14 27.00
C PHE B 4856 -25.14 0.63 27.33
N ASN B 4857 -25.26 1.87 26.87
CA ASN B 4857 -26.44 2.67 27.18
C ASN B 4857 -27.63 2.36 26.29
N PHE B 4858 -27.41 2.09 25.00
CA PHE B 4858 -28.51 1.97 24.05
C PHE B 4858 -28.66 0.55 23.50
N PHE B 4859 -27.62 -0.01 22.89
CA PHE B 4859 -27.73 -1.30 22.19
C PHE B 4859 -27.21 -2.40 23.11
N ARG B 4860 -28.08 -2.87 24.00
CA ARG B 4860 -27.72 -3.91 24.95
C ARG B 4860 -28.44 -5.23 24.72
N LYS B 4861 -29.63 -5.23 24.11
CA LYS B 4861 -30.36 -6.46 23.87
C LYS B 4861 -29.82 -7.24 22.68
N PHE B 4862 -28.99 -6.62 21.84
CA PHE B 4862 -28.42 -7.30 20.69
C PHE B 4862 -27.16 -8.10 21.02
N TYR B 4863 -26.64 -8.00 22.25
CA TYR B 4863 -25.41 -8.66 22.63
C TYR B 4863 -25.63 -10.00 23.30
N ASN B 4864 -26.70 -10.71 22.95
CA ASN B 4864 -26.99 -12.03 23.51
C ASN B 4864 -26.26 -13.06 22.66
N LYS B 4865 -25.08 -13.49 23.13
CA LYS B 4865 -24.27 -14.44 22.37
C LYS B 4865 -24.81 -15.87 22.48
N SER B 4866 -25.36 -16.24 23.63
CA SER B 4866 -25.85 -17.60 23.82
C SER B 4866 -27.07 -17.85 22.95
N GLU B 4867 -27.05 -18.97 22.22
CA GLU B 4867 -28.18 -19.33 21.39
C GLU B 4867 -29.36 -19.87 22.20
N ASP B 4868 -29.07 -20.56 23.30
CA ASP B 4868 -30.14 -21.10 24.14
C ASP B 4868 -30.82 -19.98 24.90
N GLU B 4869 -32.16 -19.96 24.86
CA GLU B 4869 -32.92 -18.94 25.56
C GLU B 4869 -32.96 -19.19 27.06
N ASP B 4870 -32.83 -20.45 27.50
CA ASP B 4870 -32.89 -20.76 28.91
C ASP B 4870 -31.74 -20.13 29.69
N GLU B 4871 -30.53 -20.17 29.12
CA GLU B 4871 -29.33 -19.65 29.76
C GLU B 4871 -28.65 -18.65 28.84
N PRO B 4872 -29.09 -17.40 28.83
CA PRO B 4872 -28.46 -16.39 27.98
C PRO B 4872 -27.33 -15.65 28.70
N ASP B 4873 -26.46 -15.05 27.90
CA ASP B 4873 -25.36 -14.24 28.40
C ASP B 4873 -25.34 -12.91 27.66
N MET B 4874 -25.08 -11.83 28.40
CA MET B 4874 -25.01 -10.49 27.84
C MET B 4874 -23.57 -10.01 27.88
N LYS B 4875 -23.01 -9.68 26.72
CA LYS B 4875 -21.64 -9.18 26.67
C LYS B 4875 -21.53 -7.82 27.31
N CYS B 4876 -22.56 -6.98 27.18
CA CYS B 4876 -22.54 -5.63 27.71
C CYS B 4876 -23.43 -5.46 28.94
N ASP B 4877 -23.65 -6.52 29.71
CA ASP B 4877 -24.33 -6.38 30.99
C ASP B 4877 -23.49 -5.55 31.95
N ASP B 4878 -22.16 -5.63 31.82
CA ASP B 4878 -21.24 -4.81 32.59
C ASP B 4878 -20.31 -4.07 31.63
N MET B 4879 -19.82 -2.92 32.07
CA MET B 4879 -19.00 -2.09 31.20
C MET B 4879 -17.67 -2.75 30.88
N MET B 4880 -17.08 -3.46 31.85
CA MET B 4880 -15.77 -4.06 31.64
C MET B 4880 -15.82 -5.17 30.59
N THR B 4881 -16.77 -6.10 30.74
CA THR B 4881 -16.90 -7.17 29.76
C THR B 4881 -17.35 -6.63 28.40
N CYS B 4882 -18.16 -5.58 28.38
CA CYS B 4882 -18.53 -4.95 27.13
C CYS B 4882 -17.33 -4.36 26.40
N TYR B 4883 -16.45 -3.67 27.13
CA TYR B 4883 -15.23 -3.14 26.53
C TYR B 4883 -14.32 -4.26 26.05
N LEU B 4884 -14.20 -5.33 26.85
CA LEU B 4884 -13.36 -6.46 26.43
C LEU B 4884 -13.89 -7.10 25.16
N PHE B 4885 -15.21 -7.28 25.07
CA PHE B 4885 -15.80 -7.86 23.87
C PHE B 4885 -15.61 -6.93 22.67
N HIS B 4886 -15.78 -5.63 22.87
CA HIS B 4886 -15.61 -4.68 21.76
C HIS B 4886 -14.17 -4.67 21.26
N MET B 4887 -13.20 -4.73 22.17
CA MET B 4887 -11.80 -4.62 21.76
C MET B 4887 -11.27 -5.93 21.20
N TYR B 4888 -11.45 -7.04 21.92
CA TYR B 4888 -10.83 -8.30 21.54
C TYR B 4888 -11.54 -8.93 20.35
N VAL B 4889 -12.86 -8.83 20.29
CA VAL B 4889 -13.61 -9.47 19.22
C VAL B 4889 -13.90 -8.50 18.07
N GLY B 4890 -14.27 -7.26 18.39
CA GLY B 4890 -14.65 -6.32 17.35
C GLY B 4890 -13.50 -5.98 16.40
N VAL B 4891 -12.32 -5.71 16.97
CA VAL B 4891 -11.18 -5.36 16.14
C VAL B 4891 -10.74 -6.55 15.30
N ARG B 4892 -10.68 -7.73 15.90
CA ARG B 4892 -10.23 -8.94 15.21
C ARG B 4892 -11.26 -9.49 14.24
N ALA B 4893 -12.51 -9.02 14.29
CA ALA B 4893 -13.54 -9.56 13.41
C ALA B 4893 -13.22 -9.30 11.94
N GLY B 4894 -12.80 -8.07 11.63
CA GLY B 4894 -12.52 -7.68 10.26
C GLY B 4894 -13.73 -7.16 9.50
N GLY B 4895 -14.94 -7.38 10.02
CA GLY B 4895 -16.14 -6.87 9.39
C GLY B 4895 -16.93 -5.96 10.30
N GLY B 4896 -16.40 -5.70 11.48
CA GLY B 4896 -17.04 -4.85 12.46
C GLY B 4896 -17.63 -5.64 13.61
N ILE B 4897 -18.22 -4.89 14.55
CA ILE B 4897 -18.85 -5.51 15.71
C ILE B 4897 -20.23 -6.06 15.36
N GLY B 4898 -20.81 -5.64 14.23
CA GLY B 4898 -22.17 -6.03 13.90
C GLY B 4898 -22.32 -7.50 13.55
N ASP B 4899 -21.24 -8.16 13.13
CA ASP B 4899 -21.33 -9.57 12.76
C ASP B 4899 -21.67 -10.44 13.97
N GLU B 4900 -21.02 -10.18 15.11
CA GLU B 4900 -21.25 -11.02 16.29
C GLU B 4900 -22.60 -10.75 16.93
N ILE B 4901 -23.00 -9.48 17.04
CA ILE B 4901 -24.23 -9.15 17.73
C ILE B 4901 -25.43 -9.51 16.87
N GLU B 4902 -26.59 -9.59 17.51
CA GLU B 4902 -27.83 -9.92 16.81
C GLU B 4902 -28.22 -8.81 15.85
N ASP B 4903 -28.65 -9.19 14.65
CA ASP B 4903 -29.05 -8.23 13.66
C ASP B 4903 -30.39 -7.58 14.03
N PRO B 4904 -30.56 -6.28 13.75
CA PRO B 4904 -31.84 -5.61 14.04
C PRO B 4904 -32.83 -5.73 12.88
N ALA B 4905 -33.39 -6.94 12.72
CA ALA B 4905 -34.28 -7.20 11.60
C ALA B 4905 -35.70 -6.70 11.89
N GLY B 4906 -36.33 -7.24 12.94
CA GLY B 4906 -37.69 -6.88 13.26
C GLY B 4906 -37.84 -6.20 14.61
N ASP B 4907 -36.89 -5.33 14.95
CA ASP B 4907 -36.90 -4.63 16.23
C ASP B 4907 -36.64 -3.15 15.99
N GLU B 4908 -36.94 -2.34 17.01
CA GLU B 4908 -36.71 -0.91 16.93
C GLU B 4908 -35.20 -0.62 16.93
N TYR B 4909 -34.87 0.64 16.66
CA TYR B 4909 -33.49 1.12 16.60
C TYR B 4909 -32.70 0.44 15.50
N GLU B 4910 -33.38 -0.09 14.48
CA GLU B 4910 -32.69 -0.80 13.40
C GLU B 4910 -31.76 0.15 12.64
N LEU B 4911 -32.25 1.34 12.29
CA LEU B 4911 -31.41 2.31 11.60
C LEU B 4911 -30.27 2.77 12.49
N TYR B 4912 -30.55 3.00 13.77
CA TYR B 4912 -29.50 3.41 14.70
C TYR B 4912 -28.43 2.34 14.83
N ARG B 4913 -28.85 1.08 14.95
CA ARG B 4913 -27.88 -0.02 15.06
C ARG B 4913 -27.08 -0.17 13.77
N VAL B 4914 -27.72 -0.01 12.62
CA VAL B 4914 -27.02 -0.13 11.34
C VAL B 4914 -25.97 0.98 11.23
N VAL B 4915 -26.34 2.21 11.58
CA VAL B 4915 -25.39 3.32 11.54
C VAL B 4915 -24.24 3.07 12.51
N PHE B 4916 -24.57 2.59 13.72
CA PHE B 4916 -23.55 2.29 14.71
C PHE B 4916 -22.54 1.28 14.17
N ASP B 4917 -23.03 0.17 13.63
CA ASP B 4917 -22.14 -0.88 13.11
C ASP B 4917 -21.32 -0.37 11.94
N ILE B 4918 -21.94 0.37 11.01
CA ILE B 4918 -21.22 0.86 9.83
C ILE B 4918 -20.12 1.81 10.25
N THR B 4919 -20.44 2.77 11.12
CA THR B 4919 -19.44 3.74 11.56
C THR B 4919 -18.32 3.07 12.34
N PHE B 4920 -18.66 2.12 13.22
CA PHE B 4920 -17.63 1.42 13.97
C PHE B 4920 -16.70 0.66 13.04
N PHE B 4921 -17.27 -0.14 12.13
CA PHE B 4921 -16.46 -0.94 11.23
C PHE B 4921 -15.56 -0.06 10.38
N PHE B 4922 -16.12 1.01 9.80
CA PHE B 4922 -15.31 1.95 9.04
C PHE B 4922 -14.16 2.49 9.89
N PHE B 4923 -14.50 3.18 10.97
CA PHE B 4923 -13.51 3.91 11.77
C PHE B 4923 -12.43 2.99 12.30
N VAL B 4924 -12.74 1.72 12.55
CA VAL B 4924 -11.68 0.84 13.04
C VAL B 4924 -10.91 0.25 11.85
N ILE B 4925 -11.58 -0.56 11.03
CA ILE B 4925 -10.86 -1.39 10.06
C ILE B 4925 -10.25 -0.51 8.96
N VAL B 4926 -11.05 0.39 8.38
CA VAL B 4926 -10.57 1.11 7.20
C VAL B 4926 -9.51 2.13 7.58
N ILE B 4927 -9.60 2.71 8.78
CA ILE B 4927 -8.74 3.83 9.17
C ILE B 4927 -7.67 3.39 10.17
N LEU B 4928 -8.08 2.95 11.36
CA LEU B 4928 -7.12 2.84 12.47
C LEU B 4928 -6.24 1.60 12.33
N LEU B 4929 -6.84 0.44 12.07
CA LEU B 4929 -6.05 -0.77 11.86
C LEU B 4929 -5.18 -0.65 10.62
N ALA B 4930 -5.71 -0.03 9.57
CA ALA B 4930 -4.92 0.19 8.36
C ALA B 4930 -3.72 1.09 8.65
N ILE B 4931 -3.94 2.09 9.50
CA ILE B 4931 -2.87 3.07 9.83
C ILE B 4931 -1.79 2.43 10.72
N ILE B 4932 -2.13 1.57 11.68
CA ILE B 4932 -1.08 0.88 12.48
C ILE B 4932 -0.27 -0.06 11.58
N GLN B 4933 -0.98 -0.85 10.78
CA GLN B 4933 -0.28 -1.73 9.83
C GLN B 4933 0.52 -0.82 8.91
N GLY B 4934 -0.07 0.30 8.52
CA GLY B 4934 0.61 1.18 7.55
C GLY B 4934 1.92 1.61 8.14
N LEU B 4935 1.93 2.07 9.38
CA LEU B 4935 3.16 2.58 10.03
C LEU B 4935 4.19 1.46 10.08
N ILE B 4936 3.80 0.26 10.55
CA ILE B 4936 4.89 -0.76 10.64
C ILE B 4936 5.45 -1.07 9.24
N ILE B 4937 4.58 -1.23 8.24
CA ILE B 4937 5.07 -1.63 6.89
C ILE B 4937 5.94 -0.52 6.30
N ASP B 4938 5.57 0.74 6.52
CA ASP B 4938 6.33 1.89 5.96
C ASP B 4938 7.68 1.96 6.65
N ALA B 4939 7.71 1.68 7.95
CA ALA B 4939 9.01 1.65 8.65
C ALA B 4939 9.85 0.58 7.98
N PHE B 4940 9.29 -0.60 7.75
CA PHE B 4940 10.14 -1.65 7.17
C PHE B 4940 10.66 -1.16 5.82
N GLY B 4941 9.78 -0.54 5.02
CA GLY B 4941 10.18 -0.11 3.67
C GLY B 4941 11.30 0.91 3.71
N GLU B 4942 11.20 1.89 4.60
CA GLU B 4942 12.22 2.96 4.70
C GLU B 4942 13.54 2.33 5.18
N LEU B 4943 13.47 1.41 6.14
CA LEU B 4943 14.71 0.82 6.69
C LEU B 4943 15.43 0.10 5.55
N ARG B 4944 14.69 -0.38 4.54
CA ARG B 4944 15.29 -1.00 3.37
C ARG B 4944 15.75 0.06 2.37
N ASP B 4945 14.96 1.12 2.20
CA ASP B 4945 15.34 2.20 1.30
C ASP B 4945 16.61 2.90 1.77
N GLN B 4946 16.74 3.13 3.08
CA GLN B 4946 17.96 3.74 3.59
C GLN B 4946 19.16 2.84 3.38
N GLN B 4947 19.01 1.53 3.59
CA GLN B 4947 20.11 0.62 3.32
C GLN B 4947 20.52 0.67 1.84
N GLU B 4948 19.53 0.66 0.94
CA GLU B 4948 19.83 0.74 -0.48
C GLU B 4948 20.50 2.05 -0.84
N GLN B 4949 20.05 3.16 -0.26
CA GLN B 4949 20.65 4.46 -0.52
C GLN B 4949 22.08 4.51 -0.01
N VAL B 4950 22.35 3.92 1.16
CA VAL B 4950 23.72 3.87 1.68
C VAL B 4950 24.61 3.07 0.73
N LYS B 4951 24.12 1.92 0.26
CA LYS B 4951 24.91 1.09 -0.64
C LYS B 4951 25.19 1.81 -1.95
N GLU B 4952 24.19 2.53 -2.49
CA GLU B 4952 24.39 3.26 -3.74
C GLU B 4952 25.31 4.46 -3.54
N ASP B 4953 25.19 5.15 -2.40
CA ASP B 4953 26.04 6.30 -2.13
C ASP B 4953 27.49 5.88 -2.01
N MET B 4954 27.76 4.76 -1.35
CA MET B 4954 29.13 4.27 -1.27
C MET B 4954 29.71 3.91 -2.64
N GLU B 4955 28.86 3.74 -3.65
CA GLU B 4955 29.34 3.46 -5.00
C GLU B 4955 29.58 4.73 -5.81
N THR B 4956 28.95 5.84 -5.45
CA THR B 4956 29.08 7.10 -6.19
C THR B 4956 29.68 8.21 -5.35
N LYS B 4957 30.45 7.86 -4.31
CA LYS B 4957 31.09 8.86 -3.46
C LYS B 4957 32.50 8.40 -3.12
N CYS B 4958 33.39 9.36 -2.86
CA CYS B 4958 34.77 9.08 -2.52
C CYS B 4958 35.02 9.03 -1.02
N PHE B 4959 34.11 9.58 -0.21
CA PHE B 4959 34.16 9.56 1.26
C PHE B 4959 35.19 10.54 1.82
N ILE B 4960 35.97 11.18 0.95
CA ILE B 4960 36.80 12.32 1.33
C ILE B 4960 36.47 13.55 0.51
N CYS B 4961 36.33 13.41 -0.80
CA CYS B 4961 35.98 14.50 -1.68
C CYS B 4961 34.62 14.22 -2.32
N GLY B 4962 33.87 15.29 -2.56
CA GLY B 4962 32.52 15.17 -3.07
C GLY B 4962 32.43 14.88 -4.55
N ILE B 4963 33.12 13.83 -5.01
CA ILE B 4963 33.07 13.41 -6.40
C ILE B 4963 32.77 11.92 -6.45
N GLY B 4964 32.24 11.48 -7.58
CA GLY B 4964 31.88 10.08 -7.74
C GLY B 4964 32.31 9.50 -9.07
N SER B 4965 31.40 8.75 -9.72
CA SER B 4965 31.72 8.13 -11.00
C SER B 4965 31.76 9.13 -12.13
N ASP B 4966 31.23 10.34 -11.93
CA ASP B 4966 31.26 11.36 -12.98
C ASP B 4966 32.69 11.75 -13.32
N TYR B 4967 33.54 11.93 -12.31
CA TYR B 4967 34.93 12.28 -12.56
C TYR B 4967 35.67 11.15 -13.27
N PHE B 4968 35.42 9.91 -12.88
CA PHE B 4968 36.08 8.76 -13.50
C PHE B 4968 35.11 7.58 -13.60
N PRO C 4208 14.24 -11.30 -39.70
CA PRO C 4208 12.89 -11.31 -39.13
C PRO C 4208 12.88 -11.83 -37.69
N GLN C 4209 13.68 -12.86 -37.42
CA GLN C 4209 13.77 -13.45 -36.09
C GLN C 4209 14.87 -12.83 -35.24
N VAL C 4210 15.95 -12.35 -35.86
CA VAL C 4210 17.05 -11.75 -35.12
C VAL C 4210 16.63 -10.45 -34.44
N LYS C 4211 15.48 -9.88 -34.83
CA LYS C 4211 15.01 -8.66 -34.19
C LYS C 4211 14.72 -8.89 -32.71
N GLU C 4212 14.11 -10.02 -32.37
CA GLU C 4212 13.82 -10.32 -30.96
C GLU C 4212 15.11 -10.47 -30.16
N SER C 4213 16.11 -11.14 -30.73
CA SER C 4213 17.41 -11.24 -30.05
C SER C 4213 18.03 -9.87 -29.87
N LYS C 4214 17.90 -8.99 -30.86
CA LYS C 4214 18.40 -7.62 -30.73
C LYS C 4214 17.72 -6.89 -29.58
N ARG C 4215 16.39 -7.00 -29.50
CA ARG C 4215 15.65 -6.36 -28.41
C ARG C 4215 16.12 -6.90 -27.06
N GLN C 4216 16.27 -8.22 -26.96
CA GLN C 4216 16.73 -8.81 -25.70
C GLN C 4216 18.12 -8.29 -25.32
N PHE C 4217 19.02 -8.21 -26.31
CA PHE C 4217 20.37 -7.74 -26.04
C PHE C 4217 20.38 -6.30 -25.55
N ILE C 4218 19.63 -5.43 -26.24
CA ILE C 4218 19.70 -4.01 -25.86
C ILE C 4218 19.01 -3.81 -24.51
N PHE C 4219 17.88 -4.48 -24.28
CA PHE C 4219 17.23 -4.39 -22.98
C PHE C 4219 18.17 -4.86 -21.87
N ASP C 4220 18.89 -5.96 -22.12
CA ASP C 4220 19.83 -6.46 -21.12
C ASP C 4220 20.94 -5.47 -20.83
N VAL C 4221 21.52 -4.86 -21.88
CA VAL C 4221 22.67 -3.98 -21.63
C VAL C 4221 22.23 -2.72 -20.91
N VAL C 4222 21.05 -2.19 -21.24
CA VAL C 4222 20.56 -1.02 -20.51
C VAL C 4222 20.19 -1.38 -19.07
N ASN C 4223 19.57 -2.56 -18.87
CA ASN C 4223 19.10 -2.91 -17.54
C ASN C 4223 20.26 -3.20 -16.60
N GLU C 4224 21.21 -4.02 -17.03
CA GLU C 4224 22.29 -4.48 -16.15
C GLU C 4224 23.68 -4.18 -16.69
N GLY C 4225 23.87 -4.19 -18.01
CA GLY C 4225 25.18 -3.97 -18.58
C GLY C 4225 25.79 -2.64 -18.24
N GLY C 4226 27.04 -2.65 -17.77
CA GLY C 4226 27.72 -1.42 -17.42
C GLY C 4226 28.18 -0.63 -18.64
N GLU C 4227 28.47 0.64 -18.41
CA GLU C 4227 28.95 1.50 -19.49
C GLU C 4227 30.35 1.13 -19.97
N ALA C 4228 31.16 0.53 -19.09
CA ALA C 4228 32.54 0.19 -19.45
C ALA C 4228 32.62 -1.02 -20.38
N GLU C 4229 31.62 -1.89 -20.36
CA GLU C 4229 31.61 -3.09 -21.19
C GLU C 4229 30.57 -3.02 -22.31
N LYS C 4230 30.02 -1.84 -22.57
CA LYS C 4230 28.99 -1.70 -23.59
C LYS C 4230 29.54 -2.01 -24.98
N MET C 4231 30.75 -1.51 -25.27
CA MET C 4231 31.39 -1.80 -26.56
C MET C 4231 31.67 -3.29 -26.72
N GLU C 4232 32.17 -3.93 -25.66
CA GLU C 4232 32.45 -5.36 -25.73
C GLU C 4232 31.16 -6.16 -25.95
N LEU C 4233 30.09 -5.76 -25.27
CA LEU C 4233 28.81 -6.45 -25.44
C LEU C 4233 28.25 -6.24 -26.84
N PHE C 4234 28.42 -5.05 -27.40
CA PHE C 4234 28.05 -4.84 -28.80
C PHE C 4234 28.86 -5.72 -29.73
N VAL C 4235 30.16 -5.85 -29.48
CA VAL C 4235 31.01 -6.70 -30.31
C VAL C 4235 30.52 -8.14 -30.25
N SER C 4236 30.23 -8.63 -29.04
CA SER C 4236 29.75 -10.00 -28.88
C SER C 4236 28.41 -10.20 -29.58
N PHE C 4237 27.50 -9.23 -29.45
CA PHE C 4237 26.21 -9.34 -30.12
C PHE C 4237 26.36 -9.37 -31.63
N CYS C 4238 27.21 -8.50 -32.18
CA CYS C 4238 27.42 -8.50 -33.63
C CYS C 4238 28.04 -9.80 -34.10
N GLU C 4239 29.01 -10.33 -33.35
CA GLU C 4239 29.62 -11.60 -33.75
C GLU C 4239 28.61 -12.73 -33.71
N ASP C 4240 27.72 -12.72 -32.71
CA ASP C 4240 26.66 -13.72 -32.67
C ASP C 4240 25.63 -13.51 -33.78
N THR C 4241 25.50 -12.28 -34.26
CA THR C 4241 24.46 -11.93 -35.23
C THR C 4241 24.86 -12.16 -36.68
N ILE C 4242 26.15 -12.06 -37.02
CA ILE C 4242 26.55 -12.24 -38.42
C ILE C 4242 26.12 -13.60 -38.95
N PHE C 4243 26.37 -14.67 -38.18
CA PHE C 4243 26.02 -16.00 -38.64
C PHE C 4243 24.54 -16.31 -38.46
N GLU C 4244 23.80 -15.49 -37.72
CA GLU C 4244 22.36 -15.66 -37.65
C GLU C 4244 21.69 -15.46 -39.00
N MET C 4245 22.26 -14.62 -39.86
CA MET C 4245 21.78 -14.48 -41.23
C MET C 4245 22.23 -15.64 -42.12
N GLN C 4246 23.42 -16.19 -41.87
CA GLN C 4246 23.83 -17.38 -42.61
C GLN C 4246 22.96 -18.57 -42.28
N ILE C 4247 22.49 -18.67 -41.04
CA ILE C 4247 21.54 -19.72 -40.67
C ILE C 4247 20.25 -19.57 -41.48
N ALA C 4248 19.73 -18.34 -41.58
CA ALA C 4248 18.54 -18.10 -42.37
C ALA C 4248 18.75 -18.34 -43.85
N ALA C 4249 19.95 -18.05 -44.38
CA ALA C 4249 20.28 -18.36 -45.76
C ALA C 4249 20.41 -19.85 -46.04
N GLN C 4250 20.91 -20.63 -45.07
CA GLN C 4250 20.92 -22.07 -45.22
C GLN C 4250 19.54 -22.69 -45.03
N ILE C 4251 18.65 -22.01 -44.31
CA ILE C 4251 17.28 -22.48 -44.17
C ILE C 4251 16.51 -22.20 -45.46
N THR C 4323 -26.71 -22.35 -19.49
CA THR C 4323 -26.00 -23.55 -19.06
C THR C 4323 -24.50 -23.28 -18.90
N ALA C 4324 -23.80 -24.22 -18.27
CA ALA C 4324 -22.37 -24.06 -18.05
C ALA C 4324 -21.54 -24.29 -19.31
N ARG C 4325 -22.05 -25.09 -20.25
CA ARG C 4325 -21.30 -25.37 -21.47
C ARG C 4325 -21.08 -24.11 -22.30
N GLU C 4326 -22.15 -23.36 -22.54
CA GLU C 4326 -22.05 -22.17 -23.38
C GLU C 4326 -21.14 -21.11 -22.74
N ALA C 4327 -21.30 -20.90 -21.43
CA ALA C 4327 -20.45 -19.92 -20.75
C ALA C 4327 -18.99 -20.37 -20.75
N ALA C 4328 -18.74 -21.65 -20.48
CA ALA C 4328 -17.38 -22.16 -20.50
C ALA C 4328 -16.74 -21.95 -21.87
N THR C 4329 -17.50 -22.22 -22.93
CA THR C 4329 -17.01 -21.96 -24.28
C THR C 4329 -16.74 -20.47 -24.48
N ALA C 4330 -17.60 -19.61 -23.95
CA ALA C 4330 -17.41 -18.17 -24.14
C ALA C 4330 -16.12 -17.68 -23.50
N LEU C 4331 -15.91 -18.02 -22.21
CA LEU C 4331 -14.66 -17.59 -21.58
C LEU C 4331 -13.44 -18.29 -22.18
N ALA C 4332 -13.57 -19.55 -22.62
CA ALA C 4332 -12.45 -20.20 -23.27
C ALA C 4332 -12.07 -19.48 -24.56
N ALA C 4333 -13.05 -19.12 -25.39
CA ALA C 4333 -12.77 -18.42 -26.63
C ALA C 4333 -12.19 -17.03 -26.35
N LEU C 4334 -12.72 -16.33 -25.34
CA LEU C 4334 -12.19 -15.02 -25.00
C LEU C 4334 -10.74 -15.10 -24.55
N LEU C 4335 -10.44 -16.07 -23.68
CA LEU C 4335 -9.07 -16.23 -23.20
C LEU C 4335 -8.12 -16.59 -24.34
N TRP C 4336 -8.56 -17.49 -25.24
CA TRP C 4336 -7.71 -17.83 -26.37
C TRP C 4336 -7.47 -16.63 -27.27
N ALA C 4337 -8.51 -15.81 -27.50
CA ALA C 4337 -8.34 -14.63 -28.32
C ALA C 4337 -7.36 -13.64 -27.68
N VAL C 4338 -7.47 -13.43 -26.38
CA VAL C 4338 -6.54 -12.52 -25.70
C VAL C 4338 -5.12 -13.05 -25.76
N VAL C 4339 -4.95 -14.36 -25.55
CA VAL C 4339 -3.60 -14.94 -25.60
C VAL C 4339 -3.01 -14.81 -27.00
N ALA C 4340 -3.81 -15.09 -28.04
CA ALA C 4340 -3.31 -14.99 -29.41
C ALA C 4340 -2.98 -13.55 -29.77
N ARG C 4341 -3.81 -12.59 -29.33
CA ARG C 4341 -3.59 -11.20 -29.68
C ARG C 4341 -2.29 -10.66 -29.09
N ALA C 4342 -2.10 -10.85 -27.79
CA ALA C 4342 -0.92 -10.37 -27.08
C ALA C 4342 -0.15 -11.55 -26.51
N GLY C 4343 1.14 -11.62 -26.86
CA GLY C 4343 1.98 -12.69 -26.36
C GLY C 4343 1.64 -14.05 -26.95
N ALA C 4344 1.82 -14.21 -28.25
CA ALA C 4344 1.52 -15.46 -28.93
C ALA C 4344 2.56 -16.53 -28.58
N VAL C 4549 18.22 -31.71 -47.85
CA VAL C 4549 18.55 -30.42 -47.24
C VAL C 4549 17.29 -29.66 -46.91
N LYS C 4550 16.18 -30.04 -47.53
CA LYS C 4550 14.89 -29.39 -47.31
C LYS C 4550 14.06 -30.08 -46.24
N PHE C 4551 14.55 -31.18 -45.66
CA PHE C 4551 13.78 -31.90 -44.65
C PHE C 4551 13.65 -31.11 -43.35
N LEU C 4552 14.53 -30.14 -43.12
CA LEU C 4552 14.39 -29.21 -42.00
C LEU C 4552 14.21 -27.77 -42.46
N ASN C 4553 14.05 -27.53 -43.76
CA ASN C 4553 13.94 -26.17 -44.27
C ASN C 4553 12.63 -25.53 -43.84
N TYR C 4554 11.50 -26.16 -44.21
CA TYR C 4554 10.20 -25.64 -43.82
C TYR C 4554 9.93 -25.79 -42.33
N LEU C 4555 10.62 -26.70 -41.66
CA LEU C 4555 10.43 -26.92 -40.23
C LEU C 4555 11.20 -25.92 -39.38
N SER C 4556 12.16 -25.20 -39.95
CA SER C 4556 12.97 -24.26 -39.21
C SER C 4556 12.34 -22.87 -39.13
N ARG C 4557 11.82 -22.37 -40.25
CA ARG C 4557 11.21 -21.05 -40.25
C ARG C 4557 9.87 -21.02 -39.53
N ASN C 4558 9.20 -22.16 -39.43
CA ASN C 4558 7.88 -22.24 -38.82
C ASN C 4558 7.91 -22.75 -37.39
N PHE C 4559 9.10 -22.80 -36.77
CA PHE C 4559 9.19 -23.28 -35.40
C PHE C 4559 8.43 -22.37 -34.44
N TYR C 4560 8.53 -21.05 -34.64
CA TYR C 4560 7.78 -20.12 -33.79
C TYR C 4560 6.28 -20.31 -33.96
N THR C 4561 5.82 -20.52 -35.19
CA THR C 4561 4.43 -20.87 -35.43
C THR C 4561 4.10 -22.27 -34.94
N LEU C 4562 5.07 -23.18 -34.97
CA LEU C 4562 4.85 -24.53 -34.44
C LEU C 4562 4.57 -24.50 -32.95
N ARG C 4563 5.28 -23.64 -32.21
CA ARG C 4563 5.00 -23.51 -30.78
C ARG C 4563 3.61 -22.94 -30.53
N PHE C 4564 3.18 -21.97 -31.34
CA PHE C 4564 1.82 -21.45 -31.21
C PHE C 4564 0.79 -22.53 -31.51
N LEU C 4565 1.07 -23.37 -32.51
CA LEU C 4565 0.16 -24.47 -32.83
C LEU C 4565 0.08 -25.46 -31.66
N ALA C 4566 1.22 -25.76 -31.05
CA ALA C 4566 1.24 -26.63 -29.88
C ALA C 4566 0.47 -26.01 -28.72
N LEU C 4567 0.61 -24.70 -28.51
CA LEU C 4567 -0.15 -24.02 -27.47
C LEU C 4567 -1.64 -24.09 -27.74
N PHE C 4568 -2.04 -23.94 -29.01
CA PHE C 4568 -3.45 -24.06 -29.37
C PHE C 4568 -3.97 -25.46 -29.06
N LEU C 4569 -3.19 -26.49 -29.39
CA LEU C 4569 -3.60 -27.86 -29.06
C LEU C 4569 -3.69 -28.07 -27.56
N ALA C 4570 -2.75 -27.52 -26.80
CA ALA C 4570 -2.80 -27.64 -25.34
C ALA C 4570 -4.05 -26.98 -24.79
N PHE C 4571 -4.39 -25.79 -25.30
CA PHE C 4571 -5.60 -25.11 -24.86
C PHE C 4571 -6.84 -25.92 -25.21
N ALA C 4572 -6.88 -26.51 -26.41
CA ALA C 4572 -8.03 -27.29 -26.82
C ALA C 4572 -8.21 -28.51 -25.92
N ILE C 4573 -7.13 -29.25 -25.67
CA ILE C 4573 -7.24 -30.45 -24.84
C ILE C 4573 -7.58 -30.08 -23.40
N ASN C 4574 -7.07 -28.94 -22.92
CA ASN C 4574 -7.44 -28.48 -21.58
C ASN C 4574 -8.93 -28.14 -21.52
N PHE C 4575 -9.46 -27.54 -22.58
CA PHE C 4575 -10.88 -27.23 -22.62
C PHE C 4575 -11.74 -28.49 -22.62
N ILE C 4576 -11.34 -29.49 -23.42
CA ILE C 4576 -12.09 -30.75 -23.41
C ILE C 4576 -11.93 -31.51 -22.10
N LEU C 4577 -10.84 -31.29 -21.37
CA LEU C 4577 -10.63 -31.96 -20.09
C LEU C 4577 -11.61 -31.51 -19.02
N LEU C 4578 -12.37 -30.43 -19.26
CA LEU C 4578 -13.29 -29.89 -18.26
C LEU C 4578 -14.62 -30.65 -18.19
N PHE C 4579 -14.83 -31.65 -19.05
CA PHE C 4579 -16.07 -32.41 -19.08
C PHE C 4579 -15.93 -33.80 -18.46
N TYR C 4580 -15.00 -33.96 -17.53
CA TYR C 4580 -14.80 -35.26 -16.90
C TYR C 4580 -15.84 -35.49 -15.81
N LYS C 4581 -16.05 -36.76 -15.48
CA LYS C 4581 -17.00 -37.15 -14.43
C LYS C 4581 -16.54 -38.45 -13.81
N VAL C 4582 -17.04 -38.70 -12.59
CA VAL C 4582 -16.76 -39.94 -11.87
C VAL C 4582 -18.08 -40.57 -11.45
N SER C 4583 -18.16 -41.89 -11.55
CA SER C 4583 -19.36 -42.62 -11.15
C SER C 4583 -18.98 -44.07 -10.87
N ASP C 4584 -19.84 -44.75 -10.11
CA ASP C 4584 -19.63 -46.15 -9.80
C ASP C 4584 -20.20 -47.08 -10.85
N SER C 4585 -21.19 -46.63 -11.63
CA SER C 4585 -21.77 -47.45 -12.67
C SER C 4585 -20.77 -47.63 -13.82
N PRO C 4586 -20.86 -48.74 -14.55
CA PRO C 4586 -19.98 -48.91 -15.70
C PRO C 4586 -20.23 -47.85 -16.75
N PRO C 4587 -19.19 -47.42 -17.48
CA PRO C 4587 -19.29 -46.41 -18.53
C PRO C 4587 -20.35 -46.75 -19.58
N ASN C 4626 -15.69 -49.01 -7.78
CA ASN C 4626 -14.52 -48.46 -8.45
C ASN C 4626 -14.88 -47.25 -9.30
N MET C 4627 -14.34 -46.09 -8.93
CA MET C 4627 -14.62 -44.87 -9.67
C MET C 4627 -13.98 -44.94 -11.06
N VAL C 4628 -14.70 -44.44 -12.06
CA VAL C 4628 -14.24 -44.43 -13.45
C VAL C 4628 -14.27 -43.00 -13.96
N TYR C 4629 -13.34 -42.69 -14.86
CA TYR C 4629 -13.25 -41.38 -15.49
C TYR C 4629 -13.84 -41.47 -16.89
N TYR C 4630 -15.02 -40.88 -17.08
CA TYR C 4630 -15.70 -40.94 -18.36
C TYR C 4630 -16.06 -39.56 -18.88
N PHE C 4631 -16.80 -39.50 -19.97
CA PHE C 4631 -17.17 -38.24 -20.63
C PHE C 4631 -18.66 -38.00 -20.52
N LEU C 4632 -19.03 -36.74 -20.33
CA LEU C 4632 -20.43 -36.29 -20.37
C LEU C 4632 -20.54 -35.28 -21.50
N GLU C 4633 -21.12 -35.69 -22.62
CA GLU C 4633 -21.24 -34.86 -23.81
C GLU C 4633 -22.70 -34.68 -24.18
N GLU C 4634 -23.05 -33.46 -24.59
CA GLU C 4634 -24.41 -33.14 -24.99
C GLU C 4634 -24.60 -33.56 -26.45
N SER C 4635 -24.78 -34.87 -26.64
CA SER C 4635 -25.00 -35.49 -27.94
C SER C 4635 -23.82 -35.35 -28.89
N THR C 4636 -22.66 -34.90 -28.39
CA THR C 4636 -21.46 -34.78 -29.21
C THR C 4636 -20.58 -36.00 -28.95
N GLY C 4637 -20.85 -37.07 -29.69
CA GLY C 4637 -20.12 -38.30 -29.52
C GLY C 4637 -18.74 -38.30 -30.13
N TYR C 4638 -18.38 -37.26 -30.88
CA TYR C 4638 -17.07 -37.15 -31.49
C TYR C 4638 -16.06 -36.43 -30.61
N MET C 4639 -16.26 -36.45 -29.28
CA MET C 4639 -15.39 -35.73 -28.37
C MET C 4639 -14.18 -36.56 -27.93
N GLU C 4640 -14.39 -37.82 -27.56
CA GLU C 4640 -13.27 -38.68 -27.19
C GLU C 4640 -12.32 -38.94 -28.36
N PRO C 4641 -12.77 -39.29 -29.57
CA PRO C 4641 -11.82 -39.37 -30.69
C PRO C 4641 -11.12 -38.06 -30.98
N ALA C 4642 -11.82 -36.93 -30.82
CA ALA C 4642 -11.17 -35.64 -31.01
C ALA C 4642 -10.05 -35.43 -29.99
N LEU C 4643 -10.30 -35.79 -28.73
CA LEU C 4643 -9.27 -35.67 -27.71
C LEU C 4643 -8.09 -36.59 -28.00
N TRP C 4644 -8.36 -37.81 -28.47
CA TRP C 4644 -7.28 -38.74 -28.80
C TRP C 4644 -6.43 -38.20 -29.95
N CYS C 4645 -7.07 -37.71 -31.01
CA CYS C 4645 -6.35 -37.14 -32.13
C CYS C 4645 -5.57 -35.90 -31.71
N LEU C 4646 -6.16 -35.07 -30.86
CA LEU C 4646 -5.47 -33.87 -30.39
C LEU C 4646 -4.25 -34.22 -29.54
N SER C 4647 -4.36 -35.25 -28.70
CA SER C 4647 -3.21 -35.68 -27.91
C SER C 4647 -2.09 -36.22 -28.81
N LEU C 4648 -2.45 -37.02 -29.82
CA LEU C 4648 -1.45 -37.52 -30.74
C LEU C 4648 -0.77 -36.39 -31.50
N LEU C 4649 -1.56 -35.42 -31.99
CA LEU C 4649 -0.98 -34.29 -32.70
C LEU C 4649 -0.14 -33.42 -31.78
N HIS C 4650 -0.53 -33.31 -30.50
CA HIS C 4650 0.25 -32.54 -29.54
C HIS C 4650 1.61 -33.18 -29.26
N THR C 4651 1.65 -34.50 -29.04
CA THR C 4651 2.95 -35.14 -28.88
C THR C 4651 3.77 -35.10 -30.17
N LEU C 4652 3.13 -35.18 -31.33
CA LEU C 4652 3.87 -35.05 -32.59
C LEU C 4652 4.46 -33.67 -32.76
N VAL C 4653 3.71 -32.62 -32.43
CA VAL C 4653 4.22 -31.27 -32.58
C VAL C 4653 5.28 -30.98 -31.52
N ALA C 4654 5.17 -31.58 -30.34
CA ALA C 4654 6.24 -31.47 -29.36
C ALA C 4654 7.52 -32.10 -29.87
N PHE C 4655 7.41 -33.27 -30.50
CA PHE C 4655 8.58 -33.90 -31.12
C PHE C 4655 9.16 -33.02 -32.22
N LEU C 4656 8.30 -32.42 -33.04
CA LEU C 4656 8.78 -31.54 -34.10
C LEU C 4656 9.51 -30.32 -33.53
N CYS C 4657 8.97 -29.74 -32.45
CA CYS C 4657 9.62 -28.59 -31.83
C CYS C 4657 10.98 -28.96 -31.24
N ILE C 4658 11.06 -30.10 -30.55
CA ILE C 4658 12.34 -30.51 -29.98
C ILE C 4658 13.32 -30.89 -31.07
N ILE C 4659 12.84 -31.34 -32.23
CA ILE C 4659 13.72 -31.60 -33.36
C ILE C 4659 14.24 -30.29 -33.95
N GLY C 4660 13.37 -29.29 -34.08
CA GLY C 4660 13.78 -28.04 -34.68
C GLY C 4660 14.67 -27.20 -33.80
N TYR C 4661 14.54 -27.34 -32.47
CA TYR C 4661 15.34 -26.52 -31.57
C TYR C 4661 16.83 -26.80 -31.72
N ASN C 4662 17.21 -28.07 -31.86
CA ASN C 4662 18.63 -28.41 -31.93
C ASN C 4662 19.28 -27.86 -33.20
N CYS C 4663 18.48 -27.54 -34.22
CA CYS C 4663 18.98 -26.95 -35.45
C CYS C 4663 18.78 -25.45 -35.55
N LEU C 4664 17.95 -24.87 -34.69
CA LEU C 4664 17.67 -23.43 -34.78
C LEU C 4664 18.50 -22.61 -33.79
N LYS C 4665 18.41 -22.93 -32.49
CA LYS C 4665 19.09 -22.14 -31.45
C LYS C 4665 20.30 -22.82 -30.84
N VAL C 4666 20.38 -24.16 -30.89
CA VAL C 4666 21.56 -24.85 -30.34
C VAL C 4666 22.85 -24.40 -31.01
N PRO C 4667 22.92 -24.27 -32.35
CA PRO C 4667 24.18 -23.75 -32.93
C PRO C 4667 24.57 -22.39 -32.38
N LEU C 4668 23.61 -21.51 -32.11
CA LEU C 4668 23.94 -20.19 -31.58
C LEU C 4668 24.58 -20.28 -30.21
N VAL C 4669 24.01 -21.09 -29.31
CA VAL C 4669 24.54 -21.17 -27.95
C VAL C 4669 25.88 -21.88 -27.94
N ILE C 4670 26.04 -22.94 -28.76
CA ILE C 4670 27.34 -23.61 -28.78
C ILE C 4670 28.40 -22.72 -29.42
N PHE C 4671 28.01 -21.89 -30.39
CA PHE C 4671 28.94 -20.93 -30.97
C PHE C 4671 29.35 -19.88 -29.95
N LYS C 4672 28.40 -19.42 -29.12
CA LYS C 4672 28.74 -18.48 -28.06
C LYS C 4672 29.70 -19.10 -27.05
N ARG C 4673 29.46 -20.37 -26.68
CA ARG C 4673 30.37 -21.05 -25.77
C ARG C 4673 31.77 -21.18 -26.37
N GLU C 4674 31.84 -21.55 -27.66
CA GLU C 4674 33.14 -21.63 -28.32
C GLU C 4674 33.82 -20.27 -28.38
N LYS C 4675 33.03 -19.21 -28.62
CA LYS C 4675 33.58 -17.85 -28.61
C LYS C 4675 34.20 -17.52 -27.26
N GLU C 4676 33.47 -17.74 -26.17
CA GLU C 4676 34.00 -17.40 -24.85
C GLU C 4676 35.21 -18.25 -24.52
N LEU C 4677 35.20 -19.53 -24.92
CA LEU C 4677 36.36 -20.38 -24.70
C LEU C 4677 37.58 -19.88 -25.46
N ALA C 4678 37.39 -19.46 -26.70
CA ALA C 4678 38.51 -18.94 -27.49
C ALA C 4678 39.05 -17.65 -26.90
N ARG C 4679 38.16 -16.73 -26.48
CA ARG C 4679 38.62 -15.51 -25.84
C ARG C 4679 39.41 -15.80 -24.57
N LYS C 4680 38.91 -16.73 -23.75
CA LYS C 4680 39.64 -17.08 -22.53
C LYS C 4680 41.02 -17.66 -22.87
N LEU C 4681 41.06 -18.62 -23.79
CA LEU C 4681 42.32 -19.28 -24.12
C LEU C 4681 43.33 -18.31 -24.71
N GLU C 4682 42.87 -17.36 -25.51
CA GLU C 4682 43.78 -16.42 -26.15
C GLU C 4682 44.22 -15.31 -25.21
N PHE C 4683 43.27 -14.50 -24.73
CA PHE C 4683 43.63 -13.34 -23.92
C PHE C 4683 44.10 -13.74 -22.52
N ASP C 4684 43.39 -14.66 -21.87
CA ASP C 4684 43.72 -15.00 -20.48
C ASP C 4684 44.64 -16.22 -20.38
N GLY C 4685 44.47 -17.20 -21.25
CA GLY C 4685 45.26 -18.42 -21.14
C GLY C 4685 45.01 -19.18 -19.86
N LEU C 4686 43.73 -19.32 -19.54
CA LEU C 4686 43.33 -19.95 -18.28
C LEU C 4686 43.67 -21.43 -18.30
N TYR C 4687 43.35 -22.15 -19.37
CA TYR C 4687 43.53 -23.62 -19.33
C TYR C 4687 45.00 -24.02 -19.20
N ILE C 4688 45.90 -23.40 -19.94
CA ILE C 4688 47.33 -23.82 -19.92
C ILE C 4688 48.00 -23.39 -18.62
N THR C 4689 47.70 -22.17 -18.14
CA THR C 4689 48.37 -21.63 -16.94
C THR C 4689 47.48 -21.72 -15.70
N GLU C 4690 46.28 -21.15 -15.75
CA GLU C 4690 45.33 -21.15 -14.60
C GLU C 4690 44.76 -22.54 -14.34
N GLN C 4691 44.30 -23.24 -15.37
CA GLN C 4691 43.77 -24.63 -15.23
C GLN C 4691 42.72 -24.71 -14.11
N PRO C 4692 41.62 -23.93 -14.13
CA PRO C 4692 40.55 -24.03 -13.12
C PRO C 4692 39.43 -25.03 -13.40
N GLY C 4693 39.74 -26.32 -13.53
CA GLY C 4693 38.69 -27.35 -13.71
C GLY C 4693 37.90 -27.62 -12.44
N ASP C 4694 38.58 -27.82 -11.30
CA ASP C 4694 37.92 -28.17 -10.03
C ASP C 4694 36.99 -27.07 -9.53
N ASP C 4695 37.37 -25.81 -9.75
CA ASP C 4695 36.57 -24.68 -9.21
C ASP C 4695 35.18 -24.62 -9.81
N ASP C 4696 35.02 -24.86 -11.12
CA ASP C 4696 33.68 -24.67 -11.74
C ASP C 4696 33.23 -25.90 -12.54
N VAL C 4697 31.92 -26.04 -12.74
CA VAL C 4697 31.36 -27.18 -13.55
C VAL C 4697 31.75 -27.00 -15.03
N LYS C 4698 31.68 -25.78 -15.55
CA LYS C 4698 31.97 -25.52 -16.98
C LYS C 4698 33.45 -25.79 -17.28
N GLY C 4699 34.36 -25.35 -16.40
CA GLY C 4699 35.78 -25.60 -16.62
C GLY C 4699 36.11 -27.06 -16.79
N GLN C 4700 35.48 -27.92 -15.97
CA GLN C 4700 35.67 -29.36 -16.16
C GLN C 4700 35.11 -29.83 -17.49
N TRP C 4701 33.94 -29.34 -17.87
CA TRP C 4701 33.29 -29.83 -19.08
C TRP C 4701 34.01 -29.38 -20.35
N ASP C 4702 34.60 -28.18 -20.34
CA ASP C 4702 35.25 -27.66 -21.54
C ASP C 4702 36.61 -28.30 -21.79
N ARG C 4703 37.11 -29.11 -20.85
CA ARG C 4703 38.42 -29.73 -21.04
C ARG C 4703 38.42 -30.74 -22.18
N LEU C 4704 37.27 -31.36 -22.45
CA LEU C 4704 37.21 -32.39 -23.48
C LEU C 4704 37.34 -31.79 -24.88
N VAL C 4705 36.79 -30.60 -25.10
CA VAL C 4705 36.73 -30.04 -26.44
C VAL C 4705 38.12 -29.59 -26.91
N LEU C 4706 39.05 -29.37 -25.99
CA LEU C 4706 40.37 -28.87 -26.37
C LEU C 4706 41.11 -29.87 -27.24
N ASN C 4707 41.07 -31.16 -26.88
CA ASN C 4707 41.81 -32.17 -27.62
C ASN C 4707 41.15 -32.53 -28.94
N THR C 4708 39.91 -32.11 -29.17
CA THR C 4708 39.19 -32.48 -30.37
C THR C 4708 39.78 -31.77 -31.59
N PRO C 4709 39.96 -32.49 -32.70
CA PRO C 4709 40.41 -31.85 -33.94
C PRO C 4709 39.35 -30.96 -34.59
N SER C 4710 38.10 -31.01 -34.13
CA SER C 4710 37.00 -30.25 -34.74
C SER C 4710 36.47 -29.21 -33.75
N PHE C 4711 37.40 -28.57 -33.04
CA PHE C 4711 37.02 -27.50 -32.12
C PHE C 4711 36.34 -26.33 -32.84
N PRO C 4712 36.90 -25.75 -33.93
CA PRO C 4712 36.25 -24.60 -34.57
C PRO C 4712 35.19 -25.02 -35.61
N SER C 4713 34.25 -25.85 -35.18
CA SER C 4713 33.16 -26.25 -36.08
C SER C 4713 32.25 -25.07 -36.40
N ASN C 4714 31.89 -24.28 -35.38
CA ASN C 4714 31.05 -23.10 -35.56
C ASN C 4714 31.83 -21.80 -35.52
N TYR C 4715 32.95 -21.76 -34.80
CA TYR C 4715 33.78 -20.57 -34.74
C TYR C 4715 34.40 -20.30 -36.11
N TRP C 4716 34.42 -19.01 -36.49
CA TRP C 4716 34.94 -18.64 -37.80
C TRP C 4716 36.44 -18.95 -37.92
N ASP C 4717 37.21 -18.67 -36.87
CA ASP C 4717 38.65 -18.89 -36.90
C ASP C 4717 38.93 -20.37 -36.71
N LYS C 4718 39.37 -21.04 -37.78
CA LYS C 4718 39.72 -22.45 -37.74
C LYS C 4718 41.17 -22.68 -37.32
N PHE C 4719 41.93 -21.62 -37.08
CA PHE C 4719 43.33 -21.72 -36.67
C PHE C 4719 43.55 -21.06 -35.32
N VAL C 4720 42.60 -21.27 -34.39
CA VAL C 4720 42.78 -20.75 -33.04
C VAL C 4720 43.83 -21.51 -32.25
N LYS C 4721 44.26 -22.68 -32.74
CA LYS C 4721 45.34 -23.42 -32.10
C LYS C 4721 46.72 -22.93 -32.49
N ARG C 4722 46.88 -22.33 -33.66
CA ARG C 4722 48.19 -21.86 -34.09
C ARG C 4722 48.58 -20.53 -33.47
N LYS C 4723 47.68 -19.89 -32.72
CA LYS C 4723 47.94 -18.61 -32.09
C LYS C 4723 48.43 -18.79 -30.64
N VAL C 4724 47.77 -19.66 -29.88
CA VAL C 4724 48.11 -19.78 -28.47
C VAL C 4724 49.39 -20.59 -28.26
N LEU C 4725 49.79 -21.40 -29.23
CA LEU C 4725 51.05 -22.14 -29.11
C LEU C 4725 52.28 -21.26 -29.33
N ASP C 4726 52.13 -20.04 -29.83
CA ASP C 4726 53.22 -19.08 -29.81
C ASP C 4726 52.97 -17.90 -28.88
N LYS C 4727 51.71 -17.66 -28.48
CA LYS C 4727 51.46 -16.67 -27.45
C LYS C 4727 52.06 -17.10 -26.10
N HIS C 4728 51.92 -18.38 -25.75
CA HIS C 4728 52.47 -18.92 -24.51
C HIS C 4728 53.42 -20.10 -24.76
N GLY C 4729 53.97 -20.21 -25.96
CA GLY C 4729 54.86 -21.31 -26.28
C GLY C 4729 56.30 -21.13 -25.88
N ASP C 4730 56.65 -20.01 -25.24
CA ASP C 4730 58.02 -19.75 -24.81
C ASP C 4730 58.23 -20.01 -23.33
N ILE C 4731 57.40 -19.41 -22.47
CA ILE C 4731 57.52 -19.66 -21.03
C ILE C 4731 57.18 -21.10 -20.71
N PHE C 4732 56.11 -21.62 -21.32
CA PHE C 4732 55.66 -22.98 -21.10
C PHE C 4732 56.09 -23.87 -22.25
N GLY C 4733 56.32 -25.15 -21.93
CA GLY C 4733 56.77 -26.08 -22.96
C GLY C 4733 55.76 -26.22 -24.07
N ARG C 4734 56.25 -26.14 -25.31
CA ARG C 4734 55.37 -26.28 -26.47
C ARG C 4734 54.81 -27.68 -26.59
N GLU C 4735 55.59 -28.69 -26.18
CA GLU C 4735 55.13 -30.07 -26.26
C GLU C 4735 53.94 -30.34 -25.35
N ARG C 4736 53.77 -29.57 -24.28
CA ARG C 4736 52.63 -29.73 -23.40
C ARG C 4736 51.37 -29.09 -23.98
N ILE C 4737 51.51 -27.86 -24.50
CA ILE C 4737 50.37 -27.19 -25.10
C ILE C 4737 49.90 -27.91 -26.37
N ALA C 4738 50.84 -28.46 -27.14
CA ALA C 4738 50.46 -29.18 -28.35
C ALA C 4738 49.60 -30.40 -28.04
N GLU C 4739 49.97 -31.15 -27.01
CA GLU C 4739 49.20 -32.33 -26.63
C GLU C 4739 47.90 -31.93 -25.93
N LEU C 4740 47.93 -30.84 -25.17
CA LEU C 4740 46.73 -30.41 -24.44
C LEU C 4740 45.62 -29.99 -25.40
N LEU C 4741 45.97 -29.31 -26.48
CA LEU C 4741 44.99 -28.77 -27.42
C LEU C 4741 44.83 -29.62 -28.68
N GLY C 4742 45.39 -30.83 -28.69
CA GLY C 4742 45.21 -31.75 -29.79
C GLY C 4742 46.04 -31.47 -31.02
N MET C 4743 47.05 -30.59 -30.93
CA MET C 4743 47.90 -30.32 -32.07
C MET C 4743 48.71 -31.54 -32.44
N ASP C 4744 48.58 -31.99 -33.68
CA ASP C 4744 49.29 -33.17 -34.16
C ASP C 4744 49.87 -32.89 -35.54
N LEU C 4745 50.93 -33.63 -35.87
CA LEU C 4745 51.62 -33.50 -37.15
C LEU C 4745 52.08 -32.07 -37.41
N MET C 4769 35.77 -43.12 -40.16
CA MET C 4769 35.59 -41.93 -40.97
C MET C 4769 35.92 -40.67 -40.18
N SER C 4770 34.90 -40.06 -39.59
CA SER C 4770 35.05 -38.84 -38.79
C SER C 4770 34.17 -38.96 -37.55
N ILE C 4771 34.76 -39.40 -36.45
CA ILE C 4771 34.05 -39.61 -35.19
C ILE C 4771 34.72 -38.75 -34.13
N ASP C 4772 34.15 -37.57 -33.87
CA ASP C 4772 34.62 -36.71 -32.78
C ASP C 4772 33.83 -37.04 -31.53
N VAL C 4773 34.29 -38.06 -30.81
CA VAL C 4773 33.58 -38.53 -29.62
C VAL C 4773 33.58 -37.47 -28.53
N LYS C 4774 34.75 -36.90 -28.23
CA LYS C 4774 34.86 -35.92 -27.16
C LYS C 4774 34.05 -34.67 -27.48
N TYR C 4775 34.10 -34.21 -28.73
CA TYR C 4775 33.25 -33.10 -29.14
C TYR C 4775 31.77 -33.48 -29.06
N GLN C 4776 31.44 -34.73 -29.34
CA GLN C 4776 30.04 -35.15 -29.25
C GLN C 4776 29.53 -35.11 -27.82
N ILE C 4777 30.31 -35.61 -26.86
CA ILE C 4777 29.85 -35.58 -25.47
C ILE C 4777 29.83 -34.15 -24.95
N TRP C 4778 30.78 -33.32 -25.39
CA TRP C 4778 30.72 -31.90 -25.04
C TRP C 4778 29.45 -31.25 -25.56
N LYS C 4779 29.08 -31.53 -26.81
CA LYS C 4779 27.85 -30.99 -27.38
C LYS C 4779 26.63 -31.47 -26.61
N PHE C 4780 26.60 -32.76 -26.27
CA PHE C 4780 25.48 -33.26 -25.48
C PHE C 4780 25.39 -32.54 -24.14
N GLY C 4781 26.54 -32.33 -23.49
CA GLY C 4781 26.54 -31.64 -22.22
C GLY C 4781 25.99 -30.23 -22.32
N VAL C 4782 26.44 -29.47 -23.33
CA VAL C 4782 25.99 -28.08 -23.41
C VAL C 4782 24.52 -28.02 -23.78
N ILE C 4783 24.05 -28.89 -24.69
CA ILE C 4783 22.65 -28.82 -25.09
C ILE C 4783 21.73 -29.28 -23.96
N PHE C 4784 22.10 -30.32 -23.20
CA PHE C 4784 21.26 -30.71 -22.07
C PHE C 4784 21.42 -29.79 -20.86
N THR C 4785 22.45 -28.96 -20.82
CA THR C 4785 22.58 -27.96 -19.78
C THR C 4785 21.84 -26.67 -20.10
N ASP C 4786 21.38 -26.50 -21.34
CA ASP C 4786 20.69 -25.28 -21.74
C ASP C 4786 19.34 -25.17 -21.06
N ASN C 4787 18.98 -23.95 -20.65
CA ASN C 4787 17.71 -23.72 -19.96
C ASN C 4787 16.52 -23.93 -20.90
N SER C 4788 16.57 -23.34 -22.09
CA SER C 4788 15.46 -23.48 -23.03
C SER C 4788 15.34 -24.91 -23.53
N PHE C 4789 16.48 -25.57 -23.78
CA PHE C 4789 16.44 -26.98 -24.17
C PHE C 4789 15.86 -27.84 -23.06
N LEU C 4790 16.22 -27.56 -21.81
CA LEU C 4790 15.65 -28.29 -20.68
C LEU C 4790 14.15 -28.07 -20.59
N TYR C 4791 13.69 -26.84 -20.79
CA TYR C 4791 12.26 -26.55 -20.76
C TYR C 4791 11.52 -27.29 -21.86
N LEU C 4792 12.10 -27.31 -23.07
CA LEU C 4792 11.45 -28.02 -24.18
C LEU C 4792 11.44 -29.52 -23.94
N GLY C 4793 12.51 -30.06 -23.36
CA GLY C 4793 12.52 -31.47 -23.02
C GLY C 4793 11.50 -31.82 -21.96
N TRP C 4794 11.34 -30.94 -20.97
CA TRP C 4794 10.30 -31.13 -19.96
C TRP C 4794 8.92 -31.09 -20.58
N TYR C 4795 8.69 -30.17 -21.52
CA TYR C 4795 7.41 -30.13 -22.22
C TYR C 4795 7.17 -31.42 -23.00
N MET C 4796 8.19 -31.92 -23.68
CA MET C 4796 8.05 -33.15 -24.45
C MET C 4796 7.77 -34.34 -23.54
N VAL C 4797 8.46 -34.44 -22.40
CA VAL C 4797 8.24 -35.57 -21.51
C VAL C 4797 6.86 -35.46 -20.85
N MET C 4798 6.39 -34.24 -20.58
CA MET C 4798 5.03 -34.07 -20.07
C MET C 4798 4.00 -34.49 -21.10
N SER C 4799 4.24 -34.15 -22.38
CA SER C 4799 3.34 -34.59 -23.43
C SER C 4799 3.33 -36.11 -23.54
N LEU C 4800 4.50 -36.74 -23.43
CA LEU C 4800 4.55 -38.20 -23.46
C LEU C 4800 3.81 -38.80 -22.27
N LEU C 4801 3.98 -38.23 -21.08
CA LEU C 4801 3.26 -38.71 -19.90
C LEU C 4801 1.77 -38.43 -19.99
N GLY C 4802 1.34 -37.49 -20.83
CA GLY C 4802 -0.07 -37.21 -21.00
C GLY C 4802 -0.85 -38.35 -21.63
N HIS C 4803 -0.17 -39.25 -22.34
CA HIS C 4803 -0.85 -40.43 -22.87
C HIS C 4803 -1.24 -41.40 -21.75
N TYR C 4804 -0.41 -41.50 -20.71
CA TYR C 4804 -0.76 -42.33 -19.56
C TYR C 4804 -2.01 -41.81 -18.87
N ASN C 4805 -2.09 -40.50 -18.69
CA ASN C 4805 -3.26 -39.84 -18.13
C ASN C 4805 -3.40 -38.47 -18.74
N ASN C 4806 -4.59 -38.17 -19.27
CA ASN C 4806 -4.81 -36.89 -19.94
C ASN C 4806 -4.67 -35.70 -19.01
N PHE C 4807 -4.82 -35.90 -17.70
CA PHE C 4807 -4.73 -34.80 -16.75
C PHE C 4807 -3.30 -34.26 -16.63
N PHE C 4808 -2.30 -35.01 -17.10
CA PHE C 4808 -0.94 -34.50 -17.11
C PHE C 4808 -0.77 -33.35 -18.09
N PHE C 4809 -1.70 -33.17 -19.03
CA PHE C 4809 -1.60 -32.09 -20.00
C PHE C 4809 -1.90 -30.72 -19.40
N ALA C 4810 -2.40 -30.67 -18.17
CA ALA C 4810 -2.68 -29.38 -17.54
C ALA C 4810 -1.40 -28.57 -17.28
N ALA C 4811 -0.26 -29.25 -17.14
CA ALA C 4811 1.00 -28.54 -16.92
C ALA C 4811 1.42 -27.69 -18.11
N HIS C 4812 0.92 -28.01 -19.31
CA HIS C 4812 1.27 -27.24 -20.50
C HIS C 4812 0.60 -25.87 -20.54
N LEU C 4813 -0.35 -25.59 -19.64
CA LEU C 4813 -0.97 -24.28 -19.58
C LEU C 4813 -0.02 -23.21 -19.05
N LEU C 4814 1.12 -23.60 -18.49
CA LEU C 4814 2.10 -22.63 -17.99
C LEU C 4814 2.93 -22.02 -19.11
N ASP C 4815 2.81 -22.52 -20.34
CA ASP C 4815 3.55 -21.93 -21.45
C ASP C 4815 3.08 -20.51 -21.75
N ILE C 4816 1.82 -20.20 -21.46
CA ILE C 4816 1.32 -18.85 -21.70
C ILE C 4816 1.99 -17.86 -20.76
N ALA C 4817 2.46 -18.31 -19.59
CA ALA C 4817 3.14 -17.42 -18.67
C ALA C 4817 4.45 -16.91 -19.25
N MET C 4818 5.23 -17.79 -19.88
CA MET C 4818 6.49 -17.37 -20.48
C MET C 4818 6.27 -16.63 -21.80
N GLY C 4819 5.11 -16.82 -22.43
CA GLY C 4819 4.87 -16.17 -23.71
C GLY C 4819 4.78 -14.67 -23.61
N VAL C 4820 4.12 -14.16 -22.56
CA VAL C 4820 3.87 -12.74 -22.39
C VAL C 4820 4.77 -12.21 -21.27
N LYS C 4821 5.25 -10.99 -21.43
CA LYS C 4821 6.25 -10.44 -20.52
C LYS C 4821 5.71 -10.27 -19.11
N THR C 4822 4.46 -9.80 -18.97
CA THR C 4822 3.96 -9.45 -17.64
C THR C 4822 3.71 -10.70 -16.79
N LEU C 4823 3.25 -11.80 -17.40
CA LEU C 4823 3.10 -13.03 -16.64
C LEU C 4823 4.45 -13.56 -16.20
N ARG C 4824 5.47 -13.46 -17.05
CA ARG C 4824 6.82 -13.81 -16.65
C ARG C 4824 7.30 -12.94 -15.50
N THR C 4825 6.95 -11.65 -15.54
CA THR C 4825 7.28 -10.74 -14.45
C THR C 4825 6.61 -11.19 -13.15
N ILE C 4826 5.34 -11.58 -13.22
CA ILE C 4826 4.63 -12.05 -12.04
C ILE C 4826 5.30 -13.31 -11.48
N LEU C 4827 5.67 -14.24 -12.36
CA LEU C 4827 6.33 -15.46 -11.90
C LEU C 4827 7.69 -15.16 -11.27
N SER C 4828 8.45 -14.23 -11.88
CA SER C 4828 9.80 -13.95 -11.40
C SER C 4828 9.82 -13.02 -10.20
N SER C 4829 8.70 -12.34 -9.90
CA SER C 4829 8.66 -11.48 -8.72
C SER C 4829 8.83 -12.28 -7.43
N VAL C 4830 8.33 -13.51 -7.39
CA VAL C 4830 8.48 -14.34 -6.20
C VAL C 4830 9.95 -14.66 -5.95
N THR C 4831 10.69 -14.98 -7.01
CA THR C 4831 12.09 -15.35 -6.89
C THR C 4831 13.03 -14.15 -6.88
N HIS C 4832 12.53 -12.95 -7.19
CA HIS C 4832 13.39 -11.77 -7.16
C HIS C 4832 13.85 -11.47 -5.73
N ASN C 4833 12.98 -11.64 -4.76
CA ASN C 4833 13.31 -11.48 -3.35
C ASN C 4833 13.19 -12.82 -2.62
N GLY C 4834 13.70 -13.88 -3.25
CA GLY C 4834 13.53 -15.22 -2.69
C GLY C 4834 14.18 -15.39 -1.34
N LYS C 4835 15.40 -14.87 -1.17
CA LYS C 4835 16.09 -15.01 0.10
C LYS C 4835 15.32 -14.32 1.22
N GLN C 4836 14.92 -13.07 1.00
CA GLN C 4836 14.17 -12.34 2.02
C GLN C 4836 12.81 -12.99 2.27
N LEU C 4837 12.16 -13.50 1.22
CA LEU C 4837 10.87 -14.16 1.39
C LEU C 4837 11.01 -15.42 2.25
N VAL C 4838 12.03 -16.23 1.98
CA VAL C 4838 12.22 -17.45 2.76
C VAL C 4838 12.60 -17.12 4.19
N MET C 4839 13.40 -16.07 4.40
CA MET C 4839 13.74 -15.67 5.76
C MET C 4839 12.51 -15.18 6.52
N THR C 4840 11.65 -14.42 5.86
CA THR C 4840 10.41 -13.97 6.50
C THR C 4840 9.51 -15.15 6.83
N VAL C 4841 9.41 -16.12 5.92
CA VAL C 4841 8.60 -17.31 6.18
C VAL C 4841 9.17 -18.09 7.36
N GLY C 4842 10.50 -18.17 7.45
CA GLY C 4842 11.11 -18.85 8.59
C GLY C 4842 10.85 -18.12 9.90
N LEU C 4843 10.92 -16.79 9.88
CA LEU C 4843 10.61 -16.01 11.08
C LEU C 4843 9.16 -16.22 11.50
N LEU C 4844 8.25 -16.25 10.53
CA LEU C 4844 6.85 -16.55 10.82
C LEU C 4844 6.71 -17.94 11.42
N ALA C 4845 7.45 -18.92 10.88
CA ALA C 4845 7.38 -20.28 11.40
C ALA C 4845 7.86 -20.36 12.84
N VAL C 4846 8.96 -19.69 13.17
CA VAL C 4846 9.44 -19.72 14.55
C VAL C 4846 8.49 -18.97 15.47
N VAL C 4847 7.87 -17.89 14.99
CA VAL C 4847 6.90 -17.18 15.82
C VAL C 4847 5.70 -18.07 16.11
N VAL C 4848 5.20 -18.78 15.09
CA VAL C 4848 4.11 -19.70 15.29
C VAL C 4848 4.52 -20.83 16.22
N TYR C 4849 5.77 -21.27 16.14
CA TYR C 4849 6.27 -22.30 17.07
C TYR C 4849 6.26 -21.80 18.51
N LEU C 4850 6.69 -20.55 18.73
CA LEU C 4850 6.64 -20.00 20.08
C LEU C 4850 5.20 -19.92 20.59
N TYR C 4851 4.27 -19.47 19.74
CA TYR C 4851 2.87 -19.43 20.16
C TYR C 4851 2.35 -20.84 20.44
N THR C 4852 2.76 -21.81 19.63
CA THR C 4852 2.31 -23.19 19.81
C THR C 4852 2.81 -23.76 21.14
N VAL C 4853 4.08 -23.55 21.47
CA VAL C 4853 4.59 -24.09 22.73
C VAL C 4853 3.96 -23.36 23.91
N VAL C 4854 3.74 -22.05 23.78
CA VAL C 4854 3.07 -21.31 24.86
C VAL C 4854 1.68 -21.87 25.10
N ALA C 4855 0.93 -22.14 24.02
CA ALA C 4855 -0.38 -22.77 24.17
C ALA C 4855 -0.26 -24.17 24.76
N PHE C 4856 0.77 -24.92 24.33
CA PHE C 4856 0.94 -26.30 24.79
C PHE C 4856 1.16 -26.37 26.29
N ASN C 4857 1.96 -25.44 26.84
CA ASN C 4857 2.19 -25.45 28.28
C ASN C 4857 0.94 -25.06 29.06
N PHE C 4858 0.19 -24.07 28.58
CA PHE C 4858 -0.91 -23.49 29.35
C PHE C 4858 -2.28 -23.75 28.73
N PHE C 4859 -2.50 -23.35 27.48
CA PHE C 4859 -3.82 -23.42 26.86
C PHE C 4859 -3.96 -24.73 26.10
N ARG C 4860 -4.16 -25.81 26.84
CA ARG C 4860 -4.34 -27.14 26.26
C ARG C 4860 -5.80 -27.53 26.12
N LYS C 4861 -6.63 -27.29 27.14
CA LYS C 4861 -8.02 -27.69 27.13
C LYS C 4861 -8.90 -26.82 26.25
N PHE C 4862 -8.35 -25.77 25.64
CA PHE C 4862 -9.10 -24.88 24.76
C PHE C 4862 -9.08 -25.33 23.31
N TYR C 4863 -8.47 -26.47 22.99
CA TYR C 4863 -8.28 -26.92 21.62
C TYR C 4863 -9.09 -28.18 21.32
N ASN C 4864 -10.33 -28.24 21.81
CA ASN C 4864 -11.22 -29.37 21.57
C ASN C 4864 -12.17 -28.97 20.44
N LYS C 4865 -11.87 -29.44 19.23
CA LYS C 4865 -12.69 -29.09 18.06
C LYS C 4865 -14.00 -29.86 18.01
N SER C 4866 -14.00 -31.12 18.45
CA SER C 4866 -15.20 -31.95 18.36
C SER C 4866 -16.26 -31.46 19.32
N GLU C 4867 -17.48 -31.30 18.80
CA GLU C 4867 -18.60 -30.88 19.64
C GLU C 4867 -19.11 -32.01 20.52
N ASP C 4868 -18.98 -33.25 20.08
CA ASP C 4868 -19.45 -34.39 20.88
C ASP C 4868 -18.57 -34.57 22.10
N GLU C 4869 -19.20 -34.72 23.27
CA GLU C 4869 -18.45 -34.90 24.50
C GLU C 4869 -17.89 -36.31 24.63
N ASP C 4870 -18.61 -37.31 24.12
CA ASP C 4870 -18.16 -38.69 24.25
C ASP C 4870 -16.86 -38.94 23.49
N GLU C 4871 -16.75 -38.38 22.27
CA GLU C 4871 -15.57 -38.57 21.43
C GLU C 4871 -14.92 -37.22 21.20
N PRO C 4872 -13.80 -36.94 21.87
CA PRO C 4872 -13.12 -35.65 21.69
C PRO C 4872 -12.03 -35.68 20.65
N ASP C 4873 -11.79 -34.50 20.07
CA ASP C 4873 -10.74 -34.30 19.06
C ASP C 4873 -9.73 -33.34 19.67
N MET C 4874 -8.71 -33.90 20.32
CA MET C 4874 -7.69 -33.11 21.01
C MET C 4874 -6.63 -32.71 20.00
N LYS C 4875 -6.57 -31.41 19.67
CA LYS C 4875 -5.62 -30.90 18.70
C LYS C 4875 -4.32 -30.42 19.31
N CYS C 4876 -4.30 -30.16 20.62
CA CYS C 4876 -3.09 -29.68 21.28
C CYS C 4876 -2.59 -30.66 22.34
N ASP C 4877 -3.08 -31.90 22.34
CA ASP C 4877 -2.51 -32.93 23.20
C ASP C 4877 -1.10 -33.32 22.80
N ASP C 4878 -0.68 -32.96 21.59
CA ASP C 4878 0.67 -33.19 21.12
C ASP C 4878 1.22 -31.91 20.52
N MET C 4879 2.54 -31.71 20.68
CA MET C 4879 3.16 -30.51 20.13
C MET C 4879 3.08 -30.49 18.61
N MET C 4880 3.27 -31.65 17.97
CA MET C 4880 3.21 -31.70 16.51
C MET C 4880 1.81 -31.35 16.00
N THR C 4881 0.78 -31.93 16.62
CA THR C 4881 -0.59 -31.64 16.18
C THR C 4881 -0.96 -30.18 16.43
N CYS C 4882 -0.55 -29.63 17.58
CA CYS C 4882 -0.86 -28.24 17.88
C CYS C 4882 -0.13 -27.30 16.92
N TYR C 4883 1.11 -27.63 16.57
CA TYR C 4883 1.85 -26.83 15.60
C TYR C 4883 1.21 -26.90 14.23
N LEU C 4884 0.76 -28.09 13.82
CA LEU C 4884 0.06 -28.21 12.55
C LEU C 4884 -1.22 -27.40 12.53
N PHE C 4885 -1.97 -27.43 13.64
CA PHE C 4885 -3.21 -26.65 13.72
C PHE C 4885 -2.92 -25.16 13.66
N HIS C 4886 -1.87 -24.70 14.37
CA HIS C 4886 -1.53 -23.28 14.36
C HIS C 4886 -1.07 -22.82 12.99
N MET C 4887 -0.23 -23.62 12.31
CA MET C 4887 0.29 -23.20 11.01
C MET C 4887 -0.79 -23.27 9.93
N TYR C 4888 -1.67 -24.27 10.01
CA TYR C 4888 -2.66 -24.51 8.97
C TYR C 4888 -3.90 -23.62 9.15
N VAL C 4889 -4.46 -23.59 10.35
CA VAL C 4889 -5.72 -22.88 10.58
C VAL C 4889 -5.48 -21.46 11.06
N GLY C 4890 -4.51 -21.26 11.96
CA GLY C 4890 -4.29 -19.94 12.53
C GLY C 4890 -3.83 -18.90 11.54
N VAL C 4891 -2.92 -19.26 10.62
CA VAL C 4891 -2.41 -18.30 9.66
C VAL C 4891 -3.52 -17.88 8.69
N ARG C 4892 -4.31 -18.84 8.22
CA ARG C 4892 -5.36 -18.55 7.24
C ARG C 4892 -6.65 -18.03 7.87
N ALA C 4893 -6.73 -17.99 9.19
CA ALA C 4893 -7.97 -17.54 9.84
C ALA C 4893 -8.27 -16.09 9.50
N GLY C 4894 -7.26 -15.23 9.52
CA GLY C 4894 -7.44 -13.82 9.24
C GLY C 4894 -7.87 -12.98 10.42
N GLY C 4895 -8.14 -13.60 11.56
CA GLY C 4895 -8.52 -12.87 12.76
C GLY C 4895 -7.87 -13.42 14.00
N GLY C 4896 -6.88 -14.30 13.82
CA GLY C 4896 -6.17 -14.91 14.90
C GLY C 4896 -6.58 -16.36 15.12
N ILE C 4897 -5.81 -17.03 15.99
CA ILE C 4897 -6.08 -18.43 16.30
C ILE C 4897 -7.33 -18.59 17.15
N GLY C 4898 -7.79 -17.51 17.79
CA GLY C 4898 -8.87 -17.62 18.77
C GLY C 4898 -10.26 -17.74 18.17
N ASP C 4899 -10.41 -17.43 16.88
CA ASP C 4899 -11.72 -17.55 16.25
C ASP C 4899 -12.19 -19.00 16.23
N GLU C 4900 -11.26 -19.96 16.22
CA GLU C 4900 -11.64 -21.36 16.21
C GLU C 4900 -11.70 -21.96 17.61
N ILE C 4901 -10.69 -21.71 18.43
CA ILE C 4901 -10.59 -22.32 19.75
C ILE C 4901 -11.57 -21.67 20.72
N GLU C 4902 -11.74 -22.29 21.89
CA GLU C 4902 -12.85 -21.98 22.77
C GLU C 4902 -12.74 -20.58 23.38
N ASP C 4903 -13.90 -20.02 23.71
CA ASP C 4903 -13.98 -18.74 24.38
C ASP C 4903 -13.45 -18.88 25.82
N PRO C 4904 -12.56 -17.98 26.25
CA PRO C 4904 -12.04 -18.04 27.62
C PRO C 4904 -12.93 -17.40 28.67
N ALA C 4905 -14.10 -16.90 28.30
CA ALA C 4905 -14.99 -16.29 29.28
C ALA C 4905 -15.51 -17.35 30.25
N GLY C 4906 -15.61 -16.97 31.52
CA GLY C 4906 -16.08 -17.89 32.53
C GLY C 4906 -15.10 -18.96 32.94
N ASP C 4907 -13.81 -18.73 32.74
CA ASP C 4907 -12.79 -19.73 33.08
C ASP C 4907 -11.48 -19.01 33.36
N GLU C 4908 -10.55 -19.75 33.98
CA GLU C 4908 -9.24 -19.20 34.29
C GLU C 4908 -8.44 -18.96 33.01
N TYR C 4909 -7.36 -18.19 33.16
CA TYR C 4909 -6.50 -17.81 32.03
C TYR C 4909 -7.30 -17.08 30.96
N GLU C 4910 -8.23 -16.22 31.38
CA GLU C 4910 -9.09 -15.50 30.46
C GLU C 4910 -8.38 -14.31 29.83
N LEU C 4911 -7.95 -13.35 30.66
CA LEU C 4911 -7.22 -12.20 30.15
C LEU C 4911 -5.88 -12.61 29.54
N TYR C 4912 -5.24 -13.62 30.12
CA TYR C 4912 -3.97 -14.10 29.58
C TYR C 4912 -4.14 -14.59 28.15
N ARG C 4913 -5.19 -15.38 27.91
CA ARG C 4913 -5.46 -15.84 26.54
C ARG C 4913 -5.95 -14.70 25.66
N VAL C 4914 -6.66 -13.73 26.21
CA VAL C 4914 -7.05 -12.57 25.42
C VAL C 4914 -5.81 -11.88 24.86
N VAL C 4915 -4.81 -11.67 25.73
CA VAL C 4915 -3.54 -11.08 25.29
C VAL C 4915 -2.83 -12.00 24.31
N PHE C 4916 -2.86 -13.31 24.57
CA PHE C 4916 -2.22 -14.27 23.68
C PHE C 4916 -2.74 -14.16 22.25
N ASP C 4917 -4.06 -14.23 22.09
CA ASP C 4917 -4.66 -14.13 20.76
C ASP C 4917 -4.50 -12.74 20.15
N ILE C 4918 -4.59 -11.68 20.96
CA ILE C 4918 -4.38 -10.33 20.41
C ILE C 4918 -2.97 -10.22 19.83
N THR C 4919 -1.98 -10.67 20.60
CA THR C 4919 -0.60 -10.60 20.13
C THR C 4919 -0.38 -11.50 18.91
N PHE C 4920 -0.98 -12.69 18.91
CA PHE C 4920 -0.85 -13.58 17.77
C PHE C 4920 -1.41 -12.94 16.51
N PHE C 4921 -2.62 -12.38 16.59
CA PHE C 4921 -3.21 -11.72 15.43
C PHE C 4921 -2.34 -10.58 14.94
N PHE C 4922 -1.95 -9.68 15.86
CA PHE C 4922 -1.19 -8.51 15.47
C PHE C 4922 0.17 -8.88 14.86
N PHE C 4923 0.87 -9.86 15.45
CA PHE C 4923 2.19 -10.20 14.98
C PHE C 4923 2.17 -11.04 13.72
N VAL C 4924 1.11 -11.83 13.49
CA VAL C 4924 1.10 -12.66 12.29
C VAL C 4924 0.38 -11.93 11.16
N ILE C 4925 -0.93 -11.72 11.30
CA ILE C 4925 -1.72 -11.29 10.15
C ILE C 4925 -1.47 -9.82 9.83
N VAL C 4926 -1.38 -8.98 10.86
CA VAL C 4926 -1.18 -7.55 10.62
C VAL C 4926 0.22 -7.28 10.08
N ILE C 4927 1.24 -8.01 10.58
CA ILE C 4927 2.62 -7.65 10.31
C ILE C 4927 3.26 -8.58 9.28
N LEU C 4928 3.36 -9.87 9.60
CA LEU C 4928 4.23 -10.74 8.82
C LEU C 4928 3.62 -11.06 7.46
N LEU C 4929 2.33 -11.39 7.42
CA LEU C 4929 1.68 -11.65 6.14
C LEU C 4929 1.66 -10.40 5.27
N ALA C 4930 1.42 -9.24 5.88
CA ALA C 4930 1.44 -7.99 5.13
C ALA C 4930 2.83 -7.72 4.54
N ILE C 4931 3.88 -7.97 5.33
CA ILE C 4931 5.24 -7.76 4.83
C ILE C 4931 5.55 -8.75 3.70
N ILE C 4932 5.12 -10.00 3.85
CA ILE C 4932 5.37 -11.00 2.82
C ILE C 4932 4.69 -10.59 1.51
N GLN C 4933 3.43 -10.14 1.60
CA GLN C 4933 2.72 -9.69 0.41
C GLN C 4933 3.37 -8.46 -0.19
N GLY C 4934 3.78 -7.51 0.67
CA GLY C 4934 4.37 -6.28 0.19
C GLY C 4934 5.70 -6.47 -0.50
N LEU C 4935 6.50 -7.42 -0.04
CA LEU C 4935 7.78 -7.69 -0.70
C LEU C 4935 7.56 -8.13 -2.13
N ILE C 4936 6.64 -9.07 -2.35
CA ILE C 4936 6.35 -9.54 -3.70
C ILE C 4936 5.72 -8.43 -4.54
N ILE C 4937 4.83 -7.64 -3.94
CA ILE C 4937 4.19 -6.56 -4.68
C ILE C 4937 5.24 -5.53 -5.13
N ASP C 4938 6.16 -5.17 -4.24
CA ASP C 4938 7.21 -4.22 -4.61
C ASP C 4938 8.15 -4.80 -5.64
N ALA C 4939 8.49 -6.09 -5.53
CA ALA C 4939 9.34 -6.72 -6.52
C ALA C 4939 8.69 -6.71 -7.90
N PHE C 4940 7.39 -7.04 -7.97
CA PHE C 4940 6.68 -7.01 -9.25
C PHE C 4940 6.60 -5.59 -9.80
N GLY C 4941 6.33 -4.61 -8.93
CA GLY C 4941 6.25 -3.24 -9.39
C GLY C 4941 7.57 -2.74 -9.94
N GLU C 4942 8.68 -3.03 -9.24
CA GLU C 4942 9.98 -2.59 -9.71
C GLU C 4942 10.40 -3.35 -10.96
N LEU C 4943 10.01 -4.62 -11.10
CA LEU C 4943 10.33 -5.36 -12.31
C LEU C 4943 9.59 -4.79 -13.51
N ARG C 4944 8.33 -4.38 -13.32
CA ARG C 4944 7.62 -3.70 -14.41
C ARG C 4944 8.21 -2.33 -14.69
N ASP C 4945 8.68 -1.64 -13.64
CA ASP C 4945 9.25 -0.32 -13.79
C ASP C 4945 10.57 -0.40 -14.56
N GLN C 4946 11.30 -1.52 -14.42
CA GLN C 4946 12.58 -1.67 -15.11
C GLN C 4946 12.43 -1.60 -16.62
N GLN C 4947 11.40 -2.24 -17.17
CA GLN C 4947 11.19 -2.20 -18.62
C GLN C 4947 10.89 -0.78 -19.08
N GLU C 4948 10.06 -0.04 -18.33
CA GLU C 4948 9.77 1.34 -18.69
C GLU C 4948 11.03 2.20 -18.64
N GLN C 4949 11.88 1.98 -17.64
CA GLN C 4949 13.12 2.73 -17.54
C GLN C 4949 14.06 2.38 -18.69
N VAL C 4950 14.09 1.11 -19.09
CA VAL C 4950 14.89 0.72 -20.25
C VAL C 4950 14.41 1.44 -21.49
N LYS C 4951 13.09 1.51 -21.69
CA LYS C 4951 12.55 2.24 -22.83
C LYS C 4951 12.88 3.72 -22.77
N GLU C 4952 12.80 4.32 -21.57
CA GLU C 4952 13.09 5.75 -21.43
C GLU C 4952 14.56 6.04 -21.75
N ASP C 4953 15.48 5.22 -21.25
CA ASP C 4953 16.88 5.39 -21.61
C ASP C 4953 17.13 5.09 -23.08
N MET C 4954 16.33 4.20 -23.67
CA MET C 4954 16.41 3.96 -25.11
C MET C 4954 16.07 5.21 -25.90
N GLU C 4955 14.99 5.89 -25.50
CA GLU C 4955 14.49 7.05 -26.23
C GLU C 4955 15.05 8.38 -25.71
N THR C 4956 15.96 8.34 -24.75
CA THR C 4956 16.48 9.56 -24.13
C THR C 4956 17.92 9.87 -24.48
N LYS C 4957 18.83 8.90 -24.41
CA LYS C 4957 20.24 9.13 -24.63
C LYS C 4957 20.74 8.28 -25.80
N CYS C 4958 21.78 8.76 -26.47
CA CYS C 4958 22.36 8.04 -27.60
C CYS C 4958 23.12 6.82 -27.06
N PHE C 4959 22.76 5.64 -27.54
CA PHE C 4959 23.32 4.41 -26.98
C PHE C 4959 24.78 4.24 -27.39
N ILE C 4960 25.10 4.54 -28.65
CA ILE C 4960 26.46 4.35 -29.16
C ILE C 4960 27.30 5.63 -29.06
N CYS C 4961 26.78 6.67 -28.39
CA CYS C 4961 27.52 7.92 -28.26
C CYS C 4961 27.62 8.33 -26.80
N GLY C 4962 26.63 7.95 -26.00
CA GLY C 4962 26.62 8.27 -24.59
C GLY C 4962 26.13 9.67 -24.25
N ILE C 4963 25.68 10.44 -25.24
CA ILE C 4963 25.19 11.79 -25.00
C ILE C 4963 23.68 11.79 -25.06
N GLY C 4964 23.07 12.76 -24.37
CA GLY C 4964 21.63 12.85 -24.34
C GLY C 4964 21.05 13.46 -25.61
N SER C 4965 19.72 13.42 -25.70
CA SER C 4965 19.00 13.96 -26.84
C SER C 4965 18.75 15.46 -26.74
N ASP C 4966 19.08 16.08 -25.60
CA ASP C 4966 18.89 17.52 -25.46
C ASP C 4966 19.78 18.28 -26.45
N TYR C 4967 21.03 17.85 -26.60
CA TYR C 4967 21.91 18.46 -27.60
C TYR C 4967 21.53 18.02 -29.01
N PHE C 4968 21.17 16.74 -29.17
CA PHE C 4968 20.79 16.23 -30.49
C PHE C 4968 19.52 16.92 -30.98
N ASP C 4969 18.54 17.10 -30.10
CA ASP C 4969 17.28 17.75 -30.43
C ASP C 4969 16.58 17.08 -31.61
N PRO D 4208 -16.34 30.24 -19.41
CA PRO D 4208 -17.47 29.47 -19.94
C PRO D 4208 -17.03 28.28 -20.79
N GLN D 4209 -17.62 28.15 -21.99
CA GLN D 4209 -17.26 27.05 -22.87
C GLN D 4209 -15.80 27.15 -23.31
N VAL D 4210 -15.35 28.36 -23.65
CA VAL D 4210 -13.97 28.53 -24.09
C VAL D 4210 -13.00 28.21 -22.95
N LYS D 4211 -13.38 28.56 -21.71
CA LYS D 4211 -12.52 28.27 -20.57
C LYS D 4211 -12.35 26.77 -20.38
N GLU D 4212 -13.45 26.02 -20.40
CA GLU D 4212 -13.37 24.57 -20.25
C GLU D 4212 -12.60 23.94 -21.40
N SER D 4213 -12.84 24.42 -22.63
CA SER D 4213 -12.12 23.89 -23.79
C SER D 4213 -10.62 24.12 -23.64
N LYS D 4214 -10.22 25.30 -23.18
CA LYS D 4214 -8.80 25.56 -22.97
C LYS D 4214 -8.24 24.71 -21.83
N ARG D 4215 -9.04 24.44 -20.80
CA ARG D 4215 -8.57 23.54 -19.74
C ARG D 4215 -8.27 22.15 -20.28
N GLN D 4216 -9.19 21.60 -21.06
CA GLN D 4216 -8.94 20.27 -21.65
C GLN D 4216 -7.76 20.30 -22.59
N PHE D 4217 -7.63 21.36 -23.40
CA PHE D 4217 -6.54 21.44 -24.36
C PHE D 4217 -5.18 21.49 -23.66
N ILE D 4218 -5.06 22.34 -22.63
CA ILE D 4218 -3.80 22.43 -21.90
C ILE D 4218 -3.52 21.13 -21.15
N PHE D 4219 -4.55 20.48 -20.60
CA PHE D 4219 -4.32 19.23 -19.89
C PHE D 4219 -3.79 18.17 -20.85
N ASP D 4220 -4.39 18.07 -22.03
CA ASP D 4220 -3.93 17.10 -23.02
C ASP D 4220 -2.51 17.41 -23.48
N VAL D 4221 -2.21 18.68 -23.73
CA VAL D 4221 -0.88 19.05 -24.22
C VAL D 4221 0.18 18.76 -23.17
N VAL D 4222 -0.08 19.10 -21.91
CA VAL D 4222 0.91 18.87 -20.86
C VAL D 4222 1.07 17.38 -20.60
N ASN D 4223 -0.02 16.62 -20.66
CA ASN D 4223 0.05 15.19 -20.35
C ASN D 4223 0.73 14.41 -21.48
N GLU D 4224 0.14 14.44 -22.68
CA GLU D 4224 0.62 13.62 -23.78
C GLU D 4224 1.25 14.42 -24.91
N GLY D 4225 0.89 15.69 -25.08
CA GLY D 4225 1.44 16.50 -26.14
C GLY D 4225 2.94 16.72 -26.04
N GLY D 4226 3.67 16.49 -27.12
CA GLY D 4226 5.09 16.71 -27.12
C GLY D 4226 5.46 18.18 -27.25
N GLU D 4227 6.69 18.49 -26.86
CA GLU D 4227 7.17 19.87 -26.94
C GLU D 4227 7.47 20.28 -28.38
N ALA D 4228 7.78 19.33 -29.26
CA ALA D 4228 8.07 19.67 -30.65
C ALA D 4228 6.83 20.22 -31.35
N GLU D 4229 5.67 19.63 -31.10
CA GLU D 4229 4.43 20.03 -31.74
C GLU D 4229 3.51 20.81 -30.81
N LYS D 4230 4.04 21.36 -29.72
CA LYS D 4230 3.22 22.12 -28.80
C LYS D 4230 2.68 23.39 -29.45
N MET D 4231 3.51 24.08 -30.23
CA MET D 4231 3.06 25.27 -30.94
C MET D 4231 2.02 24.91 -31.99
N GLU D 4232 2.20 23.79 -32.68
CA GLU D 4232 1.19 23.36 -33.66
C GLU D 4232 -0.12 23.03 -32.97
N LEU D 4233 -0.07 22.40 -31.80
CA LEU D 4233 -1.28 22.12 -31.05
C LEU D 4233 -1.97 23.41 -30.59
N PHE D 4234 -1.18 24.39 -30.17
CA PHE D 4234 -1.74 25.70 -29.82
C PHE D 4234 -2.42 26.35 -31.03
N VAL D 4235 -1.79 26.28 -32.19
CA VAL D 4235 -2.38 26.86 -33.40
C VAL D 4235 -3.69 26.16 -33.75
N SER D 4236 -3.69 24.82 -33.66
CA SER D 4236 -4.91 24.07 -33.95
C SER D 4236 -6.03 24.41 -32.96
N PHE D 4237 -5.68 24.54 -31.68
CA PHE D 4237 -6.68 24.90 -30.67
C PHE D 4237 -7.24 26.29 -30.93
N CYS D 4238 -6.38 27.24 -31.30
CA CYS D 4238 -6.85 28.58 -31.64
C CYS D 4238 -7.76 28.54 -32.86
N GLU D 4239 -7.41 27.70 -33.85
CA GLU D 4239 -8.26 27.55 -35.01
C GLU D 4239 -9.64 27.02 -34.62
N ASP D 4240 -9.67 26.04 -33.72
CA ASP D 4240 -10.96 25.49 -33.27
C ASP D 4240 -11.69 26.49 -32.38
N THR D 4241 -10.97 27.22 -31.54
CA THR D 4241 -11.61 28.16 -30.62
C THR D 4241 -12.31 29.29 -31.37
N ILE D 4242 -11.68 29.82 -32.43
CA ILE D 4242 -12.27 30.92 -33.16
C ILE D 4242 -13.56 30.49 -33.84
N PHE D 4243 -13.60 29.26 -34.35
CA PHE D 4243 -14.81 28.78 -35.02
C PHE D 4243 -15.98 28.72 -34.05
N GLU D 4244 -15.73 28.31 -32.80
CA GLU D 4244 -16.79 28.25 -31.81
C GLU D 4244 -17.30 29.64 -31.43
N MET D 4245 -16.47 30.68 -31.59
CA MET D 4245 -16.89 32.03 -31.26
C MET D 4245 -18.08 32.46 -32.10
N GLN D 4246 -18.05 32.20 -33.41
CA GLN D 4246 -19.19 32.54 -34.24
C GLN D 4246 -20.37 31.61 -34.00
N ILE D 4247 -20.10 30.36 -33.59
CA ILE D 4247 -21.19 29.46 -33.21
C ILE D 4247 -21.92 30.00 -31.99
N ALA D 4248 -21.17 30.47 -31.00
CA ALA D 4248 -21.80 31.09 -29.83
C ALA D 4248 -22.43 32.42 -30.18
N ALA D 4249 -21.88 33.13 -31.18
CA ALA D 4249 -22.46 34.40 -31.59
C ALA D 4249 -23.83 34.22 -32.24
N GLN D 4250 -23.99 33.17 -33.05
CA GLN D 4250 -25.26 32.99 -33.75
C GLN D 4250 -26.36 32.50 -32.83
N ILE D 4251 -26.00 31.79 -31.75
CA ILE D 4251 -27.00 31.34 -30.79
C ILE D 4251 -27.35 32.39 -29.75
N SER D 4252 -26.61 33.50 -29.71
CA SER D 4252 -26.93 34.59 -28.79
C SER D 4252 -28.15 35.37 -29.29
N GLU D 4253 -28.85 35.99 -28.36
CA GLU D 4253 -30.03 36.78 -28.68
C GLU D 4253 -29.65 38.09 -29.36
N THR D 4323 -37.21 5.98 11.45
CA THR D 4323 -37.89 5.40 10.30
C THR D 4323 -36.97 5.41 9.08
N ALA D 4324 -37.21 4.46 8.16
CA ALA D 4324 -36.40 4.39 6.95
C ALA D 4324 -36.65 5.56 6.01
N ARG D 4325 -37.89 6.08 6.00
CA ARG D 4325 -38.22 7.16 5.08
C ARG D 4325 -37.40 8.41 5.36
N GLU D 4326 -37.34 8.83 6.62
CA GLU D 4326 -36.61 10.06 6.95
C GLU D 4326 -35.12 9.91 6.68
N ALA D 4327 -34.53 8.78 7.07
CA ALA D 4327 -33.12 8.56 6.83
C ALA D 4327 -32.80 8.53 5.34
N ALA D 4328 -33.64 7.84 4.56
CA ALA D 4328 -33.44 7.79 3.12
C ALA D 4328 -33.55 9.17 2.49
N THR D 4329 -34.54 9.96 2.92
CA THR D 4329 -34.71 11.31 2.39
C THR D 4329 -33.50 12.18 2.72
N ALA D 4330 -33.02 12.11 3.96
CA ALA D 4330 -31.86 12.91 4.36
C ALA D 4330 -30.62 12.50 3.57
N LEU D 4331 -30.39 11.19 3.42
CA LEU D 4331 -29.23 10.72 2.69
C LEU D 4331 -29.30 11.13 1.21
N ALA D 4332 -30.49 11.01 0.61
CA ALA D 4332 -30.65 11.42 -0.78
C ALA D 4332 -30.43 12.91 -0.95
N ALA D 4333 -30.94 13.73 -0.02
CA ALA D 4333 -30.73 15.16 -0.10
C ALA D 4333 -29.25 15.51 0.02
N LEU D 4334 -28.55 14.86 0.95
CA LEU D 4334 -27.12 15.12 1.11
C LEU D 4334 -26.35 14.71 -0.14
N LEU D 4335 -26.67 13.55 -0.71
CA LEU D 4335 -26.00 13.09 -1.91
C LEU D 4335 -26.26 14.03 -3.08
N TRP D 4336 -27.49 14.48 -3.24
CA TRP D 4336 -27.81 15.41 -4.31
C TRP D 4336 -27.08 16.73 -4.13
N ALA D 4337 -27.01 17.23 -2.89
CA ALA D 4337 -26.30 18.48 -2.64
C ALA D 4337 -24.82 18.35 -2.97
N VAL D 4338 -24.18 17.27 -2.50
CA VAL D 4338 -22.74 17.14 -2.72
C VAL D 4338 -22.44 16.90 -4.20
N VAL D 4339 -23.32 16.19 -4.91
CA VAL D 4339 -23.06 15.96 -6.33
C VAL D 4339 -23.36 17.22 -7.15
N ALA D 4340 -24.27 18.07 -6.67
CA ALA D 4340 -24.55 19.32 -7.39
C ALA D 4340 -23.46 20.34 -7.16
N ARG D 4341 -22.89 20.40 -5.96
CA ARG D 4341 -21.85 21.36 -5.64
C ARG D 4341 -20.45 20.87 -6.00
N ALA D 4342 -20.32 19.67 -6.56
CA ALA D 4342 -19.04 19.15 -6.99
C ALA D 4342 -18.73 19.41 -8.46
N GLY D 4343 -19.63 20.07 -9.18
CA GLY D 4343 -19.44 20.37 -10.58
C GLY D 4343 -20.29 19.59 -11.55
N ALA D 4344 -21.51 19.22 -11.18
CA ALA D 4344 -22.38 18.46 -12.08
C ALA D 4344 -22.77 19.33 -13.28
N ALA D 4345 -22.83 18.71 -14.45
CA ALA D 4345 -23.18 19.42 -15.67
C ALA D 4345 -24.63 19.90 -15.65
N TRP D 4541 -45.02 30.12 -44.41
CA TRP D 4541 -44.09 29.41 -43.53
C TRP D 4541 -43.00 30.34 -43.00
N GLY D 4542 -43.20 31.65 -43.22
CA GLY D 4542 -42.22 32.62 -42.73
C GLY D 4542 -42.16 32.67 -41.22
N GLU D 4543 -43.32 32.60 -40.56
CA GLU D 4543 -43.34 32.62 -39.10
C GLU D 4543 -42.73 31.35 -38.51
N LEU D 4544 -42.87 30.22 -39.20
CA LEU D 4544 -42.28 28.98 -38.72
C LEU D 4544 -40.76 29.05 -38.73
N GLU D 4545 -40.18 29.68 -39.76
CA GLU D 4545 -38.73 29.75 -39.86
C GLU D 4545 -38.12 30.55 -38.73
N VAL D 4546 -38.71 31.71 -38.40
CA VAL D 4546 -38.16 32.54 -37.34
C VAL D 4546 -38.40 31.89 -35.98
N GLN D 4547 -39.49 31.13 -35.83
CA GLN D 4547 -39.77 30.45 -34.58
C GLN D 4547 -38.89 29.22 -34.39
N ARG D 4548 -38.56 28.54 -35.49
CA ARG D 4548 -37.75 27.33 -35.39
C ARG D 4548 -36.34 27.65 -34.89
N VAL D 4549 -35.71 28.69 -35.47
CA VAL D 4549 -34.35 29.02 -35.06
C VAL D 4549 -34.33 29.58 -33.64
N LYS D 4550 -35.34 30.35 -33.26
CA LYS D 4550 -35.37 30.96 -31.93
C LYS D 4550 -35.43 29.87 -30.85
N PHE D 4551 -36.20 28.82 -31.08
CA PHE D 4551 -36.23 27.70 -30.14
C PHE D 4551 -34.88 27.00 -30.09
N LEU D 4552 -34.19 26.91 -31.22
CA LEU D 4552 -32.90 26.22 -31.27
C LEU D 4552 -31.84 26.95 -30.46
N ASN D 4553 -31.73 28.27 -30.64
CA ASN D 4553 -30.75 29.03 -29.85
C ASN D 4553 -31.10 29.00 -28.37
N TYR D 4554 -32.39 29.13 -28.05
CA TYR D 4554 -32.82 29.06 -26.66
C TYR D 4554 -32.42 27.73 -26.03
N LEU D 4555 -32.62 26.64 -26.77
CA LEU D 4555 -32.24 25.33 -26.24
C LEU D 4555 -30.73 25.18 -26.11
N SER D 4556 -29.96 25.66 -27.10
CA SER D 4556 -28.52 25.46 -27.08
C SER D 4556 -27.83 26.35 -26.05
N ARG D 4557 -28.48 27.45 -25.66
CA ARG D 4557 -27.85 28.34 -24.68
C ARG D 4557 -27.70 27.66 -23.32
N ASN D 4558 -28.68 26.84 -22.94
CA ASN D 4558 -28.71 26.22 -21.62
C ASN D 4558 -28.62 24.70 -21.69
N PHE D 4559 -27.70 24.19 -22.53
CA PHE D 4559 -27.53 22.75 -22.67
C PHE D 4559 -26.99 22.12 -21.38
N TYR D 4560 -26.05 22.79 -20.71
CA TYR D 4560 -25.52 22.27 -19.46
C TYR D 4560 -26.60 22.23 -18.38
N THR D 4561 -27.45 23.25 -18.32
CA THR D 4561 -28.58 23.20 -17.39
C THR D 4561 -29.54 22.09 -17.76
N LEU D 4562 -29.66 21.75 -19.04
CA LEU D 4562 -30.49 20.62 -19.43
C LEU D 4562 -29.89 19.31 -18.95
N ARG D 4563 -28.57 19.17 -19.03
CA ARG D 4563 -27.91 17.99 -18.46
C ARG D 4563 -28.15 17.92 -16.96
N PHE D 4564 -28.05 19.06 -16.26
CA PHE D 4564 -28.30 19.09 -14.83
C PHE D 4564 -29.74 18.70 -14.51
N LEU D 4565 -30.68 19.19 -15.30
CA LEU D 4565 -32.10 18.84 -15.11
C LEU D 4565 -32.33 17.35 -15.35
N ALA D 4566 -31.67 16.78 -16.37
CA ALA D 4566 -31.79 15.34 -16.60
C ALA D 4566 -31.24 14.54 -15.44
N LEU D 4567 -30.11 14.98 -14.89
CA LEU D 4567 -29.55 14.30 -13.71
C LEU D 4567 -30.50 14.41 -12.52
N PHE D 4568 -31.10 15.57 -12.31
CA PHE D 4568 -32.06 15.75 -11.22
C PHE D 4568 -33.26 14.85 -11.41
N LEU D 4569 -33.77 14.76 -12.64
CA LEU D 4569 -34.91 13.89 -12.93
C LEU D 4569 -34.56 12.43 -12.66
N ALA D 4570 -33.37 12.00 -13.09
CA ALA D 4570 -32.95 10.62 -12.85
C ALA D 4570 -32.84 10.34 -11.36
N PHE D 4571 -32.26 11.27 -10.60
CA PHE D 4571 -32.15 11.09 -9.15
C PHE D 4571 -33.51 11.01 -8.49
N ALA D 4572 -34.44 11.87 -8.91
CA ALA D 4572 -35.78 11.86 -8.33
C ALA D 4572 -36.51 10.57 -8.62
N ILE D 4573 -36.42 10.08 -9.87
CA ILE D 4573 -37.06 8.83 -10.22
C ILE D 4573 -36.45 7.67 -9.45
N ASN D 4574 -35.12 7.65 -9.32
CA ASN D 4574 -34.47 6.57 -8.59
C ASN D 4574 -34.83 6.58 -7.12
N PHE D 4575 -34.94 7.77 -6.52
CA PHE D 4575 -35.41 7.86 -5.14
C PHE D 4575 -36.85 7.37 -5.01
N ILE D 4576 -37.70 7.72 -5.99
CA ILE D 4576 -39.08 7.24 -5.96
C ILE D 4576 -39.11 5.73 -6.13
N LEU D 4577 -38.23 5.18 -6.99
CA LEU D 4577 -38.20 3.74 -7.22
C LEU D 4577 -37.90 2.95 -5.96
N LEU D 4578 -37.28 3.57 -4.95
CA LEU D 4578 -36.98 2.87 -3.70
C LEU D 4578 -38.23 2.49 -2.93
N PHE D 4579 -39.36 3.16 -3.17
CA PHE D 4579 -40.60 2.87 -2.47
C PHE D 4579 -41.44 1.85 -3.26
N TYR D 4580 -40.82 0.70 -3.53
CA TYR D 4580 -41.43 -0.37 -4.31
C TYR D 4580 -41.51 -1.64 -3.46
N LYS D 4581 -42.68 -2.28 -3.47
CA LYS D 4581 -42.89 -3.54 -2.77
C LYS D 4581 -43.55 -4.52 -3.73
N VAL D 4582 -43.10 -5.78 -3.68
CA VAL D 4582 -43.59 -6.83 -4.56
C VAL D 4582 -44.29 -7.88 -3.72
N SER D 4583 -45.49 -8.28 -4.16
CA SER D 4583 -46.22 -9.35 -3.51
C SER D 4583 -47.15 -10.00 -4.53
N ASP D 4584 -47.55 -11.24 -4.22
CA ASP D 4584 -48.41 -11.98 -5.14
C ASP D 4584 -49.79 -11.35 -5.25
N SER D 4585 -50.36 -10.90 -4.14
CA SER D 4585 -51.71 -10.37 -4.15
C SER D 4585 -51.74 -9.00 -4.83
N PRO D 4586 -52.81 -8.72 -5.58
CA PRO D 4586 -52.93 -7.39 -6.18
C PRO D 4586 -53.14 -6.33 -5.12
N PRO D 4587 -52.73 -5.08 -5.37
CA PRO D 4587 -52.87 -4.00 -4.40
C PRO D 4587 -54.33 -3.62 -4.16
N ASN D 4626 -49.22 -15.15 -9.82
CA ASN D 4626 -48.19 -14.28 -10.37
C ASN D 4626 -47.77 -13.22 -9.35
N MET D 4627 -46.70 -12.49 -9.68
CA MET D 4627 -46.17 -11.44 -8.82
C MET D 4627 -46.54 -10.08 -9.39
N VAL D 4628 -47.08 -9.21 -8.54
CA VAL D 4628 -47.54 -7.88 -8.94
C VAL D 4628 -46.63 -6.86 -8.27
N TYR D 4629 -46.03 -5.99 -9.07
CA TYR D 4629 -45.16 -4.91 -8.58
C TYR D 4629 -46.00 -3.64 -8.48
N TYR D 4630 -46.34 -3.27 -7.25
CA TYR D 4630 -47.14 -2.08 -7.00
C TYR D 4630 -46.42 -1.14 -6.05
N PHE D 4631 -46.97 0.05 -5.89
CA PHE D 4631 -46.39 1.09 -5.05
C PHE D 4631 -47.11 1.14 -3.70
N LEU D 4632 -46.33 1.20 -2.63
CA LEU D 4632 -46.86 1.34 -1.28
C LEU D 4632 -46.20 2.57 -0.65
N GLU D 4633 -46.99 3.60 -0.39
CA GLU D 4633 -46.51 4.86 0.17
C GLU D 4633 -47.03 5.04 1.59
N GLU D 4634 -46.47 6.03 2.27
CA GLU D 4634 -46.87 6.34 3.65
C GLU D 4634 -48.08 7.27 3.64
N SER D 4635 -49.20 6.72 3.18
CA SER D 4635 -50.48 7.42 3.09
C SER D 4635 -50.40 8.68 2.23
N THR D 4636 -49.48 8.72 1.27
CA THR D 4636 -49.33 9.85 0.37
C THR D 4636 -49.46 9.33 -1.06
N GLY D 4637 -50.60 9.59 -1.69
CA GLY D 4637 -50.86 9.15 -3.05
C GLY D 4637 -50.33 10.05 -4.12
N TYR D 4638 -49.41 10.90 -3.71
CA TYR D 4638 -48.92 12.01 -4.55
C TYR D 4638 -47.74 11.59 -5.36
N MET D 4639 -47.33 10.38 -5.12
CA MET D 4639 -46.17 9.84 -5.81
C MET D 4639 -46.54 8.97 -7.00
N GLU D 4640 -47.74 8.39 -7.01
CA GLU D 4640 -48.17 7.53 -8.10
C GLU D 4640 -48.25 8.25 -9.45
N PRO D 4641 -48.80 9.47 -9.52
CA PRO D 4641 -48.78 10.18 -10.81
C PRO D 4641 -47.50 10.99 -10.98
N ALA D 4642 -46.83 11.25 -9.86
CA ALA D 4642 -45.54 11.96 -9.91
C ALA D 4642 -44.52 11.15 -10.70
N LEU D 4643 -44.50 9.82 -10.52
CA LEU D 4643 -43.57 8.99 -11.25
C LEU D 4643 -43.83 9.07 -12.76
N TRP D 4644 -45.10 9.01 -13.16
CA TRP D 4644 -45.43 9.07 -14.58
C TRP D 4644 -45.07 10.44 -15.17
N CYS D 4645 -45.46 11.51 -14.49
CA CYS D 4645 -45.14 12.85 -14.98
C CYS D 4645 -43.64 13.05 -15.08
N LEU D 4646 -42.90 12.56 -14.08
CA LEU D 4646 -41.44 12.64 -14.10
C LEU D 4646 -40.84 11.82 -15.24
N SER D 4647 -41.43 10.66 -15.54
CA SER D 4647 -40.92 9.84 -16.63
C SER D 4647 -41.04 10.54 -17.97
N LEU D 4648 -42.25 11.04 -18.28
CA LEU D 4648 -42.37 11.79 -19.55
C LEU D 4648 -41.57 13.09 -19.54
N LEU D 4649 -41.45 13.75 -18.39
CA LEU D 4649 -40.62 14.96 -18.34
C LEU D 4649 -39.16 14.64 -18.65
N HIS D 4650 -38.65 13.55 -18.08
CA HIS D 4650 -37.28 13.14 -18.36
C HIS D 4650 -37.10 12.73 -19.82
N THR D 4651 -38.09 12.05 -20.38
CA THR D 4651 -38.00 11.67 -21.80
C THR D 4651 -37.94 12.91 -22.70
N LEU D 4652 -38.81 13.88 -22.43
CA LEU D 4652 -38.79 15.11 -23.21
C LEU D 4652 -37.47 15.86 -23.02
N VAL D 4653 -36.96 15.89 -21.79
CA VAL D 4653 -35.69 16.57 -21.52
C VAL D 4653 -34.57 15.91 -22.29
N ALA D 4654 -34.55 14.58 -22.32
CA ALA D 4654 -33.53 13.86 -23.08
C ALA D 4654 -33.65 14.13 -24.58
N PHE D 4655 -34.89 14.22 -25.09
CA PHE D 4655 -35.08 14.53 -26.50
C PHE D 4655 -34.51 15.91 -26.83
N LEU D 4656 -34.85 16.91 -26.02
CA LEU D 4656 -34.31 18.26 -26.25
C LEU D 4656 -32.80 18.27 -26.09
N CYS D 4657 -32.26 17.48 -25.16
CA CYS D 4657 -30.81 17.42 -25.00
C CYS D 4657 -30.14 16.84 -26.24
N ILE D 4658 -30.74 15.79 -26.82
CA ILE D 4658 -30.22 15.22 -28.07
C ILE D 4658 -30.22 16.28 -29.16
N ILE D 4659 -31.33 17.00 -29.30
CA ILE D 4659 -31.42 18.02 -30.33
C ILE D 4659 -30.38 19.12 -30.12
N GLY D 4660 -30.21 19.55 -28.86
CA GLY D 4660 -29.26 20.62 -28.58
C GLY D 4660 -27.82 20.21 -28.82
N TYR D 4661 -27.47 18.97 -28.43
CA TYR D 4661 -26.12 18.49 -28.73
C TYR D 4661 -25.90 18.37 -30.23
N ASN D 4662 -26.91 17.92 -30.97
CA ASN D 4662 -26.77 17.83 -32.42
C ASN D 4662 -26.58 19.20 -33.04
N CYS D 4663 -27.25 20.22 -32.50
CA CYS D 4663 -27.17 21.55 -33.10
C CYS D 4663 -25.93 22.33 -32.66
N LEU D 4664 -25.41 22.05 -31.46
CA LEU D 4664 -24.36 22.88 -30.87
C LEU D 4664 -22.96 22.35 -31.13
N LYS D 4665 -22.66 21.14 -30.66
CA LYS D 4665 -21.30 20.62 -30.71
C LYS D 4665 -21.00 19.78 -31.93
N VAL D 4666 -22.02 19.17 -32.55
CA VAL D 4666 -21.80 18.39 -33.77
C VAL D 4666 -21.18 19.22 -34.88
N PRO D 4667 -21.65 20.46 -35.16
CA PRO D 4667 -20.97 21.25 -36.20
C PRO D 4667 -19.49 21.47 -35.92
N LEU D 4668 -19.10 21.61 -34.66
CA LEU D 4668 -17.68 21.74 -34.33
C LEU D 4668 -16.93 20.47 -34.72
N VAL D 4669 -17.52 19.30 -34.47
CA VAL D 4669 -16.89 18.04 -34.84
C VAL D 4669 -16.74 17.95 -36.36
N ILE D 4670 -17.78 18.33 -37.09
CA ILE D 4670 -17.70 18.30 -38.56
C ILE D 4670 -16.62 19.25 -39.04
N PHE D 4671 -16.55 20.46 -38.47
CA PHE D 4671 -15.54 21.42 -38.87
C PHE D 4671 -14.14 20.89 -38.62
N LYS D 4672 -13.92 20.28 -37.45
CA LYS D 4672 -12.61 19.71 -37.16
C LYS D 4672 -12.26 18.59 -38.15
N ARG D 4673 -13.22 17.68 -38.39
CA ARG D 4673 -12.95 16.56 -39.29
C ARG D 4673 -12.59 17.06 -40.68
N GLU D 4674 -13.35 18.02 -41.20
CA GLU D 4674 -13.00 18.63 -42.48
C GLU D 4674 -11.64 19.30 -42.41
N LYS D 4675 -11.30 19.87 -41.26
CA LYS D 4675 -10.02 20.57 -41.13
C LYS D 4675 -8.85 19.60 -41.33
N GLU D 4676 -8.82 18.51 -40.56
CA GLU D 4676 -7.72 17.55 -40.77
C GLU D 4676 -7.81 16.89 -42.14
N LEU D 4677 -9.02 16.62 -42.63
CA LEU D 4677 -9.14 15.98 -43.94
C LEU D 4677 -8.51 16.84 -45.03
N ALA D 4678 -8.89 18.12 -45.08
CA ALA D 4678 -8.33 19.02 -46.08
C ALA D 4678 -6.84 19.22 -45.87
N ARG D 4679 -6.40 19.37 -44.62
CA ARG D 4679 -4.99 19.57 -44.34
C ARG D 4679 -4.15 18.41 -44.89
N LYS D 4680 -4.57 17.18 -44.58
CA LYS D 4680 -3.87 16.02 -45.13
C LYS D 4680 -3.94 16.00 -46.65
N LEU D 4681 -5.11 16.34 -47.21
CA LEU D 4681 -5.29 16.26 -48.65
C LEU D 4681 -4.31 17.17 -49.39
N GLU D 4682 -4.14 18.41 -48.92
CA GLU D 4682 -3.27 19.33 -49.66
C GLU D 4682 -1.84 19.38 -49.14
N PHE D 4683 -1.53 18.78 -47.99
CA PHE D 4683 -0.17 18.83 -47.45
C PHE D 4683 0.55 17.49 -47.43
N ASP D 4684 -0.14 16.37 -47.67
CA ASP D 4684 0.50 15.08 -47.63
C ASP D 4684 0.15 14.16 -48.81
N GLY D 4685 -0.89 14.47 -49.57
CA GLY D 4685 -1.28 13.59 -50.65
C GLY D 4685 -1.68 12.22 -50.17
N LEU D 4686 -2.47 12.14 -49.10
CA LEU D 4686 -2.84 10.85 -48.52
C LEU D 4686 -3.70 10.02 -49.45
N TYR D 4687 -4.34 10.62 -50.44
CA TYR D 4687 -5.28 9.90 -51.30
C TYR D 4687 -4.78 9.69 -52.72
N ILE D 4688 -4.01 10.62 -53.28
CA ILE D 4688 -3.54 10.51 -54.65
C ILE D 4688 -2.08 10.07 -54.72
N THR D 4689 -1.22 10.59 -53.84
CA THR D 4689 0.17 10.15 -53.82
C THR D 4689 0.31 8.79 -53.15
N GLU D 4690 -0.53 8.50 -52.17
CA GLU D 4690 -0.51 7.22 -51.47
C GLU D 4690 -1.96 6.80 -51.19
N GLN D 4691 -2.12 5.73 -50.41
CA GLN D 4691 -3.42 5.22 -50.05
C GLN D 4691 -3.40 4.90 -48.55
N PRO D 4692 -4.41 5.34 -47.80
CA PRO D 4692 -4.45 5.01 -46.36
C PRO D 4692 -4.49 3.52 -46.08
N GLY D 4693 -5.12 2.73 -46.95
CA GLY D 4693 -5.15 1.29 -46.78
C GLY D 4693 -6.11 0.85 -45.69
N ASP D 4694 -5.94 -0.41 -45.28
CA ASP D 4694 -6.77 -1.00 -44.25
C ASP D 4694 -6.32 -0.52 -42.88
N ASP D 4695 -6.94 -1.09 -41.83
CA ASP D 4695 -6.69 -0.81 -40.43
C ASP D 4695 -7.04 0.62 -40.03
N ASP D 4696 -7.66 1.40 -40.91
CA ASP D 4696 -8.07 2.77 -40.62
C ASP D 4696 -9.43 3.00 -41.27
N VAL D 4697 -10.48 3.03 -40.46
CA VAL D 4697 -11.83 3.18 -40.99
C VAL D 4697 -12.01 4.55 -41.65
N LYS D 4698 -11.37 5.57 -41.08
CA LYS D 4698 -11.51 6.92 -41.64
C LYS D 4698 -10.93 6.99 -43.05
N GLY D 4699 -9.86 6.25 -43.30
CA GLY D 4699 -9.24 6.28 -44.62
C GLY D 4699 -10.20 5.92 -45.73
N GLN D 4700 -11.02 4.89 -45.51
CA GLN D 4700 -12.04 4.53 -46.49
C GLN D 4700 -13.29 5.39 -46.35
N TRP D 4701 -13.59 5.88 -45.14
CA TRP D 4701 -14.85 6.58 -44.92
C TRP D 4701 -14.86 7.96 -45.54
N ASP D 4702 -13.75 8.70 -45.44
CA ASP D 4702 -13.68 10.04 -46.01
C ASP D 4702 -13.56 10.03 -47.53
N ARG D 4703 -13.50 8.86 -48.16
CA ARG D 4703 -13.46 8.81 -49.62
C ARG D 4703 -14.77 9.27 -50.25
N LEU D 4704 -15.86 9.25 -49.49
CA LEU D 4704 -17.16 9.61 -50.03
C LEU D 4704 -17.37 11.12 -50.15
N VAL D 4705 -16.50 11.93 -49.55
CA VAL D 4705 -16.71 13.37 -49.48
C VAL D 4705 -15.97 14.14 -50.56
N LEU D 4706 -15.09 13.48 -51.32
CA LEU D 4706 -14.28 14.20 -52.30
C LEU D 4706 -15.13 14.82 -53.41
N ASN D 4707 -16.02 14.03 -53.99
CA ASN D 4707 -16.83 14.49 -55.11
C ASN D 4707 -17.96 15.42 -54.69
N THR D 4708 -18.21 15.57 -53.39
CA THR D 4708 -19.27 16.45 -52.91
C THR D 4708 -18.84 17.91 -53.05
N PRO D 4709 -19.64 18.73 -53.74
CA PRO D 4709 -19.31 20.16 -53.86
C PRO D 4709 -19.25 20.90 -52.54
N SER D 4710 -19.88 20.39 -51.49
CA SER D 4710 -19.95 21.07 -50.19
C SER D 4710 -18.90 20.54 -49.23
N PHE D 4711 -17.71 20.20 -49.75
CA PHE D 4711 -16.62 19.77 -48.88
C PHE D 4711 -16.21 20.84 -47.87
N PRO D 4712 -15.94 22.12 -48.26
CA PRO D 4712 -15.59 23.15 -47.27
C PRO D 4712 -16.81 23.89 -46.73
N SER D 4713 -17.80 23.13 -46.24
CA SER D 4713 -19.00 23.75 -45.69
C SER D 4713 -18.69 24.56 -44.44
N ASN D 4714 -17.86 24.00 -43.55
CA ASN D 4714 -17.48 24.69 -42.32
C ASN D 4714 -16.12 25.37 -42.42
N TYR D 4715 -15.18 24.80 -43.16
CA TYR D 4715 -13.88 25.42 -43.33
C TYR D 4715 -13.97 26.68 -44.17
N TRP D 4716 -13.13 27.66 -43.85
CA TRP D 4716 -13.15 28.94 -44.54
C TRP D 4716 -12.47 28.90 -45.90
N ASP D 4717 -11.68 27.87 -46.19
CA ASP D 4717 -10.93 27.77 -47.43
C ASP D 4717 -11.74 26.93 -48.41
N LYS D 4718 -12.43 27.61 -49.33
CA LYS D 4718 -13.18 26.94 -50.38
C LYS D 4718 -12.36 26.69 -51.63
N PHE D 4719 -11.09 27.11 -51.65
CA PHE D 4719 -10.20 26.93 -52.79
C PHE D 4719 -9.13 25.87 -52.53
N VAL D 4720 -9.37 24.96 -51.59
CA VAL D 4720 -8.43 23.89 -51.31
C VAL D 4720 -8.29 22.97 -52.52
N LYS D 4721 -9.40 22.69 -53.20
CA LYS D 4721 -9.36 21.82 -54.37
C LYS D 4721 -8.49 22.41 -55.47
N ARG D 4722 -8.62 23.72 -55.73
CA ARG D 4722 -7.80 24.36 -56.75
C ARG D 4722 -6.32 24.30 -56.40
N LYS D 4723 -5.99 24.55 -55.13
CA LYS D 4723 -4.59 24.52 -54.72
C LYS D 4723 -3.99 23.12 -54.84
N VAL D 4724 -4.75 22.10 -54.42
CA VAL D 4724 -4.23 20.74 -54.50
C VAL D 4724 -4.19 20.26 -55.95
N LEU D 4725 -5.05 20.81 -56.83
CA LEU D 4725 -4.95 20.50 -58.24
C LEU D 4725 -3.71 21.14 -58.86
N ASP D 4726 -3.41 22.38 -58.47
CA ASP D 4726 -2.21 23.04 -59.00
C ASP D 4726 -0.93 22.40 -58.47
N LYS D 4727 -0.96 21.90 -57.23
CA LYS D 4727 0.24 21.33 -56.63
C LYS D 4727 0.62 20.01 -57.30
N HIS D 4728 -0.35 19.12 -57.51
CA HIS D 4728 -0.10 17.79 -58.05
C HIS D 4728 -0.47 17.67 -59.51
N GLY D 4729 -0.67 18.80 -60.21
CA GLY D 4729 -1.05 18.74 -61.61
C GLY D 4729 0.06 18.29 -62.54
N ASP D 4730 1.31 18.37 -62.09
CA ASP D 4730 2.45 17.98 -62.92
C ASP D 4730 2.85 16.53 -62.69
N ILE D 4731 2.95 16.11 -61.43
CA ILE D 4731 3.34 14.74 -61.11
C ILE D 4731 2.27 13.77 -61.60
N PHE D 4732 1.00 14.11 -61.37
CA PHE D 4732 -0.12 13.27 -61.76
C PHE D 4732 -0.99 14.01 -62.78
N GLY D 4733 -1.65 13.24 -63.63
CA GLY D 4733 -2.48 13.85 -64.66
C GLY D 4733 -3.60 14.68 -64.06
N ARG D 4734 -3.85 15.84 -64.68
CA ARG D 4734 -4.88 16.75 -64.18
C ARG D 4734 -6.26 16.09 -64.22
N GLU D 4735 -6.52 15.27 -65.25
CA GLU D 4735 -7.78 14.55 -65.32
C GLU D 4735 -7.95 13.62 -64.13
N ARG D 4736 -6.86 13.00 -63.65
CA ARG D 4736 -6.94 12.14 -62.48
C ARG D 4736 -7.39 12.93 -61.25
N ILE D 4737 -6.81 14.11 -61.04
CA ILE D 4737 -7.21 14.94 -59.90
C ILE D 4737 -8.67 15.36 -60.04
N ALA D 4738 -9.06 15.77 -61.25
CA ALA D 4738 -10.43 16.22 -61.48
C ALA D 4738 -11.43 15.10 -61.20
N GLU D 4739 -11.13 13.88 -61.65
CA GLU D 4739 -12.02 12.76 -61.39
C GLU D 4739 -12.03 12.39 -59.91
N LEU D 4740 -10.87 12.45 -59.26
CA LEU D 4740 -10.79 12.06 -57.85
C LEU D 4740 -11.55 13.03 -56.96
N LEU D 4741 -11.47 14.34 -57.25
CA LEU D 4741 -12.14 15.34 -56.46
C LEU D 4741 -13.47 15.80 -57.04
N GLY D 4742 -13.87 15.25 -58.20
CA GLY D 4742 -15.19 15.52 -58.74
C GLY D 4742 -15.45 16.96 -59.13
N MET D 4743 -14.51 17.61 -59.80
CA MET D 4743 -14.74 18.96 -60.30
C MET D 4743 -15.24 18.91 -61.74
N ASP D 4744 -16.34 19.61 -62.00
CA ASP D 4744 -16.92 19.65 -63.34
C ASP D 4744 -16.89 21.06 -63.91
N MET D 4769 -34.46 19.07 -54.65
CA MET D 4769 -33.64 19.75 -55.65
C MET D 4769 -32.16 19.61 -55.32
N SER D 4770 -31.65 20.51 -54.48
CA SER D 4770 -30.24 20.50 -54.08
C SER D 4770 -30.06 19.55 -52.89
N ILE D 4771 -30.26 18.27 -53.17
CA ILE D 4771 -30.13 17.21 -52.18
C ILE D 4771 -29.11 16.20 -52.69
N ASP D 4772 -28.11 15.91 -51.86
CA ASP D 4772 -27.07 14.95 -52.20
C ASP D 4772 -27.12 13.77 -51.23
N VAL D 4773 -26.50 12.66 -51.62
CA VAL D 4773 -26.60 11.44 -50.83
C VAL D 4773 -25.28 11.12 -50.14
N LYS D 4774 -24.17 11.20 -50.87
CA LYS D 4774 -22.88 10.80 -50.32
C LYS D 4774 -22.48 11.66 -49.12
N TYR D 4775 -22.66 12.97 -49.22
CA TYR D 4775 -22.31 13.85 -48.12
C TYR D 4775 -23.17 13.57 -46.89
N GLN D 4776 -24.48 13.33 -47.09
CA GLN D 4776 -25.35 13.02 -45.97
C GLN D 4776 -24.97 11.70 -45.31
N ILE D 4777 -24.62 10.69 -46.11
CA ILE D 4777 -24.19 9.41 -45.55
C ILE D 4777 -22.90 9.58 -44.77
N TRP D 4778 -21.96 10.36 -45.30
CA TRP D 4778 -20.71 10.61 -44.57
C TRP D 4778 -20.97 11.35 -43.26
N LYS D 4779 -21.88 12.33 -43.29
CA LYS D 4779 -22.25 13.05 -42.07
C LYS D 4779 -22.86 12.11 -41.04
N PHE D 4780 -23.79 11.25 -41.47
CA PHE D 4780 -24.39 10.29 -40.56
C PHE D 4780 -23.35 9.37 -39.96
N GLY D 4781 -22.43 8.87 -40.78
CA GLY D 4781 -21.37 8.01 -40.28
C GLY D 4781 -20.49 8.71 -39.27
N VAL D 4782 -20.16 9.98 -39.53
CA VAL D 4782 -19.25 10.68 -38.62
C VAL D 4782 -19.95 11.02 -37.31
N ILE D 4783 -21.25 11.30 -37.32
CA ILE D 4783 -21.91 11.54 -36.03
C ILE D 4783 -22.06 10.23 -35.26
N PHE D 4784 -22.42 9.14 -35.96
CA PHE D 4784 -22.51 7.85 -35.27
C PHE D 4784 -21.15 7.40 -34.75
N THR D 4785 -20.06 7.85 -35.37
CA THR D 4785 -18.73 7.52 -34.87
C THR D 4785 -18.42 8.27 -33.58
N ASP D 4786 -19.01 9.45 -33.39
CA ASP D 4786 -18.71 10.27 -32.22
C ASP D 4786 -19.14 9.56 -30.94
N ASN D 4787 -18.29 9.64 -29.91
CA ASN D 4787 -18.57 8.95 -28.65
C ASN D 4787 -19.67 9.64 -27.87
N SER D 4788 -19.67 10.97 -27.83
CA SER D 4788 -20.68 11.69 -27.06
C SER D 4788 -22.07 11.49 -27.66
N PHE D 4789 -22.18 11.52 -28.98
CA PHE D 4789 -23.48 11.28 -29.61
C PHE D 4789 -23.95 9.85 -29.36
N LEU D 4790 -23.03 8.89 -29.38
CA LEU D 4790 -23.39 7.51 -29.08
C LEU D 4790 -23.89 7.37 -27.64
N TYR D 4791 -23.21 8.04 -26.70
CA TYR D 4791 -23.65 7.99 -25.30
C TYR D 4791 -25.02 8.62 -25.14
N LEU D 4792 -25.27 9.75 -25.81
CA LEU D 4792 -26.56 10.40 -25.70
C LEU D 4792 -27.66 9.56 -26.35
N GLY D 4793 -27.35 8.89 -27.47
CA GLY D 4793 -28.32 7.97 -28.05
C GLY D 4793 -28.60 6.77 -27.17
N TRP D 4794 -27.59 6.26 -26.48
CA TRP D 4794 -27.79 5.20 -25.50
C TRP D 4794 -28.70 5.69 -24.37
N TYR D 4795 -28.47 6.91 -23.89
CA TYR D 4795 -29.35 7.49 -22.88
C TYR D 4795 -30.79 7.59 -23.39
N MET D 4796 -30.95 8.03 -24.64
CA MET D 4796 -32.29 8.21 -25.20
C MET D 4796 -33.00 6.86 -25.34
N VAL D 4797 -32.27 5.84 -25.79
CA VAL D 4797 -32.87 4.52 -25.97
C VAL D 4797 -33.20 3.90 -24.62
N MET D 4798 -32.39 4.15 -23.60
CA MET D 4798 -32.74 3.68 -22.26
C MET D 4798 -33.96 4.42 -21.72
N SER D 4799 -34.11 5.70 -22.07
CA SER D 4799 -35.31 6.44 -21.69
C SER D 4799 -36.55 5.83 -22.35
N LEU D 4800 -36.44 5.46 -23.62
CA LEU D 4800 -37.55 4.75 -24.28
C LEU D 4800 -37.81 3.41 -23.61
N LEU D 4801 -36.76 2.67 -23.27
CA LEU D 4801 -36.93 1.37 -22.61
C LEU D 4801 -37.49 1.51 -21.20
N GLY D 4802 -37.44 2.71 -20.62
CA GLY D 4802 -38.03 2.93 -19.31
C GLY D 4802 -39.54 2.96 -19.30
N HIS D 4803 -40.17 3.02 -20.47
CA HIS D 4803 -41.63 2.96 -20.55
C HIS D 4803 -42.15 1.53 -20.60
N TYR D 4804 -41.37 0.58 -21.12
CA TYR D 4804 -41.75 -0.82 -21.05
C TYR D 4804 -41.88 -1.26 -19.60
N ASN D 4805 -40.93 -0.87 -18.75
CA ASN D 4805 -41.04 -1.04 -17.31
C ASN D 4805 -40.43 0.18 -16.64
N ASN D 4806 -41.17 0.75 -15.69
CA ASN D 4806 -40.71 1.95 -15.00
C ASN D 4806 -39.46 1.71 -14.16
N PHE D 4807 -39.09 0.46 -13.93
CA PHE D 4807 -37.95 0.13 -13.09
C PHE D 4807 -36.63 0.10 -13.87
N PHE D 4808 -36.69 0.37 -15.18
CA PHE D 4808 -35.51 0.38 -16.05
C PHE D 4808 -34.71 1.67 -15.96
N PHE D 4809 -35.21 2.68 -15.24
CA PHE D 4809 -34.57 3.99 -15.21
C PHE D 4809 -33.33 4.04 -14.33
N ALA D 4810 -32.94 2.92 -13.71
CA ALA D 4810 -31.77 2.90 -12.85
C ALA D 4810 -30.48 3.20 -13.61
N ALA D 4811 -30.46 2.95 -14.92
CA ALA D 4811 -29.25 3.23 -15.70
C ALA D 4811 -28.97 4.72 -15.83
N HIS D 4812 -29.99 5.57 -15.68
CA HIS D 4812 -29.77 7.00 -15.78
C HIS D 4812 -29.05 7.57 -14.57
N LEU D 4813 -28.96 6.81 -13.47
CA LEU D 4813 -28.29 7.29 -12.26
C LEU D 4813 -26.77 7.29 -12.40
N LEU D 4814 -26.23 6.70 -13.45
CA LEU D 4814 -24.79 6.63 -13.64
C LEU D 4814 -24.20 7.89 -14.27
N ASP D 4815 -25.04 8.87 -14.62
CA ASP D 4815 -24.53 10.11 -15.21
C ASP D 4815 -23.74 10.96 -14.21
N ILE D 4816 -23.85 10.66 -12.92
CA ILE D 4816 -23.09 11.42 -11.92
C ILE D 4816 -21.60 11.17 -12.10
N ALA D 4817 -21.23 9.96 -12.47
CA ALA D 4817 -19.81 9.63 -12.65
C ALA D 4817 -19.20 10.44 -13.79
N MET D 4818 -19.94 10.61 -14.89
CA MET D 4818 -19.43 11.39 -16.02
C MET D 4818 -19.34 12.88 -15.70
N GLY D 4819 -20.07 13.35 -14.68
CA GLY D 4819 -20.04 14.75 -14.32
C GLY D 4819 -18.85 15.15 -13.48
N VAL D 4820 -18.67 14.48 -12.33
CA VAL D 4820 -17.57 14.80 -11.44
C VAL D 4820 -16.31 14.09 -11.92
N LYS D 4821 -15.18 14.79 -11.82
CA LYS D 4821 -13.92 14.29 -12.37
C LYS D 4821 -13.43 13.06 -11.61
N THR D 4822 -13.66 13.00 -10.29
CA THR D 4822 -13.11 11.91 -9.49
C THR D 4822 -13.67 10.56 -9.91
N LEU D 4823 -15.00 10.48 -10.08
CA LEU D 4823 -15.60 9.21 -10.47
C LEU D 4823 -15.26 8.82 -11.90
N ARG D 4824 -15.14 9.81 -12.80
CA ARG D 4824 -14.69 9.52 -14.15
C ARG D 4824 -13.28 8.95 -14.15
N THR D 4825 -12.39 9.52 -13.32
CA THR D 4825 -11.04 8.98 -13.21
C THR D 4825 -11.05 7.58 -12.62
N ILE D 4826 -11.92 7.33 -11.64
CA ILE D 4826 -12.04 6.00 -11.06
C ILE D 4826 -12.47 4.99 -12.12
N LEU D 4827 -13.45 5.37 -12.95
CA LEU D 4827 -13.90 4.48 -14.02
C LEU D 4827 -12.78 4.24 -15.04
N SER D 4828 -12.06 5.30 -15.41
CA SER D 4828 -10.97 5.16 -16.38
C SER D 4828 -9.80 4.36 -15.81
N SER D 4829 -9.70 4.24 -14.48
CA SER D 4829 -8.63 3.46 -13.88
C SER D 4829 -8.69 2.00 -14.31
N VAL D 4830 -9.89 1.42 -14.37
CA VAL D 4830 -10.03 0.03 -14.78
C VAL D 4830 -9.59 -0.16 -16.23
N THR D 4831 -10.00 0.76 -17.10
CA THR D 4831 -9.65 0.67 -18.52
C THR D 4831 -8.18 0.98 -18.79
N HIS D 4832 -7.52 1.70 -17.88
CA HIS D 4832 -6.13 2.10 -18.13
C HIS D 4832 -5.21 0.89 -18.25
N ASN D 4833 -5.44 -0.14 -17.43
CA ASN D 4833 -4.65 -1.36 -17.43
C ASN D 4833 -5.49 -2.55 -17.85
N GLY D 4834 -6.29 -2.38 -18.90
CA GLY D 4834 -7.23 -3.42 -19.28
C GLY D 4834 -6.57 -4.70 -19.74
N LYS D 4835 -5.55 -4.58 -20.59
CA LYS D 4835 -4.86 -5.79 -21.08
C LYS D 4835 -4.19 -6.53 -19.94
N GLN D 4836 -3.50 -5.82 -19.06
CA GLN D 4836 -2.86 -6.46 -17.92
C GLN D 4836 -3.90 -7.07 -16.98
N LEU D 4837 -5.03 -6.37 -16.79
CA LEU D 4837 -6.09 -6.92 -15.95
C LEU D 4837 -6.63 -8.23 -16.50
N VAL D 4838 -6.93 -8.25 -17.80
CA VAL D 4838 -7.49 -9.46 -18.41
C VAL D 4838 -6.49 -10.59 -18.37
N MET D 4839 -5.22 -10.30 -18.64
CA MET D 4839 -4.21 -11.35 -18.65
C MET D 4839 -3.90 -11.86 -17.25
N THR D 4840 -3.95 -11.00 -16.23
CA THR D 4840 -3.81 -11.46 -14.86
C THR D 4840 -4.99 -12.31 -14.44
N VAL D 4841 -6.20 -11.95 -14.87
CA VAL D 4841 -7.36 -12.80 -14.59
C VAL D 4841 -7.22 -14.15 -15.29
N GLY D 4842 -6.65 -14.16 -16.50
CA GLY D 4842 -6.37 -15.43 -17.15
C GLY D 4842 -5.37 -16.27 -16.40
N LEU D 4843 -4.32 -15.64 -15.87
CA LEU D 4843 -3.36 -16.37 -15.04
C LEU D 4843 -4.03 -16.92 -13.79
N LEU D 4844 -4.91 -16.14 -13.17
CA LEU D 4844 -5.66 -16.64 -12.02
C LEU D 4844 -6.51 -17.84 -12.42
N ALA D 4845 -7.16 -17.77 -13.58
CA ALA D 4845 -8.01 -18.87 -14.04
C ALA D 4845 -7.20 -20.14 -14.27
N VAL D 4846 -6.02 -20.01 -14.89
CA VAL D 4846 -5.21 -21.21 -15.14
C VAL D 4846 -4.66 -21.76 -13.83
N VAL D 4847 -4.34 -20.89 -12.86
CA VAL D 4847 -3.91 -21.39 -11.55
C VAL D 4847 -5.03 -22.15 -10.87
N VAL D 4848 -6.25 -21.60 -10.91
CA VAL D 4848 -7.39 -22.28 -10.29
C VAL D 4848 -7.67 -23.60 -11.00
N TYR D 4849 -7.48 -23.65 -12.31
CA TYR D 4849 -7.65 -24.90 -13.04
C TYR D 4849 -6.61 -25.93 -12.63
N LEU D 4850 -5.35 -25.51 -12.50
CA LEU D 4850 -4.29 -26.43 -12.07
C LEU D 4850 -4.54 -26.92 -10.65
N TYR D 4851 -5.16 -26.09 -9.81
CA TYR D 4851 -5.48 -26.54 -8.46
C TYR D 4851 -6.69 -27.47 -8.47
N THR D 4852 -7.67 -27.20 -9.32
CA THR D 4852 -8.88 -27.99 -9.39
C THR D 4852 -8.60 -29.40 -9.92
N VAL D 4853 -7.70 -29.53 -10.89
CA VAL D 4853 -7.38 -30.86 -11.39
C VAL D 4853 -6.71 -31.70 -10.29
N VAL D 4854 -5.83 -31.08 -9.51
CA VAL D 4854 -5.19 -31.79 -8.40
C VAL D 4854 -6.23 -32.20 -7.36
N ALA D 4855 -7.17 -31.30 -7.05
CA ALA D 4855 -8.23 -31.63 -6.10
C ALA D 4855 -9.09 -32.77 -6.63
N PHE D 4856 -9.39 -32.76 -7.93
CA PHE D 4856 -10.26 -33.77 -8.53
C PHE D 4856 -9.60 -35.14 -8.51
N ASN D 4857 -8.34 -35.23 -8.93
CA ASN D 4857 -7.71 -36.55 -9.06
C ASN D 4857 -7.34 -37.15 -7.70
N PHE D 4858 -6.80 -36.33 -6.79
CA PHE D 4858 -6.16 -36.87 -5.60
C PHE D 4858 -7.09 -36.92 -4.39
N PHE D 4859 -7.59 -35.77 -3.94
CA PHE D 4859 -8.41 -35.68 -2.73
C PHE D 4859 -9.72 -34.97 -3.05
N ARG D 4860 -10.79 -35.75 -3.18
CA ARG D 4860 -12.12 -35.19 -3.41
C ARG D 4860 -13.15 -35.67 -2.42
N LYS D 4861 -12.79 -36.53 -1.48
CA LYS D 4861 -13.74 -37.02 -0.48
C LYS D 4861 -14.01 -36.01 0.63
N PHE D 4862 -13.20 -34.95 0.73
CA PHE D 4862 -13.42 -33.89 1.70
C PHE D 4862 -14.28 -32.76 1.15
N TYR D 4863 -14.78 -32.88 -0.08
CA TYR D 4863 -15.55 -31.83 -0.73
C TYR D 4863 -17.06 -31.96 -0.47
N ASN D 4864 -17.45 -32.57 0.65
CA ASN D 4864 -18.85 -32.72 1.00
C ASN D 4864 -19.27 -31.53 1.85
N LYS D 4865 -20.10 -30.65 1.29
CA LYS D 4865 -20.56 -29.46 1.99
C LYS D 4865 -21.88 -29.67 2.73
N SER D 4866 -22.47 -30.86 2.65
CA SER D 4866 -23.73 -31.15 3.32
C SER D 4866 -23.48 -31.64 4.74
N GLU D 4867 -24.43 -31.34 5.63
CA GLU D 4867 -24.36 -31.80 7.01
C GLU D 4867 -25.11 -33.10 7.25
N ASP D 4868 -26.00 -33.50 6.34
CA ASP D 4868 -26.74 -34.74 6.47
C ASP D 4868 -25.95 -35.88 5.83
N GLU D 4869 -25.78 -36.96 6.58
CA GLU D 4869 -25.04 -38.11 6.07
C GLU D 4869 -25.78 -38.78 4.92
N ASP D 4870 -27.11 -38.87 5.02
CA ASP D 4870 -27.89 -39.55 4.00
C ASP D 4870 -28.00 -38.75 2.71
N GLU D 4871 -27.84 -37.43 2.77
CA GLU D 4871 -27.93 -36.56 1.60
C GLU D 4871 -26.58 -35.89 1.36
N PRO D 4872 -25.79 -36.37 0.42
CA PRO D 4872 -24.50 -35.73 0.13
C PRO D 4872 -24.65 -34.54 -0.79
N ASP D 4873 -23.67 -33.65 -0.72
CA ASP D 4873 -23.59 -32.46 -1.58
C ASP D 4873 -22.16 -32.33 -2.13
N MET D 4874 -21.64 -33.44 -2.66
CA MET D 4874 -20.28 -33.48 -3.17
C MET D 4874 -20.06 -32.43 -4.24
N LYS D 4875 -19.22 -31.43 -3.96
CA LYS D 4875 -18.96 -30.34 -4.89
C LYS D 4875 -17.86 -30.67 -5.89
N CYS D 4876 -17.17 -31.80 -5.75
CA CYS D 4876 -16.15 -32.21 -6.70
C CYS D 4876 -16.47 -33.63 -7.16
N ASP D 4877 -17.36 -33.71 -8.16
CA ASP D 4877 -17.65 -34.96 -8.87
C ASP D 4877 -17.47 -34.82 -10.37
N ASP D 4878 -17.54 -33.61 -10.92
CA ASP D 4878 -17.23 -33.33 -12.32
C ASP D 4878 -16.21 -32.21 -12.36
N MET D 4879 -15.45 -32.15 -13.46
CA MET D 4879 -14.44 -31.11 -13.60
C MET D 4879 -15.08 -29.72 -13.64
N MET D 4880 -16.20 -29.59 -14.35
CA MET D 4880 -16.85 -28.29 -14.48
C MET D 4880 -17.36 -27.78 -13.14
N THR D 4881 -18.07 -28.63 -12.39
CA THR D 4881 -18.62 -28.19 -11.12
C THR D 4881 -17.53 -27.93 -10.08
N CYS D 4882 -16.47 -28.74 -10.07
CA CYS D 4882 -15.36 -28.50 -9.15
C CYS D 4882 -14.65 -27.19 -9.51
N TYR D 4883 -14.46 -26.92 -10.79
CA TYR D 4883 -13.86 -25.65 -11.22
C TYR D 4883 -14.73 -24.47 -10.80
N LEU D 4884 -16.05 -24.59 -10.98
CA LEU D 4884 -16.96 -23.53 -10.57
C LEU D 4884 -16.91 -23.29 -9.07
N PHE D 4885 -16.90 -24.38 -8.29
CA PHE D 4885 -16.80 -24.23 -6.84
C PHE D 4885 -15.48 -23.60 -6.43
N HIS D 4886 -14.38 -23.99 -7.06
CA HIS D 4886 -13.08 -23.44 -6.70
C HIS D 4886 -13.00 -21.95 -7.03
N MET D 4887 -13.45 -21.55 -8.22
CA MET D 4887 -13.32 -20.15 -8.61
C MET D 4887 -14.33 -19.26 -7.89
N TYR D 4888 -15.59 -19.68 -7.82
CA TYR D 4888 -16.63 -18.80 -7.28
C TYR D 4888 -16.61 -18.73 -5.76
N VAL D 4889 -16.26 -19.82 -5.09
CA VAL D 4889 -16.27 -19.88 -3.63
C VAL D 4889 -14.87 -19.71 -3.04
N GLY D 4890 -13.89 -20.40 -3.62
CA GLY D 4890 -12.55 -20.37 -3.04
C GLY D 4890 -11.89 -19.01 -3.12
N VAL D 4891 -12.02 -18.32 -4.26
CA VAL D 4891 -11.39 -17.02 -4.42
C VAL D 4891 -11.99 -16.00 -3.47
N ARG D 4892 -13.31 -16.01 -3.31
CA ARG D 4892 -14.00 -15.05 -2.45
C ARG D 4892 -13.91 -15.41 -0.97
N ALA D 4893 -13.39 -16.59 -0.64
CA ALA D 4893 -13.33 -17.00 0.76
C ALA D 4893 -12.43 -16.06 1.57
N GLY D 4894 -11.27 -15.70 1.04
CA GLY D 4894 -10.34 -14.85 1.74
C GLY D 4894 -9.41 -15.56 2.71
N GLY D 4895 -9.65 -16.84 2.99
CA GLY D 4895 -8.80 -17.58 3.89
C GLY D 4895 -8.35 -18.90 3.30
N GLY D 4896 -8.62 -19.09 2.02
CA GLY D 4896 -8.23 -20.30 1.31
C GLY D 4896 -9.40 -21.24 1.09
N ILE D 4897 -9.20 -22.19 0.18
CA ILE D 4897 -10.21 -23.18 -0.12
C ILE D 4897 -10.41 -24.14 1.04
N GLY D 4898 -9.44 -24.24 1.95
CA GLY D 4898 -9.54 -25.17 3.06
C GLY D 4898 -10.51 -24.74 4.14
N ASP D 4899 -10.99 -23.50 4.10
CA ASP D 4899 -11.94 -23.04 5.10
C ASP D 4899 -13.26 -23.79 4.98
N GLU D 4900 -13.81 -23.86 3.77
CA GLU D 4900 -15.05 -24.59 3.55
C GLU D 4900 -14.85 -26.10 3.54
N ILE D 4901 -13.71 -26.57 3.02
CA ILE D 4901 -13.43 -27.99 2.98
C ILE D 4901 -13.20 -28.51 4.40
N GLU D 4902 -13.69 -29.72 4.68
CA GLU D 4902 -13.54 -30.30 6.00
C GLU D 4902 -12.08 -30.48 6.36
N ASP D 4903 -11.76 -30.22 7.63
CA ASP D 4903 -10.38 -30.28 8.08
C ASP D 4903 -9.89 -31.73 8.11
N PRO D 4904 -8.70 -32.01 7.57
CA PRO D 4904 -8.15 -33.38 7.64
C PRO D 4904 -7.35 -33.59 8.92
N ALA D 4905 -8.05 -33.65 10.05
CA ALA D 4905 -7.39 -33.75 11.35
C ALA D 4905 -6.86 -35.16 11.59
N GLY D 4906 -7.76 -36.14 11.61
CA GLY D 4906 -7.38 -37.50 11.93
C GLY D 4906 -7.50 -38.47 10.77
N ASP D 4907 -7.12 -38.02 9.57
CA ASP D 4907 -7.21 -38.84 8.37
C ASP D 4907 -5.91 -38.74 7.60
N GLU D 4908 -5.78 -39.60 6.59
CA GLU D 4908 -4.59 -39.60 5.75
C GLU D 4908 -4.57 -38.34 4.88
N TYR D 4909 -3.43 -38.13 4.22
CA TYR D 4909 -3.19 -36.97 3.36
C TYR D 4909 -3.30 -35.65 4.12
N GLU D 4910 -3.09 -35.66 5.44
CA GLU D 4910 -3.22 -34.45 6.23
C GLU D 4910 -2.16 -33.42 5.85
N LEU D 4911 -0.91 -33.86 5.75
CA LEU D 4911 0.16 -32.93 5.35
C LEU D 4911 -0.02 -32.46 3.92
N TYR D 4912 -0.41 -33.39 3.02
CA TYR D 4912 -0.64 -33.01 1.63
C TYR D 4912 -1.76 -31.98 1.52
N ARG D 4913 -2.86 -32.20 2.24
CA ARG D 4913 -3.98 -31.27 2.20
C ARG D 4913 -3.61 -29.92 2.83
N VAL D 4914 -2.82 -29.95 3.90
CA VAL D 4914 -2.38 -28.71 4.55
C VAL D 4914 -1.52 -27.89 3.59
N VAL D 4915 -0.56 -28.54 2.92
CA VAL D 4915 0.28 -27.85 1.96
C VAL D 4915 -0.55 -27.33 0.80
N PHE D 4916 -1.51 -28.14 0.34
CA PHE D 4916 -2.40 -27.73 -0.75
C PHE D 4916 -3.16 -26.45 -0.39
N ASP D 4917 -3.81 -26.43 0.77
CA ASP D 4917 -4.58 -25.27 1.18
C ASP D 4917 -3.68 -24.05 1.38
N ILE D 4918 -2.53 -24.24 2.04
CA ILE D 4918 -1.65 -23.12 2.34
C ILE D 4918 -1.11 -22.51 1.05
N THR D 4919 -0.66 -23.34 0.11
CA THR D 4919 -0.15 -22.82 -1.15
C THR D 4919 -1.26 -22.15 -1.96
N PHE D 4920 -2.46 -22.75 -1.97
CA PHE D 4920 -3.58 -22.14 -2.69
C PHE D 4920 -3.89 -20.76 -2.15
N PHE D 4921 -3.97 -20.63 -0.82
CA PHE D 4921 -4.22 -19.32 -0.22
C PHE D 4921 -3.11 -18.34 -0.56
N PHE D 4922 -1.86 -18.73 -0.27
CA PHE D 4922 -0.72 -17.83 -0.43
C PHE D 4922 -0.54 -17.38 -1.88
N PHE D 4923 -0.98 -18.20 -2.84
CA PHE D 4923 -0.95 -17.72 -4.22
C PHE D 4923 -2.17 -16.86 -4.51
N VAL D 4924 -3.36 -17.49 -4.50
CA VAL D 4924 -4.55 -16.86 -5.08
C VAL D 4924 -4.91 -15.59 -4.33
N ILE D 4925 -5.01 -15.66 -3.00
CA ILE D 4925 -5.57 -14.54 -2.26
C ILE D 4925 -4.50 -13.57 -1.77
N VAL D 4926 -3.23 -13.91 -1.91
CA VAL D 4926 -2.14 -13.07 -1.41
C VAL D 4926 -1.40 -12.38 -2.54
N ILE D 4927 -1.04 -13.09 -3.61
CA ILE D 4927 -0.21 -12.51 -4.65
C ILE D 4927 -1.06 -12.07 -5.82
N LEU D 4928 -1.77 -13.01 -6.45
CA LEU D 4928 -2.49 -12.70 -7.67
C LEU D 4928 -3.63 -11.72 -7.43
N LEU D 4929 -4.41 -11.94 -6.37
CA LEU D 4929 -5.53 -11.05 -6.07
C LEU D 4929 -5.02 -9.65 -5.75
N ALA D 4930 -3.93 -9.55 -4.99
CA ALA D 4930 -3.34 -8.25 -4.71
C ALA D 4930 -2.85 -7.58 -5.99
N ILE D 4931 -2.32 -8.37 -6.93
CA ILE D 4931 -1.88 -7.80 -8.20
C ILE D 4931 -3.06 -7.23 -8.98
N ILE D 4932 -4.17 -7.97 -9.05
CA ILE D 4932 -5.35 -7.46 -9.74
C ILE D 4932 -5.88 -6.21 -9.06
N GLN D 4933 -5.91 -6.19 -7.73
CA GLN D 4933 -6.37 -5.00 -7.02
C GLN D 4933 -5.46 -3.80 -7.31
N GLY D 4934 -4.15 -4.03 -7.29
CA GLY D 4934 -3.21 -2.95 -7.55
C GLY D 4934 -3.33 -2.40 -8.96
N LEU D 4935 -3.53 -3.29 -9.94
CA LEU D 4935 -3.63 -2.85 -11.33
C LEU D 4935 -4.73 -1.81 -11.55
N ILE D 4936 -5.63 -1.65 -10.57
CA ILE D 4936 -6.64 -0.60 -10.62
C ILE D 4936 -6.35 0.51 -9.63
N ILE D 4937 -5.95 0.15 -8.39
CA ILE D 4937 -5.72 1.17 -7.37
C ILE D 4937 -4.51 1.98 -7.83
N ASP D 4938 -3.42 1.35 -8.18
CA ASP D 4938 -2.30 2.18 -8.69
C ASP D 4938 -2.74 2.96 -9.92
N ALA D 4939 -3.34 2.32 -10.91
CA ALA D 4939 -3.81 3.14 -12.03
C ALA D 4939 -4.57 4.42 -11.70
N PHE D 4940 -5.53 4.34 -10.77
CA PHE D 4940 -6.22 5.54 -10.30
C PHE D 4940 -5.25 6.53 -9.67
N GLY D 4941 -4.34 6.02 -8.84
CA GLY D 4941 -3.36 6.90 -8.20
C GLY D 4941 -2.45 7.58 -9.20
N GLU D 4942 -2.03 6.85 -10.24
CA GLU D 4942 -1.19 7.44 -11.27
C GLU D 4942 -1.95 8.49 -12.07
N LEU D 4943 -3.23 8.25 -12.35
CA LEU D 4943 -4.02 9.27 -13.03
C LEU D 4943 -4.12 10.54 -12.18
N ARG D 4944 -4.38 10.38 -10.88
CA ARG D 4944 -4.43 11.55 -10.00
C ARG D 4944 -3.09 12.28 -9.98
N ASP D 4945 -1.99 11.53 -9.87
CA ASP D 4945 -0.67 12.14 -9.86
C ASP D 4945 -0.38 12.87 -11.16
N GLN D 4946 -0.82 12.32 -12.29
CA GLN D 4946 -0.67 13.01 -13.57
C GLN D 4946 -1.43 14.33 -13.58
N GLN D 4947 -2.66 14.32 -13.06
CA GLN D 4947 -3.42 15.58 -13.01
C GLN D 4947 -2.73 16.62 -12.14
N GLU D 4948 -2.26 16.23 -10.96
CA GLU D 4948 -1.56 17.19 -10.09
C GLU D 4948 -0.26 17.66 -10.72
N GLN D 4949 0.44 16.76 -11.42
CA GLN D 4949 1.67 17.15 -12.10
C GLN D 4949 1.40 18.16 -13.20
N VAL D 4950 0.32 17.96 -13.96
CA VAL D 4950 -0.05 18.93 -14.99
C VAL D 4950 -0.36 20.28 -14.36
N LYS D 4951 -1.13 20.28 -13.27
CA LYS D 4951 -1.46 21.52 -12.59
C LYS D 4951 -0.20 22.25 -12.12
N GLU D 4952 0.71 21.52 -11.46
CA GLU D 4952 1.94 22.13 -10.97
C GLU D 4952 2.81 22.63 -12.11
N ASP D 4953 2.90 21.86 -13.19
CA ASP D 4953 3.73 22.27 -14.32
C ASP D 4953 3.22 23.55 -14.95
N MET D 4954 1.89 23.67 -15.10
CA MET D 4954 1.36 24.93 -15.64
C MET D 4954 1.52 26.07 -14.64
N GLU D 4955 1.42 25.78 -13.34
CA GLU D 4955 1.52 26.84 -12.34
C GLU D 4955 2.95 27.35 -12.20
N THR D 4956 3.95 26.52 -12.52
CA THR D 4956 5.35 26.89 -12.30
C THR D 4956 6.15 26.93 -13.60
N LYS D 4957 5.51 27.11 -14.74
CA LYS D 4957 6.22 27.18 -16.01
C LYS D 4957 5.35 27.88 -17.04
N CYS D 4958 5.94 28.83 -17.76
CA CYS D 4958 5.23 29.51 -18.83
C CYS D 4958 4.95 28.54 -19.98
N PHE D 4959 3.76 28.67 -20.57
CA PHE D 4959 3.36 27.76 -21.63
C PHE D 4959 4.11 28.04 -22.93
N ILE D 4960 4.24 29.31 -23.30
CA ILE D 4960 4.85 29.67 -24.58
C ILE D 4960 6.34 29.36 -24.56
N CYS D 4961 7.03 29.76 -23.49
CA CYS D 4961 8.48 29.59 -23.38
C CYS D 4961 8.80 28.73 -22.16
N GLY D 4962 9.80 27.87 -22.31
CA GLY D 4962 10.20 26.97 -21.23
C GLY D 4962 10.84 27.64 -20.05
N ILE D 4963 10.84 28.97 -19.99
CA ILE D 4963 11.42 29.68 -18.86
C ILE D 4963 10.63 29.36 -17.59
N GLY D 4964 11.35 29.00 -16.54
CA GLY D 4964 10.73 28.66 -15.27
C GLY D 4964 10.30 29.89 -14.48
N SER D 4965 9.70 29.62 -13.32
CA SER D 4965 9.21 30.71 -12.48
C SER D 4965 10.36 31.44 -11.79
N ASP D 4966 11.56 30.87 -11.80
CA ASP D 4966 12.69 31.51 -11.15
C ASP D 4966 13.09 32.80 -11.86
N TYR D 4967 13.47 32.69 -13.13
CA TYR D 4967 13.87 33.88 -13.89
C TYR D 4967 12.68 34.80 -14.12
N PHE D 4968 11.52 34.24 -14.44
CA PHE D 4968 10.34 35.04 -14.76
C PHE D 4968 9.83 35.83 -13.57
N ASP D 4969 10.21 35.49 -12.34
CA ASP D 4969 9.78 36.22 -11.17
C ASP D 4969 10.39 37.61 -11.13
N PRO E 4208 6.37 30.22 26.95
CA PRO E 4208 4.94 30.16 27.17
C PRO E 4208 4.13 30.16 25.88
N GLN E 4209 3.15 31.07 25.79
CA GLN E 4209 2.30 31.14 24.61
C GLN E 4209 3.00 31.75 23.41
N VAL E 4210 4.02 32.59 23.63
CA VAL E 4210 4.69 33.24 22.52
C VAL E 4210 5.48 32.23 21.70
N LYS E 4211 6.07 31.23 22.36
CA LYS E 4211 6.80 30.19 21.62
C LYS E 4211 5.85 29.36 20.77
N GLU E 4212 4.69 28.99 21.33
CA GLU E 4212 3.69 28.25 20.56
C GLU E 4212 3.19 29.06 19.38
N SER E 4213 2.95 30.36 19.59
CA SER E 4213 2.53 31.22 18.50
C SER E 4213 3.59 31.28 17.41
N LYS E 4214 4.86 31.41 17.80
CA LYS E 4214 5.93 31.46 16.81
C LYS E 4214 6.02 30.16 16.01
N ARG E 4215 5.94 29.02 16.69
CA ARG E 4215 6.01 27.75 16.00
C ARG E 4215 4.83 27.57 15.04
N GLN E 4216 3.62 27.95 15.48
CA GLN E 4216 2.46 27.83 14.61
C GLN E 4216 2.59 28.76 13.40
N PHE E 4217 3.04 30.00 13.62
CA PHE E 4217 3.20 30.93 12.52
C PHE E 4217 4.18 30.39 11.50
N ILE E 4218 5.31 29.84 11.97
CA ILE E 4218 6.27 29.25 11.06
C ILE E 4218 5.64 28.08 10.32
N PHE E 4219 4.85 27.26 11.02
CA PHE E 4219 4.23 26.10 10.40
C PHE E 4219 3.38 26.51 9.20
N ASP E 4220 2.45 27.43 9.39
CA ASP E 4220 1.63 27.85 8.24
C ASP E 4220 2.43 28.65 7.22
N VAL E 4221 3.37 29.50 7.66
CA VAL E 4221 4.08 30.36 6.72
C VAL E 4221 5.02 29.56 5.82
N VAL E 4222 5.41 28.35 6.22
CA VAL E 4222 6.19 27.50 5.33
C VAL E 4222 5.32 26.46 4.62
N ASN E 4223 4.22 26.04 5.25
CA ASN E 4223 3.36 25.04 4.61
C ASN E 4223 2.56 25.63 3.47
N GLU E 4224 1.98 26.82 3.67
CA GLU E 4224 1.10 27.43 2.67
C GLU E 4224 1.44 28.89 2.43
N GLY E 4225 2.61 29.35 2.88
CA GLY E 4225 2.98 30.75 2.70
C GLY E 4225 4.06 30.95 1.67
N GLY E 4226 3.74 31.74 0.63
CA GLY E 4226 4.71 32.04 -0.40
C GLY E 4226 5.74 33.07 0.04
N GLU E 4227 6.82 33.15 -0.73
CA GLU E 4227 7.89 34.08 -0.41
C GLU E 4227 7.51 35.53 -0.71
N ALA E 4228 6.50 35.76 -1.54
CA ALA E 4228 6.11 37.13 -1.88
C ALA E 4228 5.50 37.84 -0.68
N GLU E 4229 4.57 37.18 0.02
CA GLU E 4229 3.90 37.75 1.17
C GLU E 4229 4.46 37.25 2.50
N LYS E 4230 5.59 36.54 2.47
CA LYS E 4230 6.19 36.04 3.70
C LYS E 4230 6.61 37.18 4.61
N MET E 4231 7.18 38.24 4.04
CA MET E 4231 7.57 39.40 4.84
C MET E 4231 6.36 40.08 5.48
N GLU E 4232 5.26 40.22 4.73
CA GLU E 4232 4.06 40.82 5.30
C GLU E 4232 3.48 39.95 6.42
N LEU E 4233 3.47 38.63 6.23
CA LEU E 4233 2.99 37.74 7.28
C LEU E 4233 3.90 37.82 8.51
N PHE E 4234 5.21 37.94 8.31
CA PHE E 4234 6.13 38.09 9.42
C PHE E 4234 5.87 39.40 10.17
N VAL E 4235 5.62 40.48 9.43
CA VAL E 4235 5.30 41.76 10.06
C VAL E 4235 4.02 41.65 10.87
N SER E 4236 2.99 40.99 10.33
CA SER E 4236 1.77 40.77 11.08
C SER E 4236 2.03 39.95 12.35
N PHE E 4237 2.90 38.96 12.25
CA PHE E 4237 3.24 38.18 13.43
C PHE E 4237 3.96 39.02 14.49
N CYS E 4238 4.90 39.88 14.10
CA CYS E 4238 5.52 40.77 15.07
C CYS E 4238 4.54 41.79 15.63
N GLU E 4239 3.51 42.17 14.88
CA GLU E 4239 2.45 43.00 15.43
C GLU E 4239 1.63 42.26 16.48
N ASP E 4240 1.33 40.97 16.23
CA ASP E 4240 0.68 40.15 17.25
C ASP E 4240 1.57 39.97 18.47
N THR E 4241 2.87 39.77 18.24
CA THR E 4241 3.78 39.42 19.33
C THR E 4241 3.88 40.55 20.36
N ILE E 4242 3.92 41.80 19.90
CA ILE E 4242 3.99 42.91 20.84
C ILE E 4242 2.75 42.94 21.74
N PHE E 4243 1.57 42.71 21.17
CA PHE E 4243 0.35 42.66 21.97
C PHE E 4243 0.41 41.49 22.95
N GLU E 4244 0.96 40.36 22.51
CA GLU E 4244 1.11 39.22 23.42
C GLU E 4244 2.03 39.56 24.60
N MET E 4245 3.14 40.25 24.33
CA MET E 4245 4.02 40.66 25.43
C MET E 4245 3.33 41.66 26.35
N GLN E 4246 2.54 42.59 25.80
CA GLN E 4246 1.78 43.49 26.67
C GLN E 4246 0.80 42.73 27.55
N ILE E 4247 0.11 41.73 26.99
CA ILE E 4247 -0.81 40.93 27.78
C ILE E 4247 -0.06 40.18 28.88
N ALA E 4248 1.09 39.59 28.54
CA ALA E 4248 1.87 38.84 29.52
C ALA E 4248 2.37 39.76 30.63
N ALA E 4249 2.81 40.97 30.27
CA ALA E 4249 3.23 41.93 31.29
C ALA E 4249 2.05 42.36 32.18
N GLN E 4250 0.87 42.53 31.58
CA GLN E 4250 -0.31 42.89 32.36
C GLN E 4250 -0.66 41.80 33.36
N ILE E 4251 -0.61 40.55 32.93
CA ILE E 4251 -0.95 39.45 33.85
C ILE E 4251 0.19 39.16 34.81
N SER E 4252 1.43 39.56 34.49
CA SER E 4252 2.55 39.36 35.39
C SER E 4252 2.49 40.34 36.56
N GLU E 4253 3.15 39.96 37.65
CA GLU E 4253 3.19 40.79 38.85
C GLU E 4253 4.02 42.05 38.61
N THR E 4323 -7.28 -10.78 37.16
CA THR E 4323 -8.50 -9.98 37.20
C THR E 4323 -8.43 -8.82 36.22
N ALA E 4324 -9.60 -8.31 35.83
CA ALA E 4324 -9.64 -7.20 34.89
C ALA E 4324 -9.23 -5.89 35.54
N ARG E 4325 -9.39 -5.77 36.86
CA ARG E 4325 -9.10 -4.53 37.55
C ARG E 4325 -7.62 -4.16 37.43
N GLU E 4326 -6.73 -5.10 37.75
CA GLU E 4326 -5.31 -4.80 37.73
C GLU E 4326 -4.82 -4.51 36.32
N ALA E 4327 -5.25 -5.31 35.34
CA ALA E 4327 -4.84 -5.09 33.96
C ALA E 4327 -5.34 -3.75 33.45
N ALA E 4328 -6.59 -3.40 33.75
CA ALA E 4328 -7.13 -2.12 33.32
C ALA E 4328 -6.39 -0.97 33.99
N THR E 4329 -6.07 -1.11 35.27
CA THR E 4329 -5.31 -0.07 35.96
C THR E 4329 -3.94 0.13 35.32
N ALA E 4330 -3.24 -0.97 35.03
CA ALA E 4330 -1.93 -0.87 34.41
C ALA E 4330 -2.01 -0.24 33.02
N LEU E 4331 -3.00 -0.65 32.22
CA LEU E 4331 -3.14 -0.09 30.87
C LEU E 4331 -3.47 1.39 30.92
N ALA E 4332 -4.38 1.78 31.83
CA ALA E 4332 -4.73 3.20 31.96
C ALA E 4332 -3.53 4.01 32.44
N ALA E 4333 -2.75 3.49 33.38
CA ALA E 4333 -1.57 4.19 33.84
C ALA E 4333 -0.56 4.37 32.71
N LEU E 4334 -0.33 3.31 31.92
CA LEU E 4334 0.60 3.43 30.81
C LEU E 4334 0.12 4.43 29.78
N LEU E 4335 -1.17 4.39 29.44
CA LEU E 4335 -1.71 5.31 28.44
C LEU E 4335 -1.61 6.75 28.92
N TRP E 4336 -1.98 7.00 30.18
CA TRP E 4336 -1.92 8.35 30.71
C TRP E 4336 -0.47 8.84 30.76
N ALA E 4337 0.46 7.97 31.16
CA ALA E 4337 1.86 8.37 31.22
C ALA E 4337 2.39 8.74 29.84
N VAL E 4338 2.12 7.91 28.82
CA VAL E 4338 2.67 8.21 27.51
C VAL E 4338 2.00 9.45 26.91
N VAL E 4339 0.71 9.65 27.19
CA VAL E 4339 0.04 10.85 26.70
C VAL E 4339 0.60 12.10 27.36
N ALA E 4340 0.82 12.05 28.69
CA ALA E 4340 1.30 13.23 29.39
C ALA E 4340 2.76 13.52 29.09
N ARG E 4341 3.54 12.50 28.73
CA ARG E 4341 4.94 12.71 28.41
C ARG E 4341 5.17 13.20 26.99
N ALA E 4342 4.12 13.34 26.19
CA ALA E 4342 4.24 13.80 24.82
C ALA E 4342 3.35 14.98 24.46
N GLY E 4343 2.33 15.29 25.26
CA GLY E 4343 1.45 16.38 24.94
C GLY E 4343 0.77 16.93 26.17
N ALA E 4344 -0.27 17.74 25.94
CA ALA E 4344 -1.10 18.37 26.95
C ALA E 4344 -0.33 19.35 27.84
N ALA E 4345 0.85 19.79 27.41
CA ALA E 4345 1.67 20.74 28.15
C ALA E 4345 1.94 20.27 29.59
N TRP E 4541 -16.39 49.08 48.18
CA TRP E 4541 -16.01 47.72 47.80
C TRP E 4541 -14.80 47.72 46.87
N GLY E 4542 -13.89 48.68 47.07
CA GLY E 4542 -12.69 48.73 46.26
C GLY E 4542 -11.79 47.52 46.47
N GLU E 4543 -11.65 47.07 47.72
CA GLU E 4543 -10.86 45.88 48.00
C GLU E 4543 -11.41 44.65 47.29
N LEU E 4544 -12.74 44.58 47.14
CA LEU E 4544 -13.33 43.48 46.39
C LEU E 4544 -12.88 43.51 44.93
N GLU E 4545 -12.83 44.70 44.32
CA GLU E 4545 -12.35 44.81 42.95
C GLU E 4545 -10.87 44.46 42.85
N VAL E 4546 -10.07 44.88 43.84
CA VAL E 4546 -8.64 44.57 43.82
C VAL E 4546 -8.44 43.06 43.94
N GLN E 4547 -9.26 42.39 44.74
CA GLN E 4547 -9.18 40.94 44.83
C GLN E 4547 -9.66 40.27 43.54
N ARG E 4548 -10.71 40.81 42.92
CA ARG E 4548 -11.24 40.20 41.70
C ARG E 4548 -10.26 40.31 40.54
N VAL E 4549 -9.58 41.45 40.40
CA VAL E 4549 -8.62 41.58 39.30
C VAL E 4549 -7.42 40.65 39.54
N LYS E 4550 -7.00 40.48 40.78
CA LYS E 4550 -5.93 39.53 41.09
C LYS E 4550 -6.38 38.09 40.80
N PHE E 4551 -7.65 37.78 41.10
CA PHE E 4551 -8.19 36.46 40.78
C PHE E 4551 -8.19 36.21 39.28
N LEU E 4552 -8.61 37.22 38.50
CA LEU E 4552 -8.60 37.08 37.04
C LEU E 4552 -7.18 36.91 36.52
N ASN E 4553 -6.23 37.67 37.07
CA ASN E 4553 -4.83 37.50 36.67
C ASN E 4553 -4.31 36.11 37.03
N TYR E 4554 -4.74 35.58 38.18
CA TYR E 4554 -4.32 34.24 38.59
C TYR E 4554 -4.79 33.21 37.59
N LEU E 4555 -6.07 33.28 37.18
CA LEU E 4555 -6.54 32.36 36.14
C LEU E 4555 -5.84 32.60 34.81
N SER E 4556 -5.51 33.85 34.49
CA SER E 4556 -4.85 34.15 33.23
C SER E 4556 -3.44 33.55 33.18
N ARG E 4557 -2.73 33.57 34.31
CA ARG E 4557 -1.34 33.12 34.33
C ARG E 4557 -1.23 31.63 34.01
N ASN E 4558 -2.09 30.80 34.60
CA ASN E 4558 -2.04 29.36 34.44
C ASN E 4558 -3.28 28.90 33.67
N PHE E 4559 -3.11 28.65 32.38
CA PHE E 4559 -4.16 28.10 31.53
C PHE E 4559 -3.81 26.73 30.96
N TYR E 4560 -2.59 26.54 30.47
CA TYR E 4560 -2.16 25.24 29.97
C TYR E 4560 -2.11 24.18 31.07
N THR E 4561 -1.84 24.59 32.32
CA THR E 4561 -1.88 23.68 33.45
C THR E 4561 -3.30 23.27 33.80
N LEU E 4562 -4.25 24.22 33.73
CA LEU E 4562 -5.65 23.87 33.95
C LEU E 4562 -6.18 22.97 32.84
N ARG E 4563 -5.77 23.22 31.60
CA ARG E 4563 -6.18 22.35 30.49
C ARG E 4563 -5.64 20.94 30.63
N PHE E 4564 -4.48 20.77 31.27
CA PHE E 4564 -3.93 19.45 31.55
C PHE E 4564 -4.59 18.79 32.76
N LEU E 4565 -4.91 19.58 33.78
CA LEU E 4565 -5.65 19.04 34.93
C LEU E 4565 -7.04 18.57 34.52
N ALA E 4566 -7.71 19.30 33.62
CA ALA E 4566 -9.00 18.86 33.13
C ALA E 4566 -8.89 17.55 32.36
N LEU E 4567 -7.84 17.40 31.55
CA LEU E 4567 -7.61 16.13 30.86
C LEU E 4567 -7.34 14.98 31.83
N PHE E 4568 -6.56 15.23 32.87
CA PHE E 4568 -6.35 14.20 33.89
C PHE E 4568 -7.64 13.83 34.60
N LEU E 4569 -8.47 14.81 34.94
CA LEU E 4569 -9.74 14.56 35.61
C LEU E 4569 -10.68 13.76 34.71
N ALA E 4570 -10.74 14.09 33.42
CA ALA E 4570 -11.59 13.33 32.50
C ALA E 4570 -11.18 11.87 32.45
N PHE E 4571 -9.87 11.61 32.34
CA PHE E 4571 -9.40 10.23 32.33
C PHE E 4571 -9.72 9.52 33.64
N ALA E 4572 -9.56 10.22 34.77
CA ALA E 4572 -9.84 9.61 36.07
C ALA E 4572 -11.32 9.22 36.18
N ILE E 4573 -12.22 10.15 35.85
CA ILE E 4573 -13.64 9.84 35.93
C ILE E 4573 -14.06 8.81 34.89
N ASN E 4574 -13.40 8.73 33.73
CA ASN E 4574 -13.72 7.68 32.78
C ASN E 4574 -13.28 6.32 33.29
N PHE E 4575 -12.10 6.25 33.93
CA PHE E 4575 -11.68 5.01 34.56
C PHE E 4575 -12.65 4.60 35.66
N ILE E 4576 -13.15 5.58 36.42
CA ILE E 4576 -14.18 5.30 37.43
C ILE E 4576 -15.44 4.75 36.77
N LEU E 4577 -15.89 5.39 35.68
CA LEU E 4577 -17.07 4.95 34.95
C LEU E 4577 -16.91 3.58 34.31
N LEU E 4578 -15.68 3.14 34.09
CA LEU E 4578 -15.43 1.81 33.52
C LEU E 4578 -15.94 0.68 34.40
N PHE E 4579 -16.22 0.95 35.68
CA PHE E 4579 -16.75 -0.05 36.61
C PHE E 4579 -18.26 0.06 36.77
N TYR E 4580 -18.97 0.40 35.70
CA TYR E 4580 -20.41 0.61 35.75
C TYR E 4580 -21.14 -0.69 35.48
N LYS E 4581 -22.18 -0.95 36.27
CA LYS E 4581 -22.99 -2.16 36.13
C LYS E 4581 -24.47 -1.78 36.13
N VAL E 4582 -25.28 -2.64 35.52
CA VAL E 4582 -26.72 -2.42 35.43
C VAL E 4582 -27.43 -3.71 35.83
N SER E 4583 -28.47 -3.58 36.66
CA SER E 4583 -29.27 -4.73 37.07
C SER E 4583 -30.70 -4.28 37.31
N ASP E 4584 -31.62 -5.24 37.21
CA ASP E 4584 -33.04 -4.93 37.40
C ASP E 4584 -33.34 -4.59 38.85
N SER E 4585 -32.81 -5.37 39.78
CA SER E 4585 -33.07 -5.16 41.19
C SER E 4585 -32.30 -3.94 41.71
N PRO E 4586 -32.89 -3.20 42.65
CA PRO E 4586 -32.17 -2.07 43.23
C PRO E 4586 -30.96 -2.54 44.01
N PRO E 4587 -29.89 -1.73 44.08
CA PRO E 4587 -28.68 -2.09 44.82
C PRO E 4587 -28.93 -2.21 46.33
N ASN E 4626 -38.16 -1.06 36.75
CA ASN E 4626 -37.29 -0.46 35.75
C ASN E 4626 -35.86 -0.97 35.88
N MET E 4627 -35.02 -0.63 34.92
CA MET E 4627 -33.62 -1.03 34.91
C MET E 4627 -32.79 0.06 35.57
N VAL E 4628 -32.29 -0.22 36.77
CA VAL E 4628 -31.49 0.74 37.52
C VAL E 4628 -30.02 0.43 37.29
N TYR E 4629 -29.17 1.44 37.55
CA TYR E 4629 -27.73 1.31 37.40
C TYR E 4629 -27.08 1.42 38.77
N TYR E 4630 -26.28 0.42 39.13
CA TYR E 4630 -25.61 0.38 40.41
C TYR E 4630 -24.11 0.29 40.21
N PHE E 4631 -23.36 0.80 41.18
CA PHE E 4631 -21.90 0.84 41.11
C PHE E 4631 -21.32 -0.35 41.88
N LEU E 4632 -20.39 -1.05 41.26
CA LEU E 4632 -19.72 -2.18 41.88
C LEU E 4632 -18.44 -1.71 42.56
N GLU E 4633 -18.34 -1.94 43.86
CA GLU E 4633 -17.18 -1.56 44.65
C GLU E 4633 -16.56 -2.81 45.25
N GLU E 4634 -15.24 -2.96 45.07
CA GLU E 4634 -14.51 -4.11 45.62
C GLU E 4634 -14.14 -3.83 47.07
N SER E 4635 -15.19 -3.68 47.89
CA SER E 4635 -15.08 -3.37 49.31
C SER E 4635 -14.39 -2.03 49.57
N THR E 4636 -14.43 -1.11 48.61
CA THR E 4636 -13.89 0.24 48.76
C THR E 4636 -15.04 1.23 48.53
N GLY E 4637 -15.52 1.82 49.62
CA GLY E 4637 -16.57 2.82 49.54
C GLY E 4637 -16.11 4.21 49.22
N TYR E 4638 -14.81 4.41 49.02
CA TYR E 4638 -14.27 5.73 48.71
C TYR E 4638 -14.53 6.17 47.28
N MET E 4639 -15.06 5.29 46.43
CA MET E 4639 -15.14 5.55 45.00
C MET E 4639 -16.42 6.28 44.60
N GLU E 4640 -17.56 5.89 45.16
CA GLU E 4640 -18.82 6.52 44.78
C GLU E 4640 -18.86 8.01 45.12
N PRO E 4641 -18.52 8.46 46.34
CA PRO E 4641 -18.40 9.92 46.55
C PRO E 4641 -17.31 10.55 45.71
N ALA E 4642 -16.23 9.81 45.44
CA ALA E 4642 -15.13 10.36 44.64
C ALA E 4642 -15.60 10.71 43.24
N LEU E 4643 -16.49 9.91 42.66
CA LEU E 4643 -17.00 10.22 41.33
C LEU E 4643 -17.64 11.61 41.30
N TRP E 4644 -18.52 11.88 42.27
CA TRP E 4644 -19.14 13.20 42.37
C TRP E 4644 -18.11 14.28 42.64
N CYS E 4645 -17.12 13.99 43.48
CA CYS E 4645 -16.08 14.97 43.78
C CYS E 4645 -15.33 15.39 42.53
N LEU E 4646 -14.80 14.42 41.77
CA LEU E 4646 -14.07 14.76 40.56
C LEU E 4646 -14.99 15.34 39.49
N SER E 4647 -16.27 14.99 39.48
CA SER E 4647 -17.19 15.66 38.56
C SER E 4647 -17.30 17.14 38.89
N LEU E 4648 -17.43 17.48 40.18
CA LEU E 4648 -17.48 18.87 40.58
C LEU E 4648 -16.19 19.60 40.23
N LEU E 4649 -15.04 18.96 40.50
CA LEU E 4649 -13.77 19.60 40.16
C LEU E 4649 -13.60 19.75 38.64
N HIS E 4650 -14.10 18.80 37.86
CA HIS E 4650 -14.03 18.94 36.41
C HIS E 4650 -14.88 20.11 35.92
N THR E 4651 -16.08 20.27 36.47
CA THR E 4651 -16.89 21.43 36.12
C THR E 4651 -16.19 22.73 36.51
N LEU E 4652 -15.60 22.76 37.70
CA LEU E 4652 -14.91 23.97 38.16
C LEU E 4652 -13.72 24.30 37.26
N VAL E 4653 -12.92 23.29 36.90
CA VAL E 4653 -11.75 23.57 36.06
C VAL E 4653 -12.17 23.93 34.64
N ALA E 4654 -13.29 23.38 34.16
CA ALA E 4654 -13.80 23.82 32.85
C ALA E 4654 -14.20 25.29 32.88
N PHE E 4655 -14.87 25.71 33.96
CA PHE E 4655 -15.20 27.13 34.11
C PHE E 4655 -13.94 27.99 34.18
N LEU E 4656 -12.94 27.52 34.93
CA LEU E 4656 -11.68 28.27 35.02
C LEU E 4656 -11.00 28.36 33.66
N CYS E 4657 -11.02 27.27 32.89
CA CYS E 4657 -10.38 27.26 31.58
C CYS E 4657 -11.08 28.22 30.61
N ILE E 4658 -12.42 28.24 30.61
CA ILE E 4658 -13.10 29.15 29.70
C ILE E 4658 -12.87 30.60 30.14
N ILE E 4659 -12.83 30.87 31.44
CA ILE E 4659 -12.52 32.23 31.90
C ILE E 4659 -11.12 32.63 31.47
N GLY E 4660 -10.15 31.72 31.61
CA GLY E 4660 -8.78 32.04 31.21
C GLY E 4660 -8.65 32.26 29.72
N TYR E 4661 -9.34 31.45 28.92
CA TYR E 4661 -9.31 31.65 27.47
C TYR E 4661 -9.92 32.99 27.10
N ASN E 4662 -11.03 33.36 27.75
CA ASN E 4662 -11.62 34.67 27.49
C ASN E 4662 -10.67 35.79 27.90
N CYS E 4663 -9.93 35.60 28.98
CA CYS E 4663 -9.08 36.66 29.50
C CYS E 4663 -7.83 36.87 28.65
N LEU E 4664 -7.18 35.78 28.22
CA LEU E 4664 -5.85 35.89 27.62
C LEU E 4664 -5.80 35.67 26.12
N LYS E 4665 -6.80 35.00 25.53
CA LYS E 4665 -6.77 34.72 24.10
C LYS E 4665 -7.73 35.59 23.29
N VAL E 4666 -8.81 36.08 23.90
CA VAL E 4666 -9.78 36.90 23.17
C VAL E 4666 -9.15 38.17 22.62
N PRO E 4667 -8.36 38.95 23.39
CA PRO E 4667 -7.76 40.15 22.81
C PRO E 4667 -6.88 39.88 21.60
N LEU E 4668 -6.27 38.70 21.51
CA LEU E 4668 -5.45 38.39 20.35
C LEU E 4668 -6.28 38.38 19.06
N VAL E 4669 -7.40 37.64 19.08
CA VAL E 4669 -8.25 37.60 17.89
C VAL E 4669 -8.92 38.96 17.67
N ILE E 4670 -9.24 39.67 18.74
CA ILE E 4670 -9.80 41.01 18.60
C ILE E 4670 -8.85 41.91 17.82
N PHE E 4671 -7.57 41.91 18.22
CA PHE E 4671 -6.59 42.83 17.64
C PHE E 4671 -6.19 42.38 16.24
N LYS E 4672 -6.22 41.06 15.98
CA LYS E 4672 -6.00 40.58 14.62
C LYS E 4672 -7.12 41.03 13.69
N ARG E 4673 -8.37 40.93 14.13
CA ARG E 4673 -9.48 41.40 13.30
C ARG E 4673 -9.44 42.90 13.11
N GLU E 4674 -8.97 43.64 14.14
CA GLU E 4674 -8.76 45.07 13.97
C GLU E 4674 -7.73 45.34 12.88
N LYS E 4675 -6.61 44.61 12.89
CA LYS E 4675 -5.65 44.74 11.79
C LYS E 4675 -6.33 44.54 10.45
N GLU E 4676 -7.05 43.43 10.32
CA GLU E 4676 -7.61 43.08 9.01
C GLU E 4676 -8.56 44.15 8.52
N LEU E 4677 -9.49 44.60 9.37
CA LEU E 4677 -10.51 45.53 8.91
C LEU E 4677 -9.92 46.91 8.68
N ALA E 4678 -9.01 47.35 9.56
CA ALA E 4678 -8.38 48.66 9.36
C ALA E 4678 -7.52 48.68 8.10
N ARG E 4679 -6.76 47.61 7.85
CA ARG E 4679 -5.94 47.55 6.65
C ARG E 4679 -6.80 47.52 5.40
N LYS E 4680 -7.93 46.80 5.45
CA LYS E 4680 -8.87 46.84 4.33
C LYS E 4680 -9.45 48.23 4.14
N LEU E 4681 -9.71 48.95 5.24
CA LEU E 4681 -10.33 50.25 5.14
C LEU E 4681 -9.38 51.29 4.54
N GLU E 4682 -8.17 51.40 5.09
CA GLU E 4682 -7.29 52.51 4.72
C GLU E 4682 -6.42 52.21 3.50
N PHE E 4683 -6.41 50.97 3.03
CA PHE E 4683 -5.86 50.60 1.72
C PHE E 4683 -6.92 50.48 0.64
N ASP E 4684 -7.93 49.63 0.84
CA ASP E 4684 -8.87 49.32 -0.22
C ASP E 4684 -10.18 50.09 -0.12
N GLY E 4685 -10.63 50.41 1.09
CA GLY E 4685 -11.92 51.06 1.25
C GLY E 4685 -13.06 50.15 0.85
N LEU E 4686 -13.20 49.02 1.55
CA LEU E 4686 -14.20 48.02 1.20
C LEU E 4686 -15.62 48.51 1.40
N TYR E 4687 -15.82 49.57 2.20
CA TYR E 4687 -17.15 50.04 2.53
C TYR E 4687 -17.50 51.38 1.90
N ILE E 4688 -16.54 52.07 1.30
CA ILE E 4688 -16.77 53.35 0.67
C ILE E 4688 -16.69 53.26 -0.86
N THR E 4689 -15.63 52.62 -1.37
CA THR E 4689 -15.46 52.46 -2.80
C THR E 4689 -16.03 51.14 -3.32
N GLU E 4690 -16.57 50.30 -2.45
CA GLU E 4690 -17.11 49.01 -2.84
C GLU E 4690 -18.06 48.53 -1.74
N GLN E 4691 -18.46 47.27 -1.82
CA GLN E 4691 -19.35 46.66 -0.83
C GLN E 4691 -19.11 45.16 -0.84
N PRO E 4692 -19.19 44.50 0.33
CA PRO E 4692 -18.99 43.05 0.42
C PRO E 4692 -20.28 42.27 0.23
N ASP E 4696 -19.32 36.39 2.70
CA ASP E 4696 -18.73 37.58 3.31
C ASP E 4696 -19.51 38.00 4.56
N VAL E 4697 -19.79 37.02 5.43
CA VAL E 4697 -20.52 37.30 6.65
C VAL E 4697 -19.71 38.21 7.57
N LYS E 4698 -18.38 38.11 7.52
CA LYS E 4698 -17.54 38.95 8.37
C LYS E 4698 -17.75 40.42 8.06
N GLY E 4699 -17.83 40.78 6.79
CA GLY E 4699 -18.04 42.18 6.42
C GLY E 4699 -19.35 42.72 6.95
N GLN E 4700 -20.44 41.96 6.76
CA GLN E 4700 -21.74 42.40 7.25
C GLN E 4700 -21.75 42.51 8.77
N TRP E 4701 -21.02 41.61 9.44
CA TRP E 4701 -20.99 41.56 10.94
C TRP E 4701 -20.15 42.69 11.55
N ASP E 4702 -18.96 42.96 10.99
CA ASP E 4702 -18.06 44.01 11.53
C ASP E 4702 -18.60 45.39 11.15
N ARG E 4703 -19.55 45.46 10.23
CA ARG E 4703 -20.04 46.76 9.70
C ARG E 4703 -20.58 47.67 10.80
N LEU E 4704 -21.22 47.10 11.82
CA LEU E 4704 -21.84 47.94 12.86
C LEU E 4704 -20.75 48.69 13.62
N VAL E 4705 -19.54 48.13 13.70
CA VAL E 4705 -18.43 48.76 14.45
C VAL E 4705 -18.06 50.11 13.83
N LEU E 4706 -18.22 50.29 12.53
CA LEU E 4706 -17.76 51.51 11.83
C LEU E 4706 -18.43 52.75 12.42
N ASN E 4707 -19.70 52.68 12.81
CA ASN E 4707 -20.42 53.89 13.29
C ASN E 4707 -20.23 54.07 14.79
N THR E 4708 -19.41 53.22 15.43
CA THR E 4708 -19.24 53.26 16.90
C THR E 4708 -18.46 54.50 17.29
N PRO E 4709 -18.66 55.11 18.48
CA PRO E 4709 -17.83 56.25 18.89
C PRO E 4709 -16.37 55.88 19.12
N SER E 4710 -16.10 54.64 19.56
CA SER E 4710 -14.75 54.18 19.84
C SER E 4710 -14.52 52.86 19.09
N PHE E 4711 -14.10 52.97 17.83
CA PHE E 4711 -13.74 51.76 17.07
C PHE E 4711 -12.43 51.16 17.55
N PRO E 4712 -11.27 51.86 17.46
CA PRO E 4712 -9.99 51.18 17.72
C PRO E 4712 -9.64 51.15 19.21
N SER E 4713 -10.44 50.41 19.98
CA SER E 4713 -10.18 50.28 21.40
C SER E 4713 -8.90 49.48 21.66
N ASN E 4714 -8.65 48.44 20.84
CA ASN E 4714 -7.51 47.56 21.04
C ASN E 4714 -6.37 47.82 20.06
N TYR E 4715 -6.44 48.87 19.26
CA TYR E 4715 -5.42 49.16 18.28
C TYR E 4715 -4.77 50.51 18.54
N TRP E 4716 -3.59 50.72 17.93
CA TRP E 4716 -2.84 51.94 18.15
C TRP E 4716 -3.48 53.15 17.48
N ASP E 4717 -3.92 53.01 16.22
CA ASP E 4717 -4.42 54.17 15.47
C ASP E 4717 -5.79 54.59 16.00
N LYS E 4718 -5.77 55.44 17.01
CA LYS E 4718 -7.00 56.02 17.56
C LYS E 4718 -7.49 57.22 16.76
N PHE E 4719 -6.74 57.64 15.75
CA PHE E 4719 -7.12 58.74 14.88
C PHE E 4719 -7.27 58.28 13.43
N VAL E 4720 -7.59 57.00 13.23
CA VAL E 4720 -7.78 56.45 11.89
C VAL E 4720 -8.98 57.05 11.18
N LYS E 4721 -9.98 57.51 11.94
CA LYS E 4721 -11.18 58.09 11.34
C LYS E 4721 -10.83 59.24 10.41
N ARG E 4722 -9.98 60.16 10.88
CA ARG E 4722 -9.57 61.28 10.05
C ARG E 4722 -8.80 60.82 8.82
N LYS E 4723 -7.94 59.82 8.96
CA LYS E 4723 -7.18 59.31 7.83
C LYS E 4723 -8.11 58.76 6.75
N VAL E 4724 -9.09 57.95 7.14
CA VAL E 4724 -10.02 57.39 6.16
C VAL E 4724 -10.89 58.48 5.55
N LEU E 4725 -11.34 59.45 6.36
CA LEU E 4725 -12.17 60.53 5.83
C LEU E 4725 -11.40 61.39 4.84
N ASP E 4726 -10.14 61.72 5.12
CA ASP E 4726 -9.36 62.55 4.21
C ASP E 4726 -8.87 61.78 3.00
N LYS E 4727 -8.70 60.46 3.12
CA LYS E 4727 -8.21 59.67 1.98
C LYS E 4727 -9.20 59.72 0.82
N HIS E 4728 -10.49 59.63 1.11
CA HIS E 4728 -11.54 59.67 0.09
C HIS E 4728 -12.46 60.87 0.31
N GLY E 4729 -11.88 62.00 0.70
CA GLY E 4729 -12.65 63.21 0.93
C GLY E 4729 -13.09 63.94 -0.31
N ASP E 4730 -12.56 63.57 -1.48
CA ASP E 4730 -12.93 64.18 -2.75
C ASP E 4730 -13.98 63.38 -3.50
N ILE E 4731 -13.86 62.05 -3.52
CA ILE E 4731 -14.86 61.22 -4.17
C ILE E 4731 -16.19 61.33 -3.43
N PHE E 4732 -16.15 61.29 -2.10
CA PHE E 4732 -17.34 61.41 -1.26
C PHE E 4732 -17.18 62.62 -0.34
N GLY E 4733 -18.30 63.29 -0.07
CA GLY E 4733 -18.27 64.46 0.77
C GLY E 4733 -17.98 64.12 2.23
N ARG E 4734 -17.70 65.17 3.01
CA ARG E 4734 -17.41 64.98 4.42
C ARG E 4734 -18.61 64.40 5.15
N GLU E 4735 -19.81 64.88 4.86
CA GLU E 4735 -21.01 64.36 5.52
C GLU E 4735 -21.34 62.95 5.06
N ARG E 4736 -20.99 62.59 3.83
CA ARG E 4736 -21.26 61.25 3.33
C ARG E 4736 -20.45 60.21 4.11
N ILE E 4737 -19.19 60.52 4.41
CA ILE E 4737 -18.33 59.58 5.14
C ILE E 4737 -18.51 59.70 6.66
N ALA E 4738 -18.88 60.88 7.17
CA ALA E 4738 -19.04 61.05 8.60
C ALA E 4738 -20.14 60.16 9.16
N GLU E 4739 -21.25 60.02 8.42
CA GLU E 4739 -22.34 59.17 8.88
C GLU E 4739 -21.90 57.70 8.93
N LEU E 4740 -21.12 57.26 7.95
CA LEU E 4740 -20.67 55.87 7.94
C LEU E 4740 -19.76 55.57 9.12
N LEU E 4741 -18.84 56.48 9.43
CA LEU E 4741 -17.89 56.29 10.52
C LEU E 4741 -18.34 56.91 11.83
N GLY E 4742 -19.54 57.49 11.87
CA GLY E 4742 -20.03 58.10 13.09
C GLY E 4742 -19.48 59.49 13.35
N TRP E 4767 -18.63 52.25 32.84
CA TRP E 4767 -19.73 51.34 33.16
C TRP E 4767 -20.94 51.61 32.27
N LEU E 4768 -22.03 52.09 32.87
CA LEU E 4768 -23.23 52.40 32.11
C LEU E 4768 -22.98 53.54 31.11
N MET E 4769 -22.27 54.58 31.56
CA MET E 4769 -22.00 55.71 30.68
C MET E 4769 -21.10 55.30 29.52
N SER E 4770 -20.08 54.47 29.79
CA SER E 4770 -19.15 54.02 28.77
C SER E 4770 -19.54 52.67 28.17
N ILE E 4771 -20.84 52.36 28.14
CA ILE E 4771 -21.31 51.08 27.62
C ILE E 4771 -21.50 51.26 26.12
N ASP E 4772 -20.48 50.88 25.35
CA ASP E 4772 -20.54 50.90 23.89
C ASP E 4772 -21.26 49.62 23.45
N VAL E 4773 -22.58 49.74 23.24
CA VAL E 4773 -23.40 48.57 22.97
C VAL E 4773 -22.99 47.90 21.66
N LYS E 4774 -22.79 48.69 20.61
CA LYS E 4774 -22.43 48.11 19.32
C LYS E 4774 -21.05 47.45 19.38
N TYR E 4775 -20.08 48.11 20.01
CA TYR E 4775 -18.74 47.52 20.12
C TYR E 4775 -18.77 46.25 20.97
N GLN E 4776 -19.52 46.25 22.07
CA GLN E 4776 -19.55 45.08 22.93
C GLN E 4776 -20.26 43.91 22.26
N ILE E 4777 -21.34 44.17 21.51
CA ILE E 4777 -21.99 43.07 20.81
C ILE E 4777 -21.11 42.57 19.66
N TRP E 4778 -20.37 43.45 19.00
CA TRP E 4778 -19.42 43.00 17.99
C TRP E 4778 -18.34 42.12 18.61
N LYS E 4779 -17.82 42.51 19.78
CA LYS E 4779 -16.83 41.70 20.47
C LYS E 4779 -17.40 40.34 20.86
N PHE E 4780 -18.64 40.31 21.36
CA PHE E 4780 -19.27 39.04 21.70
C PHE E 4780 -19.44 38.17 20.47
N GLY E 4781 -19.84 38.76 19.34
CA GLY E 4781 -20.02 37.98 18.13
C GLY E 4781 -18.72 37.40 17.60
N VAL E 4782 -17.66 38.20 17.58
CA VAL E 4782 -16.37 37.68 17.10
C VAL E 4782 -15.82 36.65 18.08
N ILE E 4783 -16.10 36.79 19.38
CA ILE E 4783 -15.74 35.77 20.34
C ILE E 4783 -16.47 34.47 20.02
N PHE E 4784 -17.76 34.56 19.71
CA PHE E 4784 -18.53 33.38 19.34
C PHE E 4784 -18.00 32.74 18.07
N THR E 4785 -17.53 33.56 17.12
CA THR E 4785 -17.03 33.04 15.86
C THR E 4785 -15.76 32.23 16.04
N ASP E 4786 -15.00 32.51 17.09
CA ASP E 4786 -13.72 31.83 17.30
C ASP E 4786 -13.93 30.33 17.50
N ASN E 4787 -13.10 29.53 16.82
CA ASN E 4787 -13.25 28.08 16.89
C ASN E 4787 -12.85 27.53 18.24
N SER E 4788 -11.74 28.02 18.80
CA SER E 4788 -11.29 27.53 20.10
C SER E 4788 -12.26 27.93 21.21
N PHE E 4789 -12.88 29.11 21.09
CA PHE E 4789 -13.91 29.49 22.04
C PHE E 4789 -15.12 28.56 21.94
N LEU E 4790 -15.48 28.16 20.72
CA LEU E 4790 -16.55 27.18 20.56
C LEU E 4790 -16.18 25.84 21.18
N TYR E 4791 -14.92 25.42 21.04
CA TYR E 4791 -14.47 24.19 21.66
C TYR E 4791 -14.56 24.27 23.19
N LEU E 4792 -14.14 25.40 23.76
CA LEU E 4792 -14.23 25.58 25.21
C LEU E 4792 -15.69 25.60 25.67
N GLY E 4793 -16.55 26.26 24.90
CA GLY E 4793 -17.96 26.28 25.26
C GLY E 4793 -18.60 24.91 25.18
N TRP E 4794 -18.22 24.12 24.17
CA TRP E 4794 -18.72 22.74 24.08
C TRP E 4794 -18.22 21.91 25.25
N TYR E 4795 -16.96 22.10 25.65
CA TYR E 4795 -16.43 21.40 26.82
C TYR E 4795 -17.23 21.76 28.08
N MET E 4796 -17.50 23.05 28.27
CA MET E 4796 -18.26 23.48 29.43
C MET E 4796 -19.69 22.93 29.40
N VAL E 4797 -20.31 22.92 28.22
CA VAL E 4797 -21.67 22.41 28.08
C VAL E 4797 -21.71 20.91 28.39
N MET E 4798 -20.73 20.16 27.89
CA MET E 4798 -20.67 18.73 28.18
C MET E 4798 -20.43 18.48 29.66
N SER E 4799 -19.56 19.27 30.29
CA SER E 4799 -19.32 19.11 31.72
C SER E 4799 -20.58 19.40 32.52
N LEU E 4800 -21.33 20.44 32.15
CA LEU E 4800 -22.58 20.73 32.84
C LEU E 4800 -23.63 19.66 32.60
N LEU E 4801 -23.69 19.10 31.39
CA LEU E 4801 -24.65 18.05 31.09
C LEU E 4801 -24.28 16.73 31.72
N GLY E 4802 -23.01 16.54 32.10
CA GLY E 4802 -22.60 15.32 32.75
C GLY E 4802 -23.20 15.12 34.13
N HIS E 4803 -23.65 16.19 34.77
CA HIS E 4803 -24.35 16.04 36.04
C HIS E 4803 -25.73 15.42 35.86
N TYR E 4804 -26.42 15.77 34.77
CA TYR E 4804 -27.73 15.17 34.50
C TYR E 4804 -27.60 13.67 34.23
N ASN E 4805 -26.58 13.27 33.47
CA ASN E 4805 -26.31 11.86 33.20
C ASN E 4805 -24.80 11.70 33.24
N ASN E 4806 -24.32 10.83 34.13
CA ASN E 4806 -22.88 10.70 34.36
C ASN E 4806 -22.13 10.14 33.15
N PHE E 4807 -22.84 9.47 32.24
CA PHE E 4807 -22.17 8.89 31.07
C PHE E 4807 -21.87 9.91 29.98
N PHE E 4808 -22.36 11.15 30.11
CA PHE E 4808 -22.05 12.19 29.14
C PHE E 4808 -20.60 12.67 29.24
N PHE E 4809 -19.88 12.29 30.29
CA PHE E 4809 -18.50 12.71 30.47
C PHE E 4809 -17.53 12.00 29.54
N ALA E 4810 -17.99 10.96 28.84
CA ALA E 4810 -17.10 10.21 27.95
C ALA E 4810 -16.66 11.02 26.74
N ALA E 4811 -17.35 12.11 26.44
CA ALA E 4811 -16.99 12.96 25.30
C ALA E 4811 -15.75 13.80 25.58
N HIS E 4812 -15.26 13.83 26.82
CA HIS E 4812 -14.09 14.63 27.17
C HIS E 4812 -12.77 13.91 26.90
N LEU E 4813 -12.82 12.66 26.46
CA LEU E 4813 -11.61 11.94 26.08
C LEU E 4813 -11.15 12.26 24.66
N LEU E 4814 -11.91 13.07 23.92
CA LEU E 4814 -11.49 13.48 22.59
C LEU E 4814 -10.46 14.59 22.61
N ASP E 4815 -10.16 15.16 23.78
CA ASP E 4815 -9.17 16.22 23.87
C ASP E 4815 -7.75 15.70 23.75
N ILE E 4816 -7.55 14.39 23.88
CA ILE E 4816 -6.20 13.84 23.71
C ILE E 4816 -5.75 13.96 22.26
N ALA E 4817 -6.70 13.95 21.32
CA ALA E 4817 -6.34 14.11 19.92
C ALA E 4817 -5.71 15.47 19.65
N MET E 4818 -6.27 16.52 20.26
CA MET E 4818 -5.71 17.85 20.08
C MET E 4818 -4.39 18.03 20.82
N GLY E 4819 -4.19 17.26 21.90
CA GLY E 4819 -2.97 17.42 22.69
C GLY E 4819 -1.72 17.01 21.94
N VAL E 4820 -1.78 15.90 21.21
CA VAL E 4820 -0.62 15.35 20.52
C VAL E 4820 -0.81 15.54 19.01
N LYS E 4821 0.26 15.94 18.33
CA LYS E 4821 0.15 16.38 16.94
C LYS E 4821 -0.27 15.24 16.01
N THR E 4822 0.24 14.02 16.24
CA THR E 4822 -0.03 12.94 15.30
C THR E 4822 -1.50 12.52 15.31
N LEU E 4823 -2.15 12.56 16.48
CA LEU E 4823 -3.57 12.24 16.53
C LEU E 4823 -4.40 13.30 15.81
N ARG E 4824 -4.01 14.57 15.93
CA ARG E 4824 -4.68 15.62 15.16
C ARG E 4824 -4.47 15.41 13.66
N THR E 4825 -3.27 14.99 13.27
CA THR E 4825 -3.01 14.69 11.87
C THR E 4825 -3.88 13.55 11.37
N ILE E 4826 -4.02 12.50 12.18
CA ILE E 4826 -4.87 11.37 11.80
C ILE E 4826 -6.32 11.83 11.66
N LEU E 4827 -6.80 12.64 12.60
CA LEU E 4827 -8.17 13.14 12.52
C LEU E 4827 -8.39 14.01 11.29
N SER E 4828 -7.43 14.87 10.98
CA SER E 4828 -7.56 15.77 9.83
C SER E 4828 -7.34 15.06 8.50
N SER E 4829 -6.72 13.88 8.50
CA SER E 4829 -6.53 13.15 7.26
C SER E 4829 -7.87 12.76 6.63
N VAL E 4830 -8.89 12.52 7.44
CA VAL E 4830 -10.21 12.18 6.91
C VAL E 4830 -10.79 13.34 6.12
N THR E 4831 -10.66 14.56 6.66
CA THR E 4831 -11.22 15.74 6.02
C THR E 4831 -10.28 16.36 4.99
N HIS E 4832 -9.03 15.88 4.90
CA HIS E 4832 -8.10 16.42 3.91
C HIS E 4832 -8.60 16.15 2.49
N ASN E 4833 -9.15 14.97 2.24
CA ASN E 4833 -9.73 14.61 0.95
C ASN E 4833 -11.24 14.40 1.09
N GLY E 4834 -11.91 15.31 1.80
CA GLY E 4834 -13.31 15.12 2.12
C GLY E 4834 -14.20 15.07 0.90
N LYS E 4835 -13.97 15.97 -0.07
CA LYS E 4835 -14.81 16.00 -1.26
C LYS E 4835 -14.67 14.71 -2.07
N GLN E 4836 -13.43 14.27 -2.29
CA GLN E 4836 -13.21 13.04 -3.05
C GLN E 4836 -13.73 11.83 -2.29
N LEU E 4837 -13.58 11.81 -0.96
CA LEU E 4837 -14.12 10.70 -0.18
C LEU E 4837 -15.64 10.65 -0.28
N VAL E 4838 -16.29 11.82 -0.22
CA VAL E 4838 -17.75 11.87 -0.36
C VAL E 4838 -18.17 11.38 -1.74
N MET E 4839 -17.43 11.79 -2.78
CA MET E 4839 -17.75 11.34 -4.13
C MET E 4839 -17.59 9.82 -4.25
N THR E 4840 -16.53 9.27 -3.66
CA THR E 4840 -16.32 7.82 -3.70
C THR E 4840 -17.42 7.07 -2.95
N VAL E 4841 -17.84 7.60 -1.79
CA VAL E 4841 -18.92 6.96 -1.05
C VAL E 4841 -20.22 7.05 -1.83
N GLY E 4842 -20.46 8.16 -2.52
CA GLY E 4842 -21.63 8.26 -3.38
C GLY E 4842 -21.61 7.27 -4.52
N LEU E 4843 -20.43 7.07 -5.13
CA LEU E 4843 -20.30 6.06 -6.18
C LEU E 4843 -20.56 4.66 -5.63
N LEU E 4844 -20.06 4.38 -4.43
CA LEU E 4844 -20.32 3.09 -3.79
C LEU E 4844 -21.81 2.90 -3.54
N ALA E 4845 -22.49 3.94 -3.06
CA ALA E 4845 -23.94 3.85 -2.84
C ALA E 4845 -24.66 3.62 -4.16
N VAL E 4846 -24.24 4.31 -5.23
CA VAL E 4846 -24.87 4.15 -6.53
C VAL E 4846 -24.70 2.72 -7.05
N VAL E 4847 -23.50 2.18 -6.94
CA VAL E 4847 -23.27 0.82 -7.45
C VAL E 4847 -24.01 -0.20 -6.59
N VAL E 4848 -24.12 0.04 -5.28
CA VAL E 4848 -24.89 -0.87 -4.43
C VAL E 4848 -26.37 -0.79 -4.78
N TYR E 4849 -26.85 0.41 -5.13
CA TYR E 4849 -28.23 0.55 -5.61
C TYR E 4849 -28.44 -0.20 -6.91
N LEU E 4850 -27.45 -0.16 -7.81
CA LEU E 4850 -27.55 -0.91 -9.06
C LEU E 4850 -27.61 -2.41 -8.78
N TYR E 4851 -26.79 -2.91 -7.87
CA TYR E 4851 -26.84 -4.33 -7.54
C TYR E 4851 -28.17 -4.67 -6.85
N THR E 4852 -28.70 -3.74 -6.05
CA THR E 4852 -29.97 -3.96 -5.39
C THR E 4852 -31.11 -4.08 -6.41
N VAL E 4853 -31.14 -3.20 -7.40
CA VAL E 4853 -32.21 -3.29 -8.41
C VAL E 4853 -32.04 -4.55 -9.25
N VAL E 4854 -30.79 -4.91 -9.57
CA VAL E 4854 -30.55 -6.15 -10.33
C VAL E 4854 -31.06 -7.36 -9.55
N ALA E 4855 -30.76 -7.43 -8.25
CA ALA E 4855 -31.23 -8.54 -7.44
C ALA E 4855 -32.75 -8.51 -7.28
N PHE E 4856 -33.32 -7.31 -7.10
CA PHE E 4856 -34.75 -7.20 -6.87
C PHE E 4856 -35.54 -7.68 -8.08
N ASN E 4857 -35.08 -7.37 -9.29
CA ASN E 4857 -35.79 -7.82 -10.47
C ASN E 4857 -35.71 -9.34 -10.64
N PHE E 4858 -34.54 -9.93 -10.37
CA PHE E 4858 -34.32 -11.33 -10.69
C PHE E 4858 -34.07 -12.20 -9.46
N PHE E 4859 -33.06 -11.87 -8.64
CA PHE E 4859 -32.62 -12.75 -7.56
C PHE E 4859 -33.21 -12.27 -6.23
N ARG E 4860 -34.45 -12.72 -5.97
CA ARG E 4860 -35.12 -12.40 -4.72
C ARG E 4860 -35.59 -13.61 -3.94
N LYS E 4861 -35.77 -14.76 -4.59
CA LYS E 4861 -36.24 -15.96 -3.90
C LYS E 4861 -35.17 -16.63 -3.04
N PHE E 4862 -33.91 -16.21 -3.16
CA PHE E 4862 -32.81 -16.79 -2.41
C PHE E 4862 -32.47 -15.99 -1.16
N TYR E 4863 -33.26 -14.96 -0.82
CA TYR E 4863 -32.97 -14.08 0.30
C TYR E 4863 -33.75 -14.47 1.55
N ASN E 4864 -33.99 -15.76 1.76
CA ASN E 4864 -34.68 -16.25 2.95
C ASN E 4864 -33.64 -16.56 4.02
N LYS E 4865 -33.42 -15.60 4.91
CA LYS E 4865 -32.41 -15.78 5.96
C LYS E 4865 -32.91 -16.69 7.07
N SER E 4866 -34.20 -16.63 7.38
CA SER E 4866 -34.75 -17.43 8.47
C SER E 4866 -34.72 -18.91 8.11
N GLU E 4867 -34.22 -19.73 9.03
CA GLU E 4867 -34.16 -21.17 8.81
C GLU E 4867 -35.52 -21.82 8.94
N ASP E 4868 -36.42 -21.24 9.73
CA ASP E 4868 -37.75 -21.82 9.93
C ASP E 4868 -38.57 -21.68 8.65
N GLU E 4869 -39.17 -22.80 8.23
CA GLU E 4869 -39.99 -22.78 7.01
C GLU E 4869 -41.34 -22.11 7.25
N ASP E 4870 -41.90 -22.27 8.45
CA ASP E 4870 -43.21 -21.68 8.75
C ASP E 4870 -43.17 -20.16 8.70
N GLU E 4871 -42.12 -19.56 9.26
CA GLU E 4871 -41.98 -18.10 9.32
C GLU E 4871 -40.78 -17.67 8.49
N PRO E 4872 -40.98 -17.18 7.27
CA PRO E 4872 -39.85 -16.72 6.46
C PRO E 4872 -39.47 -15.28 6.76
N ASP E 4873 -38.24 -14.93 6.38
CA ASP E 4873 -37.70 -13.59 6.53
C ASP E 4873 -37.31 -13.09 5.15
N MET E 4874 -38.25 -12.43 4.47
CA MET E 4874 -38.02 -11.94 3.12
C MET E 4874 -37.30 -10.60 3.18
N LYS E 4875 -35.99 -10.62 2.95
CA LYS E 4875 -35.18 -9.41 3.00
C LYS E 4875 -35.21 -8.62 1.70
N CYS E 4876 -35.67 -9.22 0.59
CA CYS E 4876 -35.73 -8.53 -0.70
C CYS E 4876 -37.17 -8.43 -1.22
N ASP E 4877 -38.16 -8.60 -0.35
CA ASP E 4877 -39.55 -8.37 -0.73
C ASP E 4877 -39.88 -6.89 -0.87
N ASP E 4878 -39.06 -6.01 -0.30
CA ASP E 4878 -39.20 -4.58 -0.44
C ASP E 4878 -37.88 -3.98 -0.89
N MET E 4879 -37.96 -2.96 -1.73
CA MET E 4879 -36.74 -2.37 -2.29
C MET E 4879 -35.88 -1.74 -1.20
N MET E 4880 -36.51 -1.03 -0.26
CA MET E 4880 -35.76 -0.39 0.83
C MET E 4880 -35.07 -1.44 1.71
N THR E 4881 -35.81 -2.52 2.06
CA THR E 4881 -35.21 -3.56 2.89
C THR E 4881 -34.05 -4.25 2.19
N CYS E 4882 -34.20 -4.55 0.91
CA CYS E 4882 -33.13 -5.21 0.17
C CYS E 4882 -31.92 -4.28 0.00
N TYR E 4883 -32.17 -2.99 -0.22
CA TYR E 4883 -31.08 -2.02 -0.31
C TYR E 4883 -30.34 -1.92 1.02
N LEU E 4884 -31.08 -1.89 2.13
CA LEU E 4884 -30.45 -1.85 3.45
C LEU E 4884 -29.63 -3.11 3.70
N PHE E 4885 -30.16 -4.27 3.30
CA PHE E 4885 -29.41 -5.52 3.46
C PHE E 4885 -28.13 -5.50 2.65
N HIS E 4886 -28.19 -5.01 1.41
CA HIS E 4886 -27.00 -4.95 0.58
C HIS E 4886 -25.97 -3.97 1.13
N MET E 4887 -26.42 -2.81 1.60
CA MET E 4887 -25.49 -1.79 2.11
C MET E 4887 -24.87 -2.21 3.43
N TYR E 4888 -25.65 -2.80 4.33
CA TYR E 4888 -25.19 -3.08 5.68
C TYR E 4888 -24.42 -4.40 5.76
N VAL E 4889 -24.93 -5.46 5.14
CA VAL E 4889 -24.30 -6.77 5.24
C VAL E 4889 -23.37 -7.08 4.09
N GLY E 4890 -23.65 -6.59 2.89
CA GLY E 4890 -22.81 -6.87 1.73
C GLY E 4890 -21.45 -6.23 1.79
N VAL E 4891 -21.39 -4.98 2.25
CA VAL E 4891 -20.11 -4.27 2.30
C VAL E 4891 -19.21 -4.86 3.39
N ARG E 4892 -19.78 -5.16 4.55
CA ARG E 4892 -19.00 -5.67 5.68
C ARG E 4892 -18.71 -7.16 5.58
N ALA E 4893 -19.28 -7.86 4.59
CA ALA E 4893 -19.06 -9.30 4.49
C ALA E 4893 -17.60 -9.63 4.26
N GLY E 4894 -16.94 -8.90 3.37
CA GLY E 4894 -15.55 -9.15 3.05
C GLY E 4894 -15.33 -10.16 1.95
N GLY E 4895 -16.35 -10.93 1.59
CA GLY E 4895 -16.24 -11.90 0.52
C GLY E 4895 -17.35 -11.77 -0.50
N GLY E 4896 -18.05 -10.65 -0.47
CA GLY E 4896 -19.17 -10.39 -1.36
C GLY E 4896 -20.51 -10.70 -0.71
N ILE E 4897 -21.57 -10.28 -1.42
CA ILE E 4897 -22.93 -10.50 -0.93
C ILE E 4897 -23.32 -11.97 -0.99
N GLY E 4898 -22.64 -12.77 -1.82
CA GLY E 4898 -23.04 -14.15 -2.03
C GLY E 4898 -22.89 -15.04 -0.82
N ASP E 4899 -22.12 -14.61 0.18
CA ASP E 4899 -21.95 -15.43 1.39
C ASP E 4899 -23.27 -15.60 2.15
N GLU E 4900 -24.04 -14.51 2.28
CA GLU E 4900 -25.30 -14.58 3.00
C GLU E 4900 -26.40 -15.24 2.18
N ILE E 4901 -26.44 -14.94 0.87
CA ILE E 4901 -27.49 -15.49 0.02
C ILE E 4901 -27.29 -16.99 -0.18
N GLU E 4902 -28.39 -17.68 -0.45
CA GLU E 4902 -28.36 -19.13 -0.60
C GLU E 4902 -27.58 -19.53 -1.85
N ASP E 4903 -26.98 -20.71 -1.79
CA ASP E 4903 -26.20 -21.22 -2.92
C ASP E 4903 -27.11 -21.54 -4.09
N PRO E 4904 -26.82 -21.05 -5.29
CA PRO E 4904 -27.68 -21.33 -6.45
C PRO E 4904 -27.33 -22.61 -7.21
N ALA E 4905 -26.55 -23.52 -6.63
CA ALA E 4905 -26.11 -24.71 -7.35
C ALA E 4905 -27.30 -25.59 -7.72
N GLY E 4906 -28.24 -25.77 -6.80
CA GLY E 4906 -29.37 -26.64 -7.05
C GLY E 4906 -30.61 -25.92 -7.55
N ASP E 4907 -30.41 -24.91 -8.40
CA ASP E 4907 -31.52 -24.15 -8.94
C ASP E 4907 -31.06 -23.46 -10.23
N GLU E 4908 -32.03 -22.91 -10.94
CA GLU E 4908 -31.73 -22.18 -12.17
C GLU E 4908 -31.03 -20.85 -11.84
N TYR E 4909 -30.58 -20.16 -12.89
CA TYR E 4909 -29.86 -18.90 -12.77
C TYR E 4909 -28.58 -19.06 -11.96
N GLU E 4910 -28.00 -20.25 -11.99
CA GLU E 4910 -26.79 -20.51 -11.21
C GLU E 4910 -25.61 -19.70 -11.75
N LEU E 4911 -25.37 -19.78 -13.06
CA LEU E 4911 -24.27 -19.02 -13.65
C LEU E 4911 -24.50 -17.53 -13.53
N TYR E 4912 -25.73 -17.07 -13.73
CA TYR E 4912 -26.04 -15.65 -13.61
C TYR E 4912 -25.76 -15.15 -12.19
N ARG E 4913 -26.20 -15.91 -11.19
CA ARG E 4913 -25.97 -15.48 -9.81
C ARG E 4913 -24.51 -15.58 -9.42
N VAL E 4914 -23.79 -16.57 -9.94
CA VAL E 4914 -22.35 -16.67 -9.67
C VAL E 4914 -21.62 -15.46 -10.24
N VAL E 4915 -21.94 -15.09 -11.47
CA VAL E 4915 -21.34 -13.91 -12.08
C VAL E 4915 -21.71 -12.66 -11.29
N PHE E 4916 -22.98 -12.57 -10.88
CA PHE E 4916 -23.43 -11.43 -10.07
C PHE E 4916 -22.62 -11.29 -8.80
N ASP E 4917 -22.45 -12.40 -8.06
CA ASP E 4917 -21.71 -12.35 -6.80
C ASP E 4917 -20.25 -12.02 -7.02
N ILE E 4918 -19.61 -12.65 -8.01
CA ILE E 4918 -18.19 -12.40 -8.27
C ILE E 4918 -17.98 -10.94 -8.66
N THR E 4919 -18.81 -10.42 -9.56
CA THR E 4919 -18.67 -9.04 -10.00
C THR E 4919 -18.95 -8.08 -8.85
N PHE E 4920 -19.94 -8.38 -8.01
CA PHE E 4920 -20.19 -7.54 -6.83
C PHE E 4920 -18.98 -7.49 -5.92
N PHE E 4921 -18.40 -8.65 -5.61
CA PHE E 4921 -17.23 -8.67 -4.75
C PHE E 4921 -16.10 -7.86 -5.36
N PHE E 4922 -15.78 -8.12 -6.63
CA PHE E 4922 -14.65 -7.46 -7.27
C PHE E 4922 -14.86 -5.95 -7.35
N PHE E 4923 -16.08 -5.51 -7.68
CA PHE E 4923 -16.32 -4.08 -7.87
C PHE E 4923 -16.43 -3.33 -6.56
N VAL E 4924 -16.95 -3.96 -5.50
CA VAL E 4924 -17.13 -3.25 -4.25
C VAL E 4924 -15.91 -3.42 -3.36
N ILE E 4925 -15.65 -4.64 -2.90
CA ILE E 4925 -14.67 -4.84 -1.85
C ILE E 4925 -13.26 -4.61 -2.38
N VAL E 4926 -12.96 -5.16 -3.56
CA VAL E 4926 -11.62 -5.03 -4.12
C VAL E 4926 -11.32 -3.59 -4.52
N ILE E 4927 -12.33 -2.88 -5.03
CA ILE E 4927 -12.09 -1.60 -5.68
C ILE E 4927 -12.40 -0.42 -4.75
N LEU E 4928 -13.68 -0.27 -4.36
CA LEU E 4928 -14.10 0.99 -3.76
C LEU E 4928 -13.62 1.13 -2.31
N LEU E 4929 -13.73 0.06 -1.52
CA LEU E 4929 -13.22 0.11 -0.15
C LEU E 4929 -11.70 0.33 -0.15
N ALA E 4930 -10.99 -0.35 -1.05
CA ALA E 4930 -9.56 -0.15 -1.16
C ALA E 4930 -9.24 1.28 -1.58
N ILE E 4931 -10.03 1.86 -2.48
CA ILE E 4931 -9.81 3.24 -2.89
C ILE E 4931 -9.99 4.19 -1.72
N ILE E 4932 -11.05 3.99 -0.93
CA ILE E 4932 -11.29 4.86 0.22
C ILE E 4932 -10.15 4.73 1.22
N GLN E 4933 -9.75 3.51 1.53
CA GLN E 4933 -8.66 3.29 2.48
C GLN E 4933 -7.36 3.90 1.98
N GLY E 4934 -7.05 3.72 0.69
CA GLY E 4934 -5.85 4.30 0.13
C GLY E 4934 -5.88 5.81 0.15
N LEU E 4935 -7.06 6.41 -0.10
CA LEU E 4935 -7.18 7.86 -0.01
C LEU E 4935 -6.89 8.34 1.41
N ILE E 4936 -7.43 7.64 2.41
CA ILE E 4936 -7.19 8.05 3.79
C ILE E 4936 -5.70 7.95 4.13
N ILE E 4937 -5.06 6.83 3.77
CA ILE E 4937 -3.65 6.65 4.09
C ILE E 4937 -2.78 7.65 3.32
N ASP E 4938 -3.16 7.94 2.07
CA ASP E 4938 -2.40 8.92 1.29
C ASP E 4938 -2.52 10.31 1.89
N ALA E 4939 -3.71 10.69 2.35
CA ALA E 4939 -3.86 11.99 3.00
C ALA E 4939 -3.04 12.06 4.29
N PHE E 4940 -3.07 10.99 5.09
CA PHE E 4940 -2.28 10.96 6.32
C PHE E 4940 -0.79 11.09 6.01
N GLY E 4941 -0.29 10.28 5.08
CA GLY E 4941 1.12 10.33 4.73
C GLY E 4941 1.52 11.66 4.12
N GLU E 4942 0.63 12.27 3.34
CA GLU E 4942 0.91 13.58 2.77
C GLU E 4942 1.01 14.64 3.87
N LEU E 4943 0.17 14.54 4.90
CA LEU E 4943 0.29 15.47 6.02
C LEU E 4943 1.60 15.28 6.76
N ARG E 4944 2.00 14.03 7.00
CA ARG E 4944 3.29 13.78 7.65
C ARG E 4944 4.44 14.30 6.80
N ASP E 4945 4.37 14.08 5.48
CA ASP E 4945 5.42 14.57 4.59
C ASP E 4945 5.45 16.08 4.54
N GLN E 4946 4.30 16.73 4.62
CA GLN E 4946 4.27 18.20 4.67
C GLN E 4946 4.93 18.71 5.92
N GLN E 4947 4.64 18.08 7.07
CA GLN E 4947 5.31 18.48 8.31
C GLN E 4947 6.81 18.30 8.21
N GLU E 4948 7.24 17.15 7.67
CA GLU E 4948 8.67 16.89 7.53
C GLU E 4948 9.32 17.90 6.59
N GLN E 4949 8.64 18.23 5.48
CA GLN E 4949 9.17 19.19 4.53
C GLN E 4949 9.30 20.58 5.16
N VAL E 4950 8.31 20.96 5.98
CA VAL E 4950 8.41 22.23 6.69
C VAL E 4950 9.62 22.22 7.61
N LYS E 4951 9.83 21.13 8.34
CA LYS E 4951 10.98 21.04 9.22
C LYS E 4951 12.30 21.16 8.44
N GLU E 4952 12.41 20.44 7.32
CA GLU E 4952 13.64 20.48 6.54
C GLU E 4952 13.85 21.86 5.91
N ASP E 4953 12.78 22.53 5.49
CA ASP E 4953 12.91 23.88 4.96
C ASP E 4953 13.39 24.83 6.04
N MET E 4954 12.91 24.68 7.27
CA MET E 4954 13.42 25.48 8.38
C MET E 4954 14.90 25.21 8.64
N GLU E 4955 15.31 23.94 8.66
CA GLU E 4955 16.69 23.62 8.99
C GLU E 4955 17.67 23.78 7.83
N THR E 4956 17.18 23.99 6.60
CA THR E 4956 18.04 24.04 5.43
C THR E 4956 18.13 25.43 4.81
N LYS E 4957 17.35 26.40 5.31
CA LYS E 4957 17.35 27.72 4.71
C LYS E 4957 16.97 28.76 5.74
N CYS E 4958 17.61 29.93 5.64
CA CYS E 4958 17.28 31.04 6.53
C CYS E 4958 15.88 31.58 6.19
N PHE E 4959 15.20 32.09 7.22
CA PHE E 4959 13.84 32.59 7.01
C PHE E 4959 13.84 33.87 6.20
N ILE E 4960 14.71 34.82 6.55
CA ILE E 4960 14.71 36.11 5.87
C ILE E 4960 15.42 36.01 4.53
N CYS E 4961 16.66 35.54 4.54
CA CYS E 4961 17.45 35.43 3.33
C CYS E 4961 17.12 34.13 2.60
N GLY E 4962 17.00 34.21 1.28
CA GLY E 4962 16.69 33.03 0.49
C GLY E 4962 17.84 32.05 0.35
N ILE E 4963 19.05 32.43 0.77
CA ILE E 4963 20.18 31.53 0.67
C ILE E 4963 19.99 30.35 1.62
N GLY E 4964 20.61 29.22 1.28
CA GLY E 4964 20.52 28.03 2.09
C GLY E 4964 21.56 28.00 3.20
N SER E 4965 21.59 26.87 3.90
CA SER E 4965 22.54 26.66 4.97
C SER E 4965 23.94 26.35 4.48
N ASP E 4966 24.10 26.01 3.20
CA ASP E 4966 25.44 25.73 2.66
C ASP E 4966 26.31 26.98 2.68
N TYR E 4967 25.72 28.13 2.36
CA TYR E 4967 26.49 29.38 2.36
C TYR E 4967 27.01 29.72 3.75
N PHE E 4968 26.17 29.52 4.77
CA PHE E 4968 26.60 29.79 6.14
C PHE E 4968 27.72 28.84 6.58
N ASP E 4969 27.61 27.58 6.21
CA ASP E 4969 28.62 26.59 6.56
C ASP E 4969 28.65 25.44 5.56
#